data_6XCL
# 
_entry.id   6XCL 
# 
_audit_conform.dict_name       mmcif_pdbx.dic 
_audit_conform.dict_version    5.380 
_audit_conform.dict_location   http://mmcif.pdb.org/dictionaries/ascii/mmcif_pdbx.dic 
# 
loop_
_database_2.database_id 
_database_2.database_code 
_database_2.pdbx_database_accession 
_database_2.pdbx_DOI 
PDB   6XCL         pdb_00006xcl 10.2210/pdb6xcl/pdb 
WWPDB D_1000249897 ?            ?                   
# 
_pdbx_database_status.status_code                     REL 
_pdbx_database_status.status_code_sf                  REL 
_pdbx_database_status.status_code_mr                  ? 
_pdbx_database_status.entry_id                        6XCL 
_pdbx_database_status.recvd_initial_deposition_date   2020-06-08 
_pdbx_database_status.SG_entry                        N 
_pdbx_database_status.deposit_site                    RCSB 
_pdbx_database_status.process_site                    RCSB 
_pdbx_database_status.status_code_cs                  ? 
_pdbx_database_status.status_code_nmr_data            ? 
_pdbx_database_status.methods_development_category    ? 
_pdbx_database_status.pdb_format_compatible           Y 
# 
loop_
_audit_author.name 
_audit_author.pdbx_ordinal 
_audit_author.identifier_ORCID 
'Miron, C.E.'           1 0000-0003-4122-437X 
'van Staalduinen, L.M.' 2 0000-0001-8037-9847 
'Jia, Z.'               3 0000-0002-9322-9394 
'Petitjean, A.'         4 0000-0003-2085-1884 
# 
_citation.abstract                  ? 
_citation.abstract_id_CAS           ? 
_citation.book_id_ISBN              ? 
_citation.book_publisher            ? 
_citation.book_publisher_city       ? 
_citation.book_title                ? 
_citation.coordinate_linkage        ? 
_citation.country                   GE 
_citation.database_id_Medline       ? 
_citation.details                   ? 
_citation.id                        primary 
_citation.journal_abbrev            Angew.Chem.Int.Ed.Engl. 
_citation.journal_id_ASTM           ACIEAY 
_citation.journal_id_CSD            0179 
_citation.journal_id_ISSN           1521-3773 
_citation.journal_full              ? 
_citation.journal_issue             ? 
_citation.journal_volume            60 
_citation.language                  ? 
_citation.page_first                2500 
_citation.page_last                 2507 
_citation.title                     
'Going Platinum to the Tune of a Remarkable Guanine Quadruplex Binder: Solution- and Solid-State Investigations.' 
_citation.year                      2021 
_citation.database_id_CSD           ? 
_citation.pdbx_database_id_DOI      10.1002/anie.202012520 
_citation.pdbx_database_id_PubMed   33090592 
_citation.unpublished_flag          ? 
# 
loop_
_citation_author.citation_id 
_citation_author.name 
_citation_author.ordinal 
_citation_author.identifier_ORCID 
primary 'Miron, C.E.'         1 0000-0003-4122-437X 
primary 'van Staalduinen, L.' 2 ?                   
primary 'Rangaswamy, A.M.'    3 ?                   
primary 'Chen, M.'            4 ?                   
primary 'Liang, Y.'           5 ?                   
primary 'Jia, Z.'             6 ?                   
primary 'Mergny, J.L.'        7 ?                   
primary 'Petitjean, A.'       8 0000-0003-2085-1884 
# 
_cell.angle_alpha                  90.000 
_cell.angle_alpha_esd              ? 
_cell.angle_beta                   90.000 
_cell.angle_beta_esd               ? 
_cell.angle_gamma                  120.000 
_cell.angle_gamma_esd              ? 
_cell.entry_id                     6XCL 
_cell.details                      ? 
_cell.formula_units_Z              ? 
_cell.length_a                     64.030 
_cell.length_a_esd                 ? 
_cell.length_b                     64.030 
_cell.length_b_esd                 ? 
_cell.length_c                     42.230 
_cell.length_c_esd                 ? 
_cell.volume                       149940.418 
_cell.volume_esd                   ? 
_cell.Z_PDB                        6 
_cell.reciprocal_angle_alpha       ? 
_cell.reciprocal_angle_beta        ? 
_cell.reciprocal_angle_gamma       ? 
_cell.reciprocal_angle_alpha_esd   ? 
_cell.reciprocal_angle_beta_esd    ? 
_cell.reciprocal_angle_gamma_esd   ? 
_cell.reciprocal_length_a          ? 
_cell.reciprocal_length_b          ? 
_cell.reciprocal_length_c          ? 
_cell.reciprocal_length_a_esd      ? 
_cell.reciprocal_length_b_esd      ? 
_cell.reciprocal_length_c_esd      ? 
_cell.pdbx_unique_axis             ? 
# 
_symmetry.entry_id                         6XCL 
_symmetry.cell_setting                     ? 
_symmetry.Int_Tables_number                143 
_symmetry.space_group_name_Hall            'P 3' 
_symmetry.space_group_name_H-M             'P 3' 
_symmetry.pdbx_full_space_group_name_H-M   ? 
# 
loop_
_entity.id 
_entity.type 
_entity.src_method 
_entity.pdbx_description 
_entity.formula_weight 
_entity.pdbx_number_of_molecules 
_entity.pdbx_ec 
_entity.pdbx_mutation 
_entity.pdbx_fragment 
_entity.details 
1 polymer     syn 
;DNA (5'-D(*AP*GP*GP*GP*TP*TP*AP*GP*GP*GP*TP*TP*AP*GP*GP*GP*TP*TP*AP*GP*GP*G)-3')
;
6983.497 2 ? ? ? ? 
2 non-polymer syn 'Platinum(II) bis[3-(pyridin-2-yl)-[1,2,4]triazolo[4,3-a]pyridine]'                587.494  3 ? ? ? ? 
3 non-polymer syn 1,2-ETHANEDIOL                                                                     62.068   2 ? ? ? ? 
4 non-polymer syn 'POTASSIUM ION'                                                                    39.098   5 ? ? ? ? 
5 water       nat water                                                                              18.015   6 ? ? ? ? 
# 
_entity_poly.entity_id                      1 
_entity_poly.type                           polydeoxyribonucleotide 
_entity_poly.nstd_linkage                   no 
_entity_poly.nstd_monomer                   no 
_entity_poly.pdbx_seq_one_letter_code       
;(DA)(DG)(DG)(DG)(DT)(DT)(DA)(DG)(DG)(DG)(DT)(DT)(DA)(DG)(DG)(DG)(DT)(DT)(DA)(DG)
(DG)(DG)
;
_entity_poly.pdbx_seq_one_letter_code_can   AGGGTTAGGGTTAGGGTTAGGG 
_entity_poly.pdbx_strand_id                 A,B 
_entity_poly.pdbx_target_identifier         ? 
# 
loop_
_entity_poly_seq.entity_id 
_entity_poly_seq.num 
_entity_poly_seq.mon_id 
_entity_poly_seq.hetero 
1 1  DA n 
1 2  DG n 
1 3  DG n 
1 4  DG n 
1 5  DT n 
1 6  DT n 
1 7  DA n 
1 8  DG n 
1 9  DG n 
1 10 DG n 
1 11 DT n 
1 12 DT n 
1 13 DA n 
1 14 DG n 
1 15 DG n 
1 16 DG n 
1 17 DT n 
1 18 DT n 
1 19 DA n 
1 20 DG n 
1 21 DG n 
1 22 DG n 
# 
_pdbx_entity_src_syn.entity_id              1 
_pdbx_entity_src_syn.pdbx_src_id            1 
_pdbx_entity_src_syn.pdbx_alt_source_flag   sample 
_pdbx_entity_src_syn.pdbx_beg_seq_num       1 
_pdbx_entity_src_syn.pdbx_end_seq_num       22 
_pdbx_entity_src_syn.organism_scientific    'Homo sapiens' 
_pdbx_entity_src_syn.organism_common_name   ? 
_pdbx_entity_src_syn.ncbi_taxonomy_id       9606 
_pdbx_entity_src_syn.details                ? 
# 
_struct_ref.id                         1 
_struct_ref.db_name                    PDB 
_struct_ref.db_code                    6XCL 
_struct_ref.pdbx_db_accession          6XCL 
_struct_ref.pdbx_db_isoform            ? 
_struct_ref.entity_id                  1 
_struct_ref.pdbx_seq_one_letter_code   ? 
_struct_ref.pdbx_align_begin           1 
# 
loop_
_struct_ref_seq.align_id 
_struct_ref_seq.ref_id 
_struct_ref_seq.pdbx_PDB_id_code 
_struct_ref_seq.pdbx_strand_id 
_struct_ref_seq.seq_align_beg 
_struct_ref_seq.pdbx_seq_align_beg_ins_code 
_struct_ref_seq.seq_align_end 
_struct_ref_seq.pdbx_seq_align_end_ins_code 
_struct_ref_seq.pdbx_db_accession 
_struct_ref_seq.db_align_beg 
_struct_ref_seq.pdbx_db_align_beg_ins_code 
_struct_ref_seq.db_align_end 
_struct_ref_seq.pdbx_db_align_end_ins_code 
_struct_ref_seq.pdbx_auth_seq_align_beg 
_struct_ref_seq.pdbx_auth_seq_align_end 
1 1 6XCL A 1 ? 22 ? 6XCL 1 ? 22 ? 1 22 
2 1 6XCL B 1 ? 22 ? 6XCL 1 ? 22 ? 1 22 
# 
loop_
_chem_comp.id 
_chem_comp.type 
_chem_comp.mon_nstd_flag 
_chem_comp.name 
_chem_comp.pdbx_synonyms 
_chem_comp.formula 
_chem_comp.formula_weight 
DA  'DNA linking' y "2'-DEOXYADENOSINE-5'-MONOPHOSPHATE"                                ?                 'C10 H14 N5 O6 P' 
331.222 
DG  'DNA linking' y "2'-DEOXYGUANOSINE-5'-MONOPHOSPHATE"                                ?                 'C10 H14 N5 O7 P' 
347.221 
DT  'DNA linking' y "THYMIDINE-5'-MONOPHOSPHATE"                                        ?                 'C10 H15 N2 O8 P' 
322.208 
EDO non-polymer   . 1,2-ETHANEDIOL                                                      'ETHYLENE GLYCOL' 'C2 H6 O2'        62.068 
HOH non-polymer   . WATER                                                               ?                 'H2 O'            18.015 
K   non-polymer   . 'POTASSIUM ION'                                                     ?                 'K 1'             39.098 
V4A non-polymer   . 'Platinum(II) bis[3-(pyridin-2-yl)-[1,2,4]triazolo[4,3-a]pyridine]' ?                 'C22 H16 N8 Pt 2' 
587.494 
# 
_exptl.absorpt_coefficient_mu     ? 
_exptl.absorpt_correction_T_max   ? 
_exptl.absorpt_correction_T_min   ? 
_exptl.absorpt_correction_type    ? 
_exptl.absorpt_process_details    ? 
_exptl.entry_id                   6XCL 
_exptl.crystals_number            1 
_exptl.details                    ? 
_exptl.method                     'X-RAY DIFFRACTION' 
_exptl.method_details             ? 
# 
_exptl_crystal.colour                      ? 
_exptl_crystal.density_diffrn              ? 
_exptl_crystal.density_Matthews            3.58 
_exptl_crystal.density_method              ? 
_exptl_crystal.density_percent_sol         65.63 
_exptl_crystal.description                 ? 
_exptl_crystal.F_000                       ? 
_exptl_crystal.id                          1 
_exptl_crystal.preparation                 ? 
_exptl_crystal.size_max                    ? 
_exptl_crystal.size_mid                    ? 
_exptl_crystal.size_min                    ? 
_exptl_crystal.size_rad                    ? 
_exptl_crystal.colour_lustre               ? 
_exptl_crystal.colour_modifier             ? 
_exptl_crystal.colour_primary              ? 
_exptl_crystal.density_meas                ? 
_exptl_crystal.density_meas_esd            ? 
_exptl_crystal.density_meas_gt             ? 
_exptl_crystal.density_meas_lt             ? 
_exptl_crystal.density_meas_temp           ? 
_exptl_crystal.density_meas_temp_esd       ? 
_exptl_crystal.density_meas_temp_gt        ? 
_exptl_crystal.density_meas_temp_lt        ? 
_exptl_crystal.pdbx_crystal_image_url      ? 
_exptl_crystal.pdbx_crystal_image_format   ? 
_exptl_crystal.pdbx_mosaicity              ? 
_exptl_crystal.pdbx_mosaicity_esd          ? 
# 
_exptl_crystal_grow.apparatus       ? 
_exptl_crystal_grow.atmosphere      ? 
_exptl_crystal_grow.crystal_id      1 
_exptl_crystal_grow.details         ? 
_exptl_crystal_grow.method          'VAPOR DIFFUSION, HANGING DROP' 
_exptl_crystal_grow.method_ref      ? 
_exptl_crystal_grow.pH              6.0 
_exptl_crystal_grow.pressure        ? 
_exptl_crystal_grow.pressure_esd    ? 
_exptl_crystal_grow.seeding         ? 
_exptl_crystal_grow.seeding_ref     ? 
_exptl_crystal_grow.temp            285 
_exptl_crystal_grow.temp_details    ? 
_exptl_crystal_grow.temp_esd        ? 
_exptl_crystal_grow.time            ? 
_exptl_crystal_grow.pdbx_details    '100 mM KCl, 10 mM MgCl2, 50 mM MES (pH 6.0), 10% PEG 400' 
_exptl_crystal_grow.pdbx_pH_range   ? 
# 
_diffrn.ambient_environment              ? 
_diffrn.ambient_temp                     100 
_diffrn.ambient_temp_details             ? 
_diffrn.ambient_temp_esd                 ? 
_diffrn.crystal_id                       1 
_diffrn.crystal_support                  ? 
_diffrn.crystal_treatment                ? 
_diffrn.details                          ? 
_diffrn.id                               1 
_diffrn.ambient_pressure                 ? 
_diffrn.ambient_pressure_esd             ? 
_diffrn.ambient_pressure_gt              ? 
_diffrn.ambient_pressure_lt              ? 
_diffrn.ambient_temp_gt                  ? 
_diffrn.ambient_temp_lt                  ? 
_diffrn.pdbx_serial_crystal_experiment   N 
# 
_diffrn_detector.details                      ? 
_diffrn_detector.detector                     CCD 
_diffrn_detector.diffrn_id                    1 
_diffrn_detector.type                         'MARMOSAIC 300 mm CCD' 
_diffrn_detector.area_resol_mean              ? 
_diffrn_detector.dtime                        ? 
_diffrn_detector.pdbx_frames_total            ? 
_diffrn_detector.pdbx_collection_time_total   ? 
_diffrn_detector.pdbx_collection_date         2019-02-07 
_diffrn_detector.pdbx_frequency               ? 
# 
_diffrn_radiation.collimation                      ? 
_diffrn_radiation.diffrn_id                        1 
_diffrn_radiation.filter_edge                      ? 
_diffrn_radiation.inhomogeneity                    ? 
_diffrn_radiation.monochromator                    ? 
_diffrn_radiation.polarisn_norm                    ? 
_diffrn_radiation.polarisn_ratio                   ? 
_diffrn_radiation.probe                            ? 
_diffrn_radiation.type                             ? 
_diffrn_radiation.xray_symbol                      ? 
_diffrn_radiation.wavelength_id                    1 
_diffrn_radiation.pdbx_monochromatic_or_laue_m_l   M 
_diffrn_radiation.pdbx_wavelength_list             ? 
_diffrn_radiation.pdbx_wavelength                  ? 
_diffrn_radiation.pdbx_diffrn_protocol             'SINGLE WAVELENGTH' 
_diffrn_radiation.pdbx_analyzer                    ? 
_diffrn_radiation.pdbx_scattering_type             x-ray 
# 
_diffrn_radiation_wavelength.id           1 
_diffrn_radiation_wavelength.wavelength   1.0332 
_diffrn_radiation_wavelength.wt           1.0 
# 
_diffrn_source.current                     ? 
_diffrn_source.details                     ? 
_diffrn_source.diffrn_id                   1 
_diffrn_source.power                       ? 
_diffrn_source.size                        ? 
_diffrn_source.source                      SYNCHROTRON 
_diffrn_source.target                      ? 
_diffrn_source.type                        'CLSI BEAMLINE 08B1-1' 
_diffrn_source.voltage                     ? 
_diffrn_source.take-off_angle              ? 
_diffrn_source.pdbx_wavelength_list        1.0332 
_diffrn_source.pdbx_wavelength             ? 
_diffrn_source.pdbx_synchrotron_beamline   08B1-1 
_diffrn_source.pdbx_synchrotron_site       CLSI 
# 
_reflns.B_iso_Wilson_estimate            55.79 
_reflns.entry_id                         6XCL 
_reflns.data_reduction_details           ? 
_reflns.data_reduction_method            ? 
_reflns.d_resolution_high                2.7 
_reflns.d_resolution_low                 35 
_reflns.details                          ? 
_reflns.limit_h_max                      ? 
_reflns.limit_h_min                      ? 
_reflns.limit_k_max                      ? 
_reflns.limit_k_min                      ? 
_reflns.limit_l_max                      ? 
_reflns.limit_l_min                      ? 
_reflns.number_all                       ? 
_reflns.number_obs                       10637 
_reflns.observed_criterion               ? 
_reflns.observed_criterion_F_max         ? 
_reflns.observed_criterion_F_min         ? 
_reflns.observed_criterion_I_max         ? 
_reflns.observed_criterion_I_min         ? 
_reflns.observed_criterion_sigma_F       ? 
_reflns.observed_criterion_sigma_I       ? 
_reflns.percent_possible_obs             99.8 
_reflns.R_free_details                   ? 
_reflns.Rmerge_F_all                     ? 
_reflns.Rmerge_F_obs                     ? 
_reflns.Friedel_coverage                 ? 
_reflns.number_gt                        ? 
_reflns.threshold_expression             ? 
_reflns.pdbx_redundancy                  5.8 
_reflns.pdbx_Rmerge_I_obs                ? 
_reflns.pdbx_Rmerge_I_all                ? 
_reflns.pdbx_Rsym_value                  0.097 
_reflns.pdbx_netI_over_av_sigmaI         ? 
_reflns.pdbx_netI_over_sigmaI            14.28 
_reflns.pdbx_res_netI_over_av_sigmaI_2   ? 
_reflns.pdbx_res_netI_over_sigmaI_2      ? 
_reflns.pdbx_chi_squared                 ? 
_reflns.pdbx_scaling_rejects             ? 
_reflns.pdbx_d_res_high_opt              ? 
_reflns.pdbx_d_res_low_opt               ? 
_reflns.pdbx_d_res_opt_method            ? 
_reflns.phase_calculation_details        ? 
_reflns.pdbx_Rrim_I_all                  ? 
_reflns.pdbx_Rpim_I_all                  ? 
_reflns.pdbx_d_opt                       ? 
_reflns.pdbx_number_measured_all         ? 
_reflns.pdbx_diffrn_id                   1 
_reflns.pdbx_ordinal                     1 
_reflns.pdbx_CC_half                     ? 
_reflns.pdbx_CC_star                     ? 
_reflns.pdbx_R_split                     ? 
# 
_reflns_shell.d_res_high                  2.7 
_reflns_shell.d_res_low                   2.9 
_reflns_shell.meanI_over_sigI_all         ? 
_reflns_shell.meanI_over_sigI_obs         2.51 
_reflns_shell.number_measured_all         ? 
_reflns_shell.number_measured_obs         ? 
_reflns_shell.number_possible             ? 
_reflns_shell.number_unique_all           ? 
_reflns_shell.number_unique_obs           2054 
_reflns_shell.percent_possible_all        99.7 
_reflns_shell.percent_possible_obs        ? 
_reflns_shell.Rmerge_F_all                ? 
_reflns_shell.Rmerge_F_obs                ? 
_reflns_shell.Rmerge_I_all                ? 
_reflns_shell.Rmerge_I_obs                ? 
_reflns_shell.meanI_over_sigI_gt          ? 
_reflns_shell.meanI_over_uI_all           ? 
_reflns_shell.meanI_over_uI_gt            ? 
_reflns_shell.number_measured_gt          ? 
_reflns_shell.number_unique_gt            ? 
_reflns_shell.percent_possible_gt         ? 
_reflns_shell.Rmerge_F_gt                 ? 
_reflns_shell.Rmerge_I_gt                 ? 
_reflns_shell.pdbx_redundancy             5.8 
_reflns_shell.pdbx_Rsym_value             0.816 
_reflns_shell.pdbx_chi_squared            ? 
_reflns_shell.pdbx_netI_over_sigmaI_all   ? 
_reflns_shell.pdbx_netI_over_sigmaI_obs   ? 
_reflns_shell.pdbx_Rrim_I_all             ? 
_reflns_shell.pdbx_Rpim_I_all             ? 
_reflns_shell.pdbx_rejects                ? 
_reflns_shell.pdbx_ordinal                1 
_reflns_shell.pdbx_diffrn_id              1 
_reflns_shell.pdbx_CC_half                ? 
_reflns_shell.pdbx_CC_star                ? 
_reflns_shell.pdbx_R_split                ? 
# 
_refine.aniso_B[1][1]                            ? 
_refine.aniso_B[1][2]                            ? 
_refine.aniso_B[1][3]                            ? 
_refine.aniso_B[2][2]                            ? 
_refine.aniso_B[2][3]                            ? 
_refine.aniso_B[3][3]                            ? 
_refine.B_iso_max                                ? 
_refine.B_iso_mean                               41.07 
_refine.B_iso_min                                ? 
_refine.correlation_coeff_Fo_to_Fc               ? 
_refine.correlation_coeff_Fo_to_Fc_free          ? 
_refine.details                                  ? 
_refine.diff_density_max                         ? 
_refine.diff_density_max_esd                     ? 
_refine.diff_density_min                         ? 
_refine.diff_density_min_esd                     ? 
_refine.diff_density_rms                         ? 
_refine.diff_density_rms_esd                     ? 
_refine.entry_id                                 6XCL 
_refine.pdbx_refine_id                           'X-RAY DIFFRACTION' 
_refine.ls_abs_structure_details                 ? 
_refine.ls_abs_structure_Flack                   ? 
_refine.ls_abs_structure_Flack_esd               ? 
_refine.ls_abs_structure_Rogers                  ? 
_refine.ls_abs_structure_Rogers_esd              ? 
_refine.ls_d_res_high                            2.70 
_refine.ls_d_res_low                             33.60 
_refine.ls_extinction_coef                       ? 
_refine.ls_extinction_coef_esd                   ? 
_refine.ls_extinction_expression                 ? 
_refine.ls_extinction_method                     ? 
_refine.ls_goodness_of_fit_all                   ? 
_refine.ls_goodness_of_fit_all_esd               ? 
_refine.ls_goodness_of_fit_obs                   ? 
_refine.ls_goodness_of_fit_obs_esd               ? 
_refine.ls_hydrogen_treatment                    ? 
_refine.ls_matrix_type                           ? 
_refine.ls_number_constraints                    ? 
_refine.ls_number_parameters                     ? 
_refine.ls_number_reflns_all                     ? 
_refine.ls_number_reflns_obs                     10574 
_refine.ls_number_reflns_R_free                  530 
_refine.ls_number_reflns_R_work                  10044 
_refine.ls_number_restraints                     ? 
_refine.ls_percent_reflns_obs                    99.23 
_refine.ls_percent_reflns_R_free                 5.01 
_refine.ls_R_factor_all                          ? 
_refine.ls_R_factor_obs                          0.1938 
_refine.ls_R_factor_R_free                       0.2432 
_refine.ls_R_factor_R_free_error                 ? 
_refine.ls_R_factor_R_free_error_details         ? 
_refine.ls_R_factor_R_work                       0.1913 
_refine.ls_R_Fsqd_factor_obs                     ? 
_refine.ls_R_I_factor_obs                        ? 
_refine.ls_redundancy_reflns_all                 ? 
_refine.ls_redundancy_reflns_obs                 ? 
_refine.ls_restrained_S_all                      ? 
_refine.ls_restrained_S_obs                      ? 
_refine.ls_shift_over_esd_max                    ? 
_refine.ls_shift_over_esd_mean                   ? 
_refine.ls_structure_factor_coef                 ? 
_refine.ls_weighting_details                     ? 
_refine.ls_weighting_scheme                      ? 
_refine.ls_wR_factor_all                         ? 
_refine.ls_wR_factor_obs                         ? 
_refine.ls_wR_factor_R_free                      ? 
_refine.ls_wR_factor_R_work                      ? 
_refine.occupancy_max                            ? 
_refine.occupancy_min                            ? 
_refine.solvent_model_details                    'FLAT BULK SOLVENT MODEL' 
_refine.solvent_model_param_bsol                 ? 
_refine.solvent_model_param_ksol                 ? 
_refine.pdbx_R_complete                          ? 
_refine.ls_R_factor_gt                           ? 
_refine.ls_goodness_of_fit_gt                    ? 
_refine.ls_goodness_of_fit_ref                   ? 
_refine.ls_shift_over_su_max                     ? 
_refine.ls_shift_over_su_max_lt                  ? 
_refine.ls_shift_over_su_mean                    ? 
_refine.ls_shift_over_su_mean_lt                 ? 
_refine.pdbx_ls_sigma_I                          ? 
_refine.pdbx_ls_sigma_F                          1.39 
_refine.pdbx_ls_sigma_Fsqd                       ? 
_refine.pdbx_data_cutoff_high_absF               ? 
_refine.pdbx_data_cutoff_high_rms_absF           ? 
_refine.pdbx_data_cutoff_low_absF                ? 
_refine.pdbx_isotropic_thermal_model             ? 
_refine.pdbx_ls_cross_valid_method               'FREE R-VALUE' 
_refine.pdbx_method_to_determine_struct          'MOLECULAR REPLACEMENT' 
_refine.pdbx_starting_model                      3t5e 
_refine.pdbx_stereochemistry_target_values       'GeoStd + Monomer Library + CDL v1.2' 
_refine.pdbx_R_Free_selection_details            ? 
_refine.pdbx_stereochem_target_val_spec_case     ? 
_refine.pdbx_overall_ESU_R                       ? 
_refine.pdbx_overall_ESU_R_Free                  ? 
_refine.pdbx_solvent_vdw_probe_radii             1.1100 
_refine.pdbx_solvent_ion_probe_radii             ? 
_refine.pdbx_solvent_shrinkage_radii             0.9000 
_refine.pdbx_real_space_R                        ? 
_refine.pdbx_density_correlation                 ? 
_refine.pdbx_pd_number_of_powder_patterns        ? 
_refine.pdbx_pd_number_of_points                 ? 
_refine.pdbx_pd_meas_number_of_points            ? 
_refine.pdbx_pd_proc_ls_prof_R_factor            ? 
_refine.pdbx_pd_proc_ls_prof_wR_factor           ? 
_refine.pdbx_pd_Marquardt_correlation_coeff      ? 
_refine.pdbx_pd_Fsqrd_R_factor                   ? 
_refine.pdbx_pd_ls_matrix_band_width             ? 
_refine.pdbx_overall_phase_error                 27.9560 
_refine.pdbx_overall_SU_R_free_Cruickshank_DPI   ? 
_refine.pdbx_overall_SU_R_free_Blow_DPI          ? 
_refine.pdbx_overall_SU_R_Blow_DPI               ? 
_refine.pdbx_TLS_residual_ADP_flag               ? 
_refine.pdbx_diffrn_id                           1 
_refine.overall_SU_B                             ? 
_refine.overall_SU_ML                            0.3274 
_refine.overall_SU_R_Cruickshank_DPI             ? 
_refine.overall_SU_R_free                        ? 
_refine.overall_FOM_free_R_set                   ? 
_refine.overall_FOM_work_R_set                   ? 
_refine.pdbx_average_fsc_overall                 ? 
_refine.pdbx_average_fsc_work                    ? 
_refine.pdbx_average_fsc_free                    ? 
# 
_refine_hist.pdbx_refine_id                   'X-RAY DIFFRACTION' 
_refine_hist.cycle_id                         LAST 
_refine_hist.details                          ? 
_refine_hist.d_res_high                       2.70 
_refine_hist.d_res_low                        33.60 
_refine_hist.number_atoms_solvent             6 
_refine_hist.number_atoms_total               1042 
_refine_hist.number_reflns_all                ? 
_refine_hist.number_reflns_obs                ? 
_refine_hist.number_reflns_R_free             ? 
_refine_hist.number_reflns_R_work             ? 
_refine_hist.R_factor_all                     ? 
_refine_hist.R_factor_obs                     ? 
_refine_hist.R_factor_R_free                  ? 
_refine_hist.R_factor_R_work                  ? 
_refine_hist.pdbx_number_residues_total       ? 
_refine_hist.pdbx_B_iso_mean_ligand           ? 
_refine_hist.pdbx_B_iso_mean_solvent          ? 
_refine_hist.pdbx_number_atoms_protein        0 
_refine_hist.pdbx_number_atoms_nucleic_acid   930 
_refine_hist.pdbx_number_atoms_ligand         106 
_refine_hist.pdbx_number_atoms_lipid          ? 
_refine_hist.pdbx_number_atoms_carb           ? 
_refine_hist.pdbx_pseudo_atom_details         ? 
# 
loop_
_refine_ls_restr.pdbx_refine_id 
_refine_ls_restr.criterion 
_refine_ls_restr.dev_ideal 
_refine_ls_restr.dev_ideal_target 
_refine_ls_restr.number 
_refine_ls_restr.rejects 
_refine_ls_restr.type 
_refine_ls_restr.weight 
_refine_ls_restr.pdbx_restraint_function 
'X-RAY DIFFRACTION' ? 0.0095  ? 1156 ? f_bond_d           ? ? 
'X-RAY DIFFRACTION' ? 1.1575  ? 1766 ? f_angle_d          ? ? 
'X-RAY DIFFRACTION' ? 0.0448  ? 174  ? f_chiral_restr     ? ? 
'X-RAY DIFFRACTION' ? 0.0060  ? 56   ? f_plane_restr      ? ? 
'X-RAY DIFFRACTION' ? 34.5605 ? 440  ? f_dihedral_angle_d ? ? 
# 
loop_
_refine_ls_shell.pdbx_refine_id 
_refine_ls_shell.d_res_high 
_refine_ls_shell.d_res_low 
_refine_ls_shell.number_reflns_all 
_refine_ls_shell.number_reflns_obs 
_refine_ls_shell.number_reflns_R_free 
_refine_ls_shell.number_reflns_R_work 
_refine_ls_shell.percent_reflns_obs 
_refine_ls_shell.percent_reflns_R_free 
_refine_ls_shell.R_factor_all 
_refine_ls_shell.R_factor_obs 
_refine_ls_shell.R_factor_R_free 
_refine_ls_shell.R_factor_R_free_error 
_refine_ls_shell.R_factor_R_work 
_refine_ls_shell.redundancy_reflns_all 
_refine_ls_shell.redundancy_reflns_obs 
_refine_ls_shell.wR_factor_all 
_refine_ls_shell.wR_factor_obs 
_refine_ls_shell.wR_factor_R_free 
_refine_ls_shell.wR_factor_R_work 
_refine_ls_shell.pdbx_R_complete 
_refine_ls_shell.pdbx_total_number_of_bins_used 
_refine_ls_shell.pdbx_phase_error 
_refine_ls_shell.pdbx_fsc_work 
_refine_ls_shell.pdbx_fsc_free 
'X-RAY DIFFRACTION' 2.70 2.97  . . 132 2522 99.62 . . . 0.3343 . 0.3133 . . . . . . . . . . . 
'X-RAY DIFFRACTION' 2.97 3.40  . . 132 2489 98.16 . . . 0.2989 . 0.2051 . . . . . . . . . . . 
'X-RAY DIFFRACTION' 3.40 4.28  . . 132 2520 99.77 . . . 0.2245 . 0.2104 . . . . . . . . . . . 
'X-RAY DIFFRACTION' 4.29 33.60 . . 134 2513 99.36 . . . 0.2117 . 0.1476 . . . . . . . . . . . 
# 
_struct.entry_id                     6XCL 
_struct.title                        
'Crystal Structure of human telomeric DNA G-quadruplex in complex with a novel platinum(II) complex.' 
_struct.pdbx_model_details           ? 
_struct.pdbx_formula_weight          ? 
_struct.pdbx_formula_weight_method   ? 
_struct.pdbx_model_type_details      ? 
_struct.pdbx_CASP_flag               N 
# 
_struct_keywords.entry_id        6XCL 
_struct_keywords.text            'guanine quadruplex, Ligand Complex, DNA' 
_struct_keywords.pdbx_keywords   DNA 
# 
loop_
_struct_asym.id 
_struct_asym.pdbx_blank_PDB_chainid_flag 
_struct_asym.pdbx_modified 
_struct_asym.entity_id 
_struct_asym.details 
A N N 1 ? 
B N N 1 ? 
C N N 2 ? 
D N N 3 ? 
E N N 2 ? 
F N N 4 ? 
G N N 4 ? 
H N N 4 ? 
I N N 3 ? 
J N N 4 ? 
K N N 2 ? 
L N N 4 ? 
M N N 5 ? 
N N N 5 ? 
# 
loop_
_struct_conn.id 
_struct_conn.conn_type_id 
_struct_conn.pdbx_leaving_atom_flag 
_struct_conn.pdbx_PDB_id 
_struct_conn.ptnr1_label_asym_id 
_struct_conn.ptnr1_label_comp_id 
_struct_conn.ptnr1_label_seq_id 
_struct_conn.ptnr1_label_atom_id 
_struct_conn.pdbx_ptnr1_label_alt_id 
_struct_conn.pdbx_ptnr1_PDB_ins_code 
_struct_conn.pdbx_ptnr1_standard_comp_id 
_struct_conn.ptnr1_symmetry 
_struct_conn.ptnr2_label_asym_id 
_struct_conn.ptnr2_label_comp_id 
_struct_conn.ptnr2_label_seq_id 
_struct_conn.ptnr2_label_atom_id 
_struct_conn.pdbx_ptnr2_label_alt_id 
_struct_conn.pdbx_ptnr2_PDB_ins_code 
_struct_conn.ptnr1_auth_asym_id 
_struct_conn.ptnr1_auth_comp_id 
_struct_conn.ptnr1_auth_seq_id 
_struct_conn.ptnr2_auth_asym_id 
_struct_conn.ptnr2_auth_comp_id 
_struct_conn.ptnr2_auth_seq_id 
_struct_conn.ptnr2_symmetry 
_struct_conn.pdbx_ptnr3_label_atom_id 
_struct_conn.pdbx_ptnr3_label_seq_id 
_struct_conn.pdbx_ptnr3_label_comp_id 
_struct_conn.pdbx_ptnr3_label_asym_id 
_struct_conn.pdbx_ptnr3_label_alt_id 
_struct_conn.pdbx_ptnr3_PDB_ins_code 
_struct_conn.details 
_struct_conn.pdbx_dist_value 
_struct_conn.pdbx_value_order 
_struct_conn.pdbx_role 
metalc1  metalc ? ? A DG  2  O6 ? ? ? 1_555 F K   .  K  ? ? A DG  2   A K   104 1_555 ? ? ? ? ? ? ?            2.590 ? ? 
metalc2  metalc ? ? A DG  3  O6 ? ? ? 1_555 F K   .  K  ? ? A DG  3   A K   104 1_555 ? ? ? ? ? ? ?            2.961 ? ? 
metalc3  metalc ? ? A DG  3  O6 ? ? ? 1_555 G K   .  K  ? ? A DG  3   A K   105 1_555 ? ? ? ? ? ? ?            2.830 ? ? 
metalc4  metalc ? ? A DG  4  O6 ? ? ? 1_555 G K   .  K  ? ? A DG  4   A K   105 1_555 ? ? ? ? ? ? ?            2.746 ? ? 
metalc5  metalc ? ? A DT  6  O2 ? ? ? 1_555 H K   .  K  ? ? A DT  6   A K   106 1_554 ? ? ? ? ? ? ?            3.099 ? ? 
metalc6  metalc ? ? A DG  8  O6 ? ? ? 1_555 F K   .  K  ? ? A DG  8   A K   104 1_555 ? ? ? ? ? ? ?            2.788 ? ? 
metalc7  metalc ? ? A DG  9  O6 ? ? ? 1_555 F K   .  K  ? ? A DG  9   A K   104 1_555 ? ? ? ? ? ? ?            3.041 ? ? 
metalc8  metalc ? ? A DG  9  O6 ? ? ? 1_555 G K   .  K  ? ? A DG  9   A K   105 1_555 ? ? ? ? ? ? ?            3.029 ? ? 
metalc9  metalc ? ? A DG  10 O6 ? ? ? 1_555 G K   .  K  ? ? A DG  10  A K   105 1_555 ? ? ? ? ? ? ?            2.564 ? ? 
metalc10 metalc ? ? A DG  14 O6 ? ? ? 1_555 F K   .  K  ? ? A DG  14  A K   104 1_555 ? ? ? ? ? ? ?            2.711 ? ? 
metalc11 metalc ? ? A DG  15 O6 ? ? ? 1_555 F K   .  K  ? ? A DG  15  A K   104 1_555 ? ? ? ? ? ? ?            3.138 ? ? 
metalc12 metalc ? ? A DG  15 O6 ? ? ? 1_555 G K   .  K  ? ? A DG  15  A K   105 1_555 ? ? ? ? ? ? ?            2.981 ? ? 
metalc13 metalc ? ? A DG  16 O6 ? ? ? 1_555 G K   .  K  ? ? A DG  16  A K   105 1_555 ? ? ? ? ? ? ?            2.874 ? ? 
metalc14 metalc ? ? A DT  18 O2 ? ? ? 1_555 H K   .  K  ? ? A DT  18  A K   106 1_555 ? ? ? ? ? ? ?            3.007 ? ? 
metalc15 metalc ? ? A DG  20 O6 ? ? ? 1_555 F K   .  K  ? ? A DG  20  A K   104 1_555 ? ? ? ? ? ? ?            2.563 ? ? 
metalc16 metalc ? ? A DG  21 O6 ? ? ? 1_555 F K   .  K  ? ? A DG  21  A K   104 1_555 ? ? ? ? ? ? ?            2.777 ? ? 
metalc17 metalc ? ? A DG  21 O6 ? ? ? 1_555 G K   .  K  ? ? A DG  21  A K   105 1_555 ? ? ? ? ? ? ?            2.767 ? ? 
metalc18 metalc ? ? A DG  22 O6 ? ? ? 1_555 G K   .  K  ? ? A DG  22  A K   105 1_555 ? ? ? ? ? ? ?            2.774 ? ? 
metalc19 metalc ? ? D EDO .  O1 ? ? ? 1_555 H K   .  K  ? ? A EDO 102 A K   106 1_555 ? ? ? ? ? ? ?            3.321 ? ? 
metalc20 metalc ? ? D EDO .  O2 ? ? ? 1_555 H K   .  K  ? ? A EDO 102 A K   106 1_555 ? ? ? ? ? ? ?            2.978 ? ? 
metalc21 metalc ? ? H K   .  K  ? ? ? 1_554 B DT  6  O2 ? ? A K   106 B DT  6   1_555 ? ? ? ? ? ? ?            2.960 ? ? 
metalc22 metalc ? ? H K   .  K  ? ? ? 1_555 B DT  18 O2 ? ? A K   106 B DT  18  1_555 ? ? ? ? ? ? ?            2.959 ? ? 
metalc23 metalc ? ? H K   .  K  ? ? ? 1_555 I EDO .  O1 ? ? A K   106 B EDO 501 1_556 ? ? ? ? ? ? ?            3.145 ? ? 
metalc24 metalc ? ? H K   .  K  ? ? ? 1_555 I EDO .  O2 ? ? A K   106 B EDO 501 1_556 ? ? ? ? ? ? ?            3.316 ? ? 
metalc25 metalc ? ? H K   .  K  ? ? ? 1_555 N HOH .  O  ? ? A K   106 B HOH 601 1_556 ? ? ? ? ? ? ?            3.016 ? ? 
metalc26 metalc ? ? H K   .  K  ? ? ? 1_555 N HOH .  O  ? ? A K   106 B HOH 602 1_556 ? ? ? ? ? ? ?            2.912 ? ? 
metalc27 metalc ? ? B DG  2  O6 ? ? ? 1_555 L K   .  K  ? ? B DG  2   B K   504 1_555 ? ? ? ? ? ? ?            2.754 ? ? 
metalc28 metalc ? ? B DG  3  O6 ? ? ? 1_555 J K   .  K  ? ? B DG  3   B K   502 1_555 ? ? ? ? ? ? ?            2.995 ? ? 
metalc29 metalc ? ? B DG  3  O6 ? ? ? 1_555 L K   .  K  ? ? B DG  3   B K   504 1_555 ? ? ? ? ? ? ?            2.930 ? ? 
metalc30 metalc ? ? B DG  4  O6 ? ? ? 1_555 J K   .  K  ? ? B DG  4   B K   502 1_555 ? ? ? ? ? ? ?            2.672 ? ? 
metalc31 metalc ? ? B DG  8  O6 ? ? ? 1_555 L K   .  K  ? ? B DG  8   B K   504 1_555 ? ? ? ? ? ? ?            2.944 ? ? 
metalc32 metalc ? ? B DG  9  O6 ? ? ? 1_555 J K   .  K  ? ? B DG  9   B K   502 1_555 ? ? ? ? ? ? ?            3.255 ? ? 
metalc33 metalc ? ? B DG  9  O6 ? ? ? 1_555 L K   .  K  ? ? B DG  9   B K   504 1_555 ? ? ? ? ? ? ?            2.880 ? ? 
metalc34 metalc ? ? B DG  10 O6 ? ? ? 1_555 J K   .  K  ? ? B DG  10  B K   502 1_555 ? ? ? ? ? ? ?            2.569 ? ? 
metalc35 metalc ? ? B DG  14 O6 ? ? ? 1_555 L K   .  K  ? ? B DG  14  B K   504 1_555 ? ? ? ? ? ? ?            2.896 ? ? 
metalc36 metalc ? ? B DG  15 O6 ? ? ? 1_555 J K   .  K  ? ? B DG  15  B K   502 1_555 ? ? ? ? ? ? ?            3.024 ? ? 
metalc37 metalc ? ? B DG  15 O6 ? ? ? 1_555 L K   .  K  ? ? B DG  15  B K   504 1_555 ? ? ? ? ? ? ?            2.915 ? ? 
metalc38 metalc ? ? B DG  16 O6 ? ? ? 1_555 J K   .  K  ? ? B DG  16  B K   502 1_555 ? ? ? ? ? ? ?            2.663 ? ? 
metalc39 metalc ? ? B DG  20 O6 ? ? ? 1_555 L K   .  K  ? ? B DG  20  B K   504 1_555 ? ? ? ? ? ? ?            2.672 ? ? 
metalc40 metalc ? ? B DG  21 O6 ? ? ? 1_555 J K   .  K  ? ? B DG  21  B K   502 1_555 ? ? ? ? ? ? ?            2.919 ? ? 
metalc41 metalc ? ? B DG  21 O6 ? ? ? 1_555 L K   .  K  ? ? B DG  21  B K   504 1_555 ? ? ? ? ? ? ?            2.770 ? ? 
metalc42 metalc ? ? B DG  22 O6 ? ? ? 1_555 J K   .  K  ? ? B DG  22  B K   502 1_555 ? ? ? ? ? ? ?            2.732 ? ? 
hydrog1  hydrog ? ? A DA  1  N6 ? ? ? 1_555 B DT  12 O2 ? ? A DA  1   B DT  12  1_555 ? ? ? ? ? ? 'DA-DT PAIR' ?     ? ? 
hydrog2  hydrog ? ? A DG  2  N1 ? ? ? 1_555 A DG  8  O6 ? ? A DG  2   A DG  8   1_555 ? ? ? ? ? ? TYPE_6_PAIR  ?     ? ? 
hydrog3  hydrog ? ? A DG  2  N2 ? ? ? 1_555 A DG  8  N7 ? ? A DG  2   A DG  8   1_555 ? ? ? ? ? ? TYPE_6_PAIR  ?     ? ? 
hydrog4  hydrog ? ? A DG  2  N7 ? ? ? 1_555 A DG  20 N2 ? ? A DG  2   A DG  20  1_555 ? ? ? ? ? ? TYPE_6_PAIR  ?     ? ? 
hydrog5  hydrog ? ? A DG  2  O6 ? ? ? 1_555 A DG  20 N1 ? ? A DG  2   A DG  20  1_555 ? ? ? ? ? ? TYPE_6_PAIR  ?     ? ? 
hydrog6  hydrog ? ? A DG  3  N1 ? ? ? 1_555 A DG  9  O6 ? ? A DG  3   A DG  9   1_555 ? ? ? ? ? ? TYPE_6_PAIR  ?     ? ? 
hydrog7  hydrog ? ? A DG  3  N2 ? ? ? 1_555 A DG  9  N7 ? ? A DG  3   A DG  9   1_555 ? ? ? ? ? ? TYPE_6_PAIR  ?     ? ? 
hydrog8  hydrog ? ? A DG  3  N7 ? ? ? 1_555 A DG  21 N2 ? ? A DG  3   A DG  21  1_555 ? ? ? ? ? ? TYPE_6_PAIR  ?     ? ? 
hydrog9  hydrog ? ? A DG  3  O6 ? ? ? 1_555 A DG  21 N1 ? ? A DG  3   A DG  21  1_555 ? ? ? ? ? ? TYPE_6_PAIR  ?     ? ? 
hydrog10 hydrog ? ? A DG  4  N1 ? ? ? 1_555 A DG  10 O6 ? ? A DG  4   A DG  10  1_555 ? ? ? ? ? ? TYPE_6_PAIR  ?     ? ? 
hydrog11 hydrog ? ? A DG  4  N2 ? ? ? 1_555 A DG  10 N7 ? ? A DG  4   A DG  10  1_555 ? ? ? ? ? ? TYPE_6_PAIR  ?     ? ? 
hydrog12 hydrog ? ? A DG  4  N7 ? ? ? 1_555 A DG  22 N2 ? ? A DG  4   A DG  22  1_555 ? ? ? ? ? ? TYPE_6_PAIR  ?     ? ? 
hydrog13 hydrog ? ? A DG  4  O6 ? ? ? 1_555 A DG  22 N1 ? ? A DG  4   A DG  22  1_555 ? ? ? ? ? ? TYPE_6_PAIR  ?     ? ? 
hydrog14 hydrog ? ? A DG  8  N1 ? ? ? 1_555 A DG  14 O6 ? ? A DG  8   A DG  14  1_555 ? ? ? ? ? ? TYPE_6_PAIR  ?     ? ? 
hydrog15 hydrog ? ? A DG  8  N2 ? ? ? 1_555 A DG  14 N7 ? ? A DG  8   A DG  14  1_555 ? ? ? ? ? ? TYPE_6_PAIR  ?     ? ? 
hydrog16 hydrog ? ? A DG  9  N1 ? ? ? 1_555 A DG  15 O6 ? ? A DG  9   A DG  15  1_555 ? ? ? ? ? ? TYPE_6_PAIR  ?     ? ? 
hydrog17 hydrog ? ? A DG  9  N2 ? ? ? 1_555 A DG  15 N7 ? ? A DG  9   A DG  15  1_555 ? ? ? ? ? ? TYPE_6_PAIR  ?     ? ? 
hydrog18 hydrog ? ? A DG  10 N1 ? ? ? 1_555 A DG  16 O6 ? ? A DG  10  A DG  16  1_555 ? ? ? ? ? ? TYPE_6_PAIR  ?     ? ? 
hydrog19 hydrog ? ? A DG  10 N2 ? ? ? 1_555 A DG  16 N7 ? ? A DG  10  A DG  16  1_555 ? ? ? ? ? ? TYPE_6_PAIR  ?     ? ? 
hydrog20 hydrog ? ? A DT  12 O2 ? ? ? 1_555 B DA  1  N6 ? ? A DT  12  B DA  1   1_555 ? ? ? ? ? ? 'DT-DA PAIR' ?     ? ? 
hydrog21 hydrog ? ? A DG  14 N1 ? ? ? 1_555 A DG  20 O6 ? ? A DG  14  A DG  20  1_555 ? ? ? ? ? ? TYPE_6_PAIR  ?     ? ? 
hydrog22 hydrog ? ? A DG  14 N2 ? ? ? 1_555 A DG  20 N7 ? ? A DG  14  A DG  20  1_555 ? ? ? ? ? ? TYPE_6_PAIR  ?     ? ? 
hydrog23 hydrog ? ? A DG  15 N1 ? ? ? 1_555 A DG  21 O6 ? ? A DG  15  A DG  21  1_555 ? ? ? ? ? ? TYPE_6_PAIR  ?     ? ? 
hydrog24 hydrog ? ? A DG  15 N2 ? ? ? 1_555 A DG  21 N7 ? ? A DG  15  A DG  21  1_555 ? ? ? ? ? ? TYPE_6_PAIR  ?     ? ? 
hydrog25 hydrog ? ? A DG  16 N1 ? ? ? 1_555 A DG  22 O6 ? ? A DG  16  A DG  22  1_555 ? ? ? ? ? ? TYPE_6_PAIR  ?     ? ? 
hydrog26 hydrog ? ? A DG  16 N2 ? ? ? 1_555 A DG  22 N7 ? ? A DG  16  A DG  22  1_555 ? ? ? ? ? ? TYPE_6_PAIR  ?     ? ? 
hydrog27 hydrog ? ? B DG  2  N1 ? ? ? 1_555 B DG  8  O6 ? ? B DG  2   B DG  8   1_555 ? ? ? ? ? ? TYPE_6_PAIR  ?     ? ? 
hydrog28 hydrog ? ? B DG  2  N2 ? ? ? 1_555 B DG  8  N7 ? ? B DG  2   B DG  8   1_555 ? ? ? ? ? ? TYPE_6_PAIR  ?     ? ? 
hydrog29 hydrog ? ? B DG  2  N7 ? ? ? 1_555 B DG  20 N2 ? ? B DG  2   B DG  20  1_555 ? ? ? ? ? ? TYPE_6_PAIR  ?     ? ? 
hydrog30 hydrog ? ? B DG  2  O6 ? ? ? 1_555 B DG  20 N1 ? ? B DG  2   B DG  20  1_555 ? ? ? ? ? ? TYPE_6_PAIR  ?     ? ? 
hydrog31 hydrog ? ? B DG  3  N1 ? ? ? 1_555 B DG  9  O6 ? ? B DG  3   B DG  9   1_555 ? ? ? ? ? ? TYPE_6_PAIR  ?     ? ? 
hydrog32 hydrog ? ? B DG  3  N2 ? ? ? 1_555 B DG  9  N7 ? ? B DG  3   B DG  9   1_555 ? ? ? ? ? ? TYPE_6_PAIR  ?     ? ? 
hydrog33 hydrog ? ? B DG  3  N7 ? ? ? 1_555 B DG  21 N2 ? ? B DG  3   B DG  21  1_555 ? ? ? ? ? ? TYPE_6_PAIR  ?     ? ? 
hydrog34 hydrog ? ? B DG  3  O6 ? ? ? 1_555 B DG  21 N1 ? ? B DG  3   B DG  21  1_555 ? ? ? ? ? ? TYPE_6_PAIR  ?     ? ? 
hydrog35 hydrog ? ? B DG  4  N1 ? ? ? 1_555 B DG  10 O6 ? ? B DG  4   B DG  10  1_555 ? ? ? ? ? ? TYPE_6_PAIR  ?     ? ? 
hydrog36 hydrog ? ? B DG  4  N2 ? ? ? 1_555 B DG  10 N7 ? ? B DG  4   B DG  10  1_555 ? ? ? ? ? ? TYPE_6_PAIR  ?     ? ? 
hydrog37 hydrog ? ? B DG  4  N7 ? ? ? 1_555 B DG  22 N2 ? ? B DG  4   B DG  22  1_555 ? ? ? ? ? ? TYPE_6_PAIR  ?     ? ? 
hydrog38 hydrog ? ? B DG  4  O6 ? ? ? 1_555 B DG  22 N1 ? ? B DG  4   B DG  22  1_555 ? ? ? ? ? ? TYPE_6_PAIR  ?     ? ? 
hydrog39 hydrog ? ? B DG  8  N1 ? ? ? 1_555 B DG  14 O6 ? ? B DG  8   B DG  14  1_555 ? ? ? ? ? ? TYPE_6_PAIR  ?     ? ? 
hydrog40 hydrog ? ? B DG  8  N2 ? ? ? 1_555 B DG  14 N7 ? ? B DG  8   B DG  14  1_555 ? ? ? ? ? ? TYPE_6_PAIR  ?     ? ? 
hydrog41 hydrog ? ? B DG  9  N1 ? ? ? 1_555 B DG  15 O6 ? ? B DG  9   B DG  15  1_555 ? ? ? ? ? ? TYPE_6_PAIR  ?     ? ? 
hydrog42 hydrog ? ? B DG  9  N2 ? ? ? 1_555 B DG  15 N7 ? ? B DG  9   B DG  15  1_555 ? ? ? ? ? ? TYPE_6_PAIR  ?     ? ? 
hydrog43 hydrog ? ? B DG  10 N1 ? ? ? 1_555 B DG  16 O6 ? ? B DG  10  B DG  16  1_555 ? ? ? ? ? ? TYPE_6_PAIR  ?     ? ? 
hydrog44 hydrog ? ? B DG  10 N2 ? ? ? 1_555 B DG  16 N7 ? ? B DG  10  B DG  16  1_555 ? ? ? ? ? ? TYPE_6_PAIR  ?     ? ? 
hydrog45 hydrog ? ? B DG  14 N1 ? ? ? 1_555 B DG  20 O6 ? ? B DG  14  B DG  20  1_555 ? ? ? ? ? ? TYPE_6_PAIR  ?     ? ? 
hydrog46 hydrog ? ? B DG  14 N2 ? ? ? 1_555 B DG  20 N7 ? ? B DG  14  B DG  20  1_555 ? ? ? ? ? ? TYPE_6_PAIR  ?     ? ? 
hydrog47 hydrog ? ? B DG  15 N1 ? ? ? 1_555 B DG  21 O6 ? ? B DG  15  B DG  21  1_555 ? ? ? ? ? ? TYPE_6_PAIR  ?     ? ? 
hydrog48 hydrog ? ? B DG  15 N2 ? ? ? 1_555 B DG  21 N7 ? ? B DG  15  B DG  21  1_555 ? ? ? ? ? ? TYPE_6_PAIR  ?     ? ? 
hydrog49 hydrog ? ? B DG  16 N1 ? ? ? 1_555 B DG  22 O6 ? ? B DG  16  B DG  22  1_555 ? ? ? ? ? ? TYPE_6_PAIR  ?     ? ? 
hydrog50 hydrog ? ? B DG  16 N2 ? ? ? 1_555 B DG  22 N7 ? ? B DG  16  B DG  22  1_555 ? ? ? ? ? ? TYPE_6_PAIR  ?     ? ? 
# 
loop_
_struct_conn_type.id 
_struct_conn_type.criteria 
_struct_conn_type.reference 
metalc ? ? 
hydrog ? ? 
# 
_atom_sites.entry_id                    6XCL 
_atom_sites.Cartn_transf_matrix[1][1]   ? 
_atom_sites.Cartn_transf_matrix[1][2]   ? 
_atom_sites.Cartn_transf_matrix[1][3]   ? 
_atom_sites.Cartn_transf_matrix[2][1]   ? 
_atom_sites.Cartn_transf_matrix[2][2]   ? 
_atom_sites.Cartn_transf_matrix[2][3]   ? 
_atom_sites.Cartn_transf_matrix[3][1]   ? 
_atom_sites.Cartn_transf_matrix[3][2]   ? 
_atom_sites.Cartn_transf_matrix[3][3]   ? 
_atom_sites.Cartn_transf_vector[1]      ? 
_atom_sites.Cartn_transf_vector[2]      ? 
_atom_sites.Cartn_transf_vector[3]      ? 
_atom_sites.fract_transf_matrix[1][1]   0.00261884 
_atom_sites.fract_transf_matrix[1][2]   0.01535837 
_atom_sites.fract_transf_matrix[1][3]   0.00908243 
_atom_sites.fract_transf_matrix[2][1]   0.01259865 
_atom_sites.fract_transf_matrix[2][2]   0.01168125 
_atom_sites.fract_transf_matrix[2][3]   -0.00548158 
_atom_sites.fract_transf_matrix[3][1]   -0.01599788 
_atom_sites.fract_transf_matrix[3][2]   0.01082725 
_atom_sites.fract_transf_matrix[3][3]   -0.01369602 
_atom_sites.fract_transf_vector[1]      0.000502 
_atom_sites.fract_transf_vector[2]      -0.499839 
_atom_sites.fract_transf_vector[3]      0.205541 
_atom_sites.solution_primary            ? 
_atom_sites.solution_secondary          ? 
_atom_sites.solution_hydrogens          ? 
_atom_sites.special_details             ? 
# 
loop_
_atom_type.symbol 
_atom_type.scat_dispersion_real 
_atom_type.scat_dispersion_imag 
_atom_type.scat_Cromer_Mann_a1 
_atom_type.scat_Cromer_Mann_a2 
_atom_type.scat_Cromer_Mann_a3 
_atom_type.scat_Cromer_Mann_a4 
_atom_type.scat_Cromer_Mann_b1 
_atom_type.scat_Cromer_Mann_b2 
_atom_type.scat_Cromer_Mann_b3 
_atom_type.scat_Cromer_Mann_b4 
_atom_type.scat_Cromer_Mann_c 
_atom_type.scat_source 
_atom_type.scat_dispersion_source 
C  ? ? 3.54356  2.42580 ? ? 25.62398 1.50364  ? ? 0.0 
;2-Gaussian fit: Grosse-Kunstleve RW, Sauter NK, Adams PD: Newsletter of the IUCr Commission on Crystallographic Computing 2004, 3, 22-31.
;
? 
K  ? ? 16.37977 2.54835 ? ? 4.54127  84.28225 ? ? 0.0 
;2-Gaussian fit: Grosse-Kunstleve RW, Sauter NK, Adams PD: Newsletter of the IUCr Commission on Crystallographic Computing 2004, 3, 22-31.
;
? 
N  ? ? 4.01032  2.96436 ? ? 19.97189 1.75589  ? ? 0.0 
;2-Gaussian fit: Grosse-Kunstleve RW, Sauter NK, Adams PD: Newsletter of the IUCr Commission on Crystallographic Computing 2004, 3, 22-31.
;
? 
O  ? ? 7.96527  ?       ? ? 9.05267  ?        ? ? 0.0 
;1-Gaussian fit: Grosse-Kunstleve RW, Sauter NK, Adams PD: Newsletter of the IUCr Commission on Crystallographic Computing 2004, 3, 22-31.
;
? 
P  ? ? 9.51135  5.44231 ? ? 1.42069  35.72801 ? ? 0.0 
;2-Gaussian fit: Grosse-Kunstleve RW, Sauter NK, Adams PD: Newsletter of the IUCr Commission on Crystallographic Computing 2004, 3, 22-31.
;
? 
PT ? ? 77.57157 ?       ? ? 4.12673  ?        ? ? 0.0 
;1-Gaussian fit: Grosse-Kunstleve RW, Sauter NK, Adams PD: Newsletter of the IUCr Commission on Crystallographic Computing 2004, 3, 22-31.
;
? 
# 
loop_
_atom_site.group_PDB 
_atom_site.id 
_atom_site.type_symbol 
_atom_site.label_atom_id 
_atom_site.label_alt_id 
_atom_site.label_comp_id 
_atom_site.label_asym_id 
_atom_site.label_entity_id 
_atom_site.label_seq_id 
_atom_site.pdbx_PDB_ins_code 
_atom_site.Cartn_x 
_atom_site.Cartn_y 
_atom_site.Cartn_z 
_atom_site.occupancy 
_atom_site.B_iso_or_equiv 
_atom_site.pdbx_formal_charge 
_atom_site.auth_seq_id 
_atom_site.auth_comp_id 
_atom_site.auth_asym_id 
_atom_site.auth_atom_id 
_atom_site.pdbx_PDB_model_num 
ATOM   1    O  "O5'" . DA  A 1 1  ? -3.63193  7.45230   7.49007   1.000 51.83710 ? 1   DA  A "O5'" 1 
ATOM   2    C  "C5'" . DA  A 1 1  ? -4.01750  7.38238   8.89588   1.000 66.93798 ? 1   DA  A "C5'" 1 
ATOM   3    C  "C4'" . DA  A 1 1  ? -2.97937  8.02840   9.83641   1.000 63.52519 ? 1   DA  A "C4'" 1 
ATOM   4    O  "O4'" . DA  A 1 1  ? -3.59874  8.28661   11.14570  1.000 52.20381 ? 1   DA  A "O4'" 1 
ATOM   5    C  "C3'" . DA  A 1 1  ? -1.72179  7.17400   10.12150  1.000 57.32351 ? 1   DA  A "C3'" 1 
ATOM   6    O  "O3'" . DA  A 1 1  ? -0.54103  7.98370   10.17753  1.000 53.49421 ? 1   DA  A "O3'" 1 
ATOM   7    C  "C2'" . DA  A 1 1  ? -2.01792  6.56837   11.48323  1.000 57.31922 ? 1   DA  A "C2'" 1 
ATOM   8    C  "C1'" . DA  A 1 1  ? -2.81205  7.68036   12.16968  1.000 57.94281 ? 1   DA  A "C1'" 1 
ATOM   9    N  N9    . DA  A 1 1  ? -3.66752  7.14531   13.25276  1.000 53.26137 ? 1   DA  A N9    1 
ATOM   10   C  C8    . DA  A 1 1  ? -3.23010  6.46237   14.36859  1.000 48.77894 ? 1   DA  A C8    1 
ATOM   11   N  N7    . DA  A 1 1  ? -4.19742  6.05976   15.16590  1.000 41.61941 ? 1   DA  A N7    1 
ATOM   12   C  C5    . DA  A 1 1  ? -5.34624  6.49372   14.53639  1.000 34.22912 ? 1   DA  A C5    1 
ATOM   13   C  C6    . DA  A 1 1  ? -6.69335  6.36506   14.87811  1.000 37.95778 ? 1   DA  A C6    1 
ATOM   14   N  N6    . DA  A 1 1  ? -7.10407  5.73762   15.99035  1.000 40.63437 ? 1   DA  A N6    1 
ATOM   15   N  N1    . DA  A 1 1  ? -7.60990  6.90233   14.03542  1.000 37.55219 ? 1   DA  A N1    1 
ATOM   16   C  C2    . DA  A 1 1  ? -7.18439  7.52658   12.92119  1.000 42.23002 ? 1   DA  A C2    1 
ATOM   17   N  N3    . DA  A 1 1  ? -5.93157  7.70842   12.48591  1.000 41.94778 ? 1   DA  A N3    1 
ATOM   18   C  C4    . DA  A 1 1  ? -5.05000  7.15695   13.34598  1.000 41.37688 ? 1   DA  A C4    1 
ATOM   19   P  P     . DG  A 1 2  ? 0.91946   7.32685   9.97309   1.000 54.04621 ? 2   DG  A P     1 
ATOM   20   O  OP1   . DG  A 1 2  ? 1.88940   8.01535   10.84770  1.000 52.91311 ? 2   DG  A OP1   1 
ATOM   21   O  OP2   . DG  A 1 2  ? 1.15346   7.28331   8.51028   1.000 45.01547 ? 2   DG  A OP2   1 
ATOM   22   O  "O5'" . DG  A 1 2  ? 0.80446   5.83719   10.57081  1.000 55.65281 ? 2   DG  A "O5'" 1 
ATOM   23   C  "C5'" . DG  A 1 2  ? 0.84200   4.70719   9.69111   1.000 47.96502 ? 2   DG  A "C5'" 1 
ATOM   24   C  "C4'" . DG  A 1 2  ? 2.01638   3.77646   9.98780   1.000 38.73256 ? 2   DG  A "C4'" 1 
ATOM   25   O  "O4'" . DG  A 1 2  ? 2.10580   2.81955   8.90629   1.000 40.44839 ? 2   DG  A "O4'" 1 
ATOM   26   C  "C3'" . DG  A 1 2  ? 3.40445   4.43006   10.03665  1.000 37.44150 ? 2   DG  A "C3'" 1 
ATOM   27   O  "O3'" . DG  A 1 2  ? 4.31470   3.58963   10.76775  1.000 36.53766 ? 2   DG  A "O3'" 1 
ATOM   28   C  "C2'" . DG  A 1 2  ? 3.77491   4.49407   8.56268   1.000 36.16277 ? 2   DG  A "C2'" 1 
ATOM   29   C  "C1'" . DG  A 1 2  ? 3.13825   3.20353   8.00674   1.000 40.93259 ? 2   DG  A "C1'" 1 
ATOM   30   N  N9    . DG  A 1 2  ? 2.58448   3.36209   6.64867   1.000 35.76933 ? 2   DG  A N9    1 
ATOM   31   C  C8    . DG  A 1 2  ? 1.55140   4.18226   6.26126   1.000 34.08631 ? 2   DG  A C8    1 
ATOM   32   N  N7    . DG  A 1 2  ? 1.30503   4.14808   4.97306   1.000 28.34514 ? 2   DG  A N7    1 
ATOM   33   C  C5    . DG  A 1 2  ? 2.22962   3.25116   4.47425   1.000 30.31480 ? 2   DG  A C5    1 
ATOM   34   C  C6    . DG  A 1 2  ? 2.44009   2.80200   3.14677   1.000 30.83915 ? 2   DG  A C6    1 
ATOM   35   O  O6    . DG  A 1 2  ? 1.83258   3.11700   2.12237   1.000 31.41769 ? 2   DG  A O6    1 
ATOM   36   N  N1    . DG  A 1 2  ? 3.48143   1.89306   3.07239   1.000 32.30767 ? 2   DG  A N1    1 
ATOM   37   C  C2    . DG  A 1 2  ? 4.23868   1.46723   4.14429   1.000 30.50057 ? 2   DG  A C2    1 
ATOM   38   N  N2    . DG  A 1 2  ? 5.21493   0.59617   3.86242   1.000 28.32557 ? 2   DG  A N2    1 
ATOM   39   N  N3    . DG  A 1 2  ? 4.05651   1.87389   5.39485   1.000 29.00925 ? 2   DG  A N3    1 
ATOM   40   C  C4    . DG  A 1 2  ? 3.03847   2.76496   5.48819   1.000 32.62500 ? 2   DG  A C4    1 
ATOM   41   P  P     . DG  A 1 3  ? 5.87343   3.97136   10.97595  1.000 43.13696 ? 3   DG  A P     1 
ATOM   42   O  OP1   . DG  A 1 3  ? 6.35117   3.04206   12.01810  1.000 42.91094 ? 3   DG  A OP1   1 
ATOM   43   O  OP2   . DG  A 1 3  ? 6.14934   5.43257   11.04898  1.000 38.30493 ? 3   DG  A OP2   1 
ATOM   44   O  "O5'" . DG  A 1 3  ? 6.58415   3.48680   9.65683   1.000 37.72853 ? 3   DG  A "O5'" 1 
ATOM   45   C  "C5'" . DG  A 1 3  ? 7.38204   2.34747   9.69073   1.000 33.60663 ? 3   DG  A "C5'" 1 
ATOM   46   C  "C4'" . DG  A 1 3  ? 8.11376   2.22176   8.39062   1.000 35.26604 ? 3   DG  A "C4'" 1 
ATOM   47   O  "O4'" . DG  A 1 3  ? 7.19333   2.46000   7.29750   1.000 33.73672 ? 3   DG  A "O4'" 1 
ATOM   48   C  "C3'" . DG  A 1 3  ? 9.23610   3.23887   8.21445   1.000 35.15977 ? 3   DG  A "C3'" 1 
ATOM   49   O  "O3'" . DG  A 1 3  ? 10.46695  2.56765   8.27208   1.000 29.85691 ? 3   DG  A "O3'" 1 
ATOM   50   C  "C2'" . DG  A 1 3  ? 8.97410   3.88604   6.82801   1.000 31.32305 ? 3   DG  A "C2'" 1 
ATOM   51   C  "C1'" . DG  A 1 3  ? 7.93699   2.95008   6.20859   1.000 33.91355 ? 3   DG  A "C1'" 1 
ATOM   52   N  N9    . DG  A 1 3  ? 7.02755   3.59483   5.24438   1.000 35.52224 ? 3   DG  A N9    1 
ATOM   53   C  C8    . DG  A 1 3  ? 6.03302   4.50939   5.51999   1.000 34.51286 ? 3   DG  A C8    1 
ATOM   54   N  N7    . DG  A 1 3  ? 5.38788   4.91150   4.46236   1.000 31.55793 ? 3   DG  A N7    1 
ATOM   55   C  C5    . DG  A 1 3  ? 5.97698   4.21548   3.41833   1.000 28.38975 ? 3   DG  A C5    1 
ATOM   56   C  C6    . DG  A 1 3  ? 5.68905   4.24391   2.04840   1.000 27.37691 ? 3   DG  A C6    1 
ATOM   57   O  O6    . DG  A 1 3  ? 4.82099   4.90212   1.46594   1.000 31.54382 ? 3   DG  A O6    1 
ATOM   58   N  N1    . DG  A 1 3  ? 6.52265   3.40188   1.32718   1.000 25.66945 ? 3   DG  A N1    1 
ATOM   59   C  C2    . DG  A 1 3  ? 7.50616   2.62155   1.86866   1.000 27.94597 ? 3   DG  A C2    1 
ATOM   60   N  N2    . DG  A 1 3  ? 8.20157   1.86514   1.00957   1.000 28.02580 ? 3   DG  A N2    1 
ATOM   61   N  N3    . DG  A 1 3  ? 7.78819   2.57923   3.15935   1.000 28.11970 ? 3   DG  A N3    1 
ATOM   62   C  C4    . DG  A 1 3  ? 6.98304   3.39848   3.87491   1.000 29.79893 ? 3   DG  A C4    1 
ATOM   63   P  P     . DG  A 1 4  ? 11.84140  3.37545   8.11806   1.000 37.02874 ? 4   DG  A P     1 
ATOM   64   O  OP1   . DG  A 1 4  ? 12.91768  2.63306   8.82933   1.000 44.08814 ? 4   DG  A OP1   1 
ATOM   65   O  OP2   . DG  A 1 4  ? 11.58366  4.78997   8.46715   1.000 32.16340 ? 4   DG  A OP2   1 
ATOM   66   O  "O5'" . DG  A 1 4  ? 12.15449  3.26799   6.56706   1.000 32.45458 ? 4   DG  A "O5'" 1 
ATOM   67   C  "C5'" . DG  A 1 4  ? 12.34543  1.99998   5.96003   1.000 29.83794 ? 4   DG  A "C5'" 1 
ATOM   68   C  "C4'" . DG  A 1 4  ? 12.99063  2.16265   4.59349   1.000 35.24491 ? 4   DG  A "C4'" 1 
ATOM   69   O  "O4'" . DG  A 1 4  ? 11.97640  2.52047   3.62168   1.000 37.15969 ? 4   DG  A "O4'" 1 
ATOM   70   C  "C3'" . DG  A 1 4  ? 14.05499  3.26427   4.50878   1.000 36.10575 ? 4   DG  A "C3'" 1 
ATOM   71   O  "O3'" . DG  A 1 4  ? 15.09270  2.86844   3.62728   1.000 39.95568 ? 4   DG  A "O3'" 1 
ATOM   72   C  "C2'" . DG  A 1 4  ? 13.27325  4.44135   3.94367   1.000 31.71272 ? 4   DG  A "C2'" 1 
ATOM   73   C  "C1'" . DG  A 1 4  ? 12.32037  3.74068   2.99113   1.000 31.68972 ? 4   DG  A "C1'" 1 
ATOM   74   N  N9    . DG  A 1 4  ? 11.09302  4.49800   2.73296   1.000 33.71630 ? 4   DG  A N9    1 
ATOM   75   C  C8    . DG  A 1 4  ? 10.34000  5.18382   3.65343   1.000 30.68031 ? 4   DG  A C8    1 
ATOM   76   N  N7    . DG  A 1 4  ? 9.29956   5.78265   3.13205   1.000 33.78580 ? 4   DG  A N7    1 
ATOM   77   C  C5    . DG  A 1 4  ? 9.35877   5.46425   1.77815   1.000 29.92328 ? 4   DG  A C5    1 
ATOM   78   C  C6    . DG  A 1 4  ? 8.48810   5.82161   0.71841   1.000 28.24161 ? 4   DG  A C6    1 
ATOM   79   O  O6    . DG  A 1 4  ? 7.46072   6.51845   0.76832   1.000 25.77243 ? 4   DG  A O6    1 
ATOM   80   N  N1    . DG  A 1 4  ? 8.91820   5.29858   -0.49478  1.000 26.64390 ? 4   DG  A N1    1 
ATOM   81   C  C2    . DG  A 1 4  ? 10.04035  4.52219   -0.65981  1.000 29.80565 ? 4   DG  A C2    1 
ATOM   82   N  N2    . DG  A 1 4  ? 10.29484  4.09816   -1.90433  1.000 27.88084 ? 4   DG  A N2    1 
ATOM   83   N  N3    . DG  A 1 4  ? 10.85557  4.17267   0.32888   1.000 30.62070 ? 4   DG  A N3    1 
ATOM   84   C  C4    . DG  A 1 4  ? 10.45555  4.67667   1.51381   1.000 29.97467 ? 4   DG  A C4    1 
ATOM   85   P  P     . DT  A 1 5  ? 16.63125  2.97498   4.08598   1.000 46.49446 ? 5   DT  A P     1 
ATOM   86   O  OP1   . DT  A 1 5  ? 16.94556  4.38376   4.42263   1.000 43.20046 ? 5   DT  A OP1   1 
ATOM   87   O  OP2   . DT  A 1 5  ? 17.41717  2.18746   3.10381   1.000 38.56949 ? 5   DT  A OP2   1 
ATOM   88   O  "O5'" . DT  A 1 5  ? 16.67531  2.19015   5.46239   1.000 33.33878 ? 5   DT  A "O5'" 1 
ATOM   89   C  "C5'" . DT  A 1 5  ? 16.75808  0.80042   5.46800   1.000 32.31839 ? 5   DT  A "C5'" 1 
ATOM   90   C  "C4'" . DT  A 1 5  ? 16.74676  0.31823   6.88787   1.000 38.08339 ? 5   DT  A "C4'" 1 
ATOM   91   O  "O4'" . DT  A 1 5  ? 15.44895  0.55136   7.48261   1.000 37.56492 ? 5   DT  A "O4'" 1 
ATOM   92   C  "C3'" . DT  A 1 5  ? 17.05036  -1.16688  7.07391   1.000 45.12169 ? 5   DT  A "C3'" 1 
ATOM   93   O  "O3'" . DT  A 1 5  ? 18.19711  -1.30592  7.91839   1.000 51.10767 ? 5   DT  A "O3'" 1 
ATOM   94   C  "C2'" . DT  A 1 5  ? 15.78516  -1.71217  7.75027   1.000 42.93995 ? 5   DT  A "C2'" 1 
ATOM   95   C  "C1'" . DT  A 1 5  ? 15.22765  -0.46551  8.41324   1.000 38.84092 ? 5   DT  A "C1'" 1 
ATOM   96   N  N1    . DT  A 1 5  ? 13.77981  -0.54574  8.70608   1.000 39.41012 ? 5   DT  A N1    1 
ATOM   97   C  C2    . DT  A 1 5  ? 13.32035  -0.18356  9.95563   1.000 42.79214 ? 5   DT  A C2    1 
ATOM   98   O  O2    . DT  A 1 5  ? 14.04879  0.22438   10.84255  1.000 48.60485 ? 5   DT  A O2    1 
ATOM   99   N  N3    . DT  A 1 5  ? 11.96771  -0.31067  10.13143  1.000 36.25805 ? 5   DT  A N3    1 
ATOM   100  C  C4    . DT  A 1 5  ? 11.05034  -0.75039  9.20664   1.000 36.80337 ? 5   DT  A C4    1 
ATOM   101  O  O4    . DT  A 1 5  ? 9.85829   -0.81836  9.45915   1.000 44.01411 ? 5   DT  A O4    1 
ATOM   102  C  C5    . DT  A 1 5  ? 11.59663  -1.12720  7.91821   1.000 40.24106 ? 5   DT  A C5    1 
ATOM   103  C  C7    . DT  A 1 5  ? 10.69703  -1.63593  6.82708   1.000 28.79226 ? 5   DT  A C7    1 
ATOM   104  C  C6    . DT  A 1 5  ? 12.92427  -1.00825  7.73682   1.000 39.88449 ? 5   DT  A C6    1 
ATOM   105  P  P     . DT  A 1 6  ? 19.54518  -2.00507  7.38465   1.000 48.48530 ? 6   DT  A P     1 
ATOM   106  O  OP1   . DT  A 1 6  ? 20.57152  -1.54122  8.33197   1.000 52.36838 ? 6   DT  A OP1   1 
ATOM   107  O  OP2   . DT  A 1 6  ? 19.73125  -1.80258  5.93247   1.000 44.14919 ? 6   DT  A OP2   1 
ATOM   108  O  "O5'" . DT  A 1 6  ? 19.27201  -3.56438  7.61436   1.000 44.99410 ? 6   DT  A "O5'" 1 
ATOM   109  C  "C5'" . DT  A 1 6  ? 19.54842  -4.49270  6.58196   1.000 39.25571 ? 6   DT  A "C5'" 1 
ATOM   110  C  "C4'" . DT  A 1 6  ? 18.80075  -5.79078  6.82409   1.000 36.93684 ? 6   DT  A "C4'" 1 
ATOM   111  O  "O4'" . DT  A 1 6  ? 18.77988  -6.08146  8.24159   1.000 41.55546 ? 6   DT  A "O4'" 1 
ATOM   112  C  "C3'" . DT  A 1 6  ? 17.34194  -5.75982  6.45152   1.000 41.92338 ? 6   DT  A "C3'" 1 
ATOM   113  O  "O3'" . DT  A 1 6  ? 17.20076  -5.97435  5.06930   1.000 49.61150 ? 6   DT  A "O3'" 1 
ATOM   114  C  "C2'" . DT  A 1 6  ? 16.80252  -6.93718  7.26414   1.000 40.52443 ? 6   DT  A "C2'" 1 
ATOM   115  C  "C1'" . DT  A 1 6  ? 17.61456  -6.82558  8.55802   1.000 37.80063 ? 6   DT  A "C1'" 1 
ATOM   116  N  N1    . DT  A 1 6  ? 16.88857  -6.12279  9.64348   1.000 34.66339 ? 6   DT  A N1    1 
ATOM   117  C  C2    . DT  A 1 6  ? 15.88074  -6.78357  10.31724  1.000 37.79871 ? 6   DT  A C2    1 
ATOM   118  O  O2    . DT  A 1 6  ? 15.56054  -7.93108  10.08527  1.000 42.36432 ? 6   DT  A O2    1 
ATOM   119  N  N3    . DT  A 1 6  ? 15.26425  -6.05433  11.28356  1.000 36.92412 ? 6   DT  A N3    1 
ATOM   120  C  C4    . DT  A 1 6  ? 15.54364  -4.75080  11.64135  1.000 40.02082 ? 6   DT  A C4    1 
ATOM   121  O  O4    . DT  A 1 6  ? 14.92198  -4.16821  12.52687  1.000 42.96262 ? 6   DT  A O4    1 
ATOM   122  C  C5    . DT  A 1 6  ? 16.60468  -4.11334  10.89547  1.000 35.52706 ? 6   DT  A C5    1 
ATOM   123  C  C7    . DT  A 1 6  ? 16.97909  -2.69755  11.19802  1.000 40.07150 ? 6   DT  A C7    1 
ATOM   124  C  C6    . DT  A 1 6  ? 17.21687  -4.81834  9.93802   1.000 33.09586 ? 6   DT  A C6    1 
ATOM   125  P  P     . DA  A 1 7  ? 16.11086  -5.14844  4.23549   1.000 45.98323 ? 7   DA  A P     1 
ATOM   126  O  OP1   . DA  A 1 7  ? 16.14946  -5.70322  2.85937   1.000 31.37690 ? 7   DA  A OP1   1 
ATOM   127  O  OP2   . DA  A 1 7  ? 16.36490  -3.71321  4.52417   1.000 36.88385 ? 7   DA  A OP2   1 
ATOM   128  O  "O5'" . DA  A 1 7  ? 14.72579  -5.56256  4.91399   1.000 38.89849 ? 7   DA  A "O5'" 1 
ATOM   129  C  "C5'" . DA  A 1 7  ? 14.25206  -6.87967  4.78081   1.000 33.85510 ? 7   DA  A "C5'" 1 
ATOM   130  C  "C4'" . DA  A 1 7  ? 12.73657  -6.94860  4.92960   1.000 36.67704 ? 7   DA  A "C4'" 1 
ATOM   131  O  "O4'" . DA  A 1 7  ? 12.37168  -6.76771  6.31723   1.000 38.49560 ? 7   DA  A "O4'" 1 
ATOM   132  C  "C3'" . DA  A 1 7  ? 11.94140  -5.90225  4.16325   1.000 37.27834 ? 7   DA  A "C3'" 1 
ATOM   133  O  "O3'" . DA  A 1 7  ? 10.67009  -6.42599  3.83550   1.000 38.40076 ? 7   DA  A "O3'" 1 
ATOM   134  C  "C2'" . DA  A 1 7  ? 11.81359  -4.79074  5.19236   1.000 39.91712 ? 7   DA  A "C2'" 1 
ATOM   135  C  "C1'" . DA  A 1 7  ? 11.59382  -5.60179  6.46357   1.000 37.45765 ? 7   DA  A "C1'" 1 
ATOM   136  N  N9    . DA  A 1 7  ? 12.03734  -4.91749  7.67222   1.000 39.42760 ? 7   DA  A N9    1 
ATOM   137  C  C8    . DA  A 1 7  ? 13.31637  -4.53538  7.97679   1.000 33.50426 ? 7   DA  A C8    1 
ATOM   138  N  N7    . DA  A 1 7  ? 13.42520  -3.94422  9.13579   1.000 32.55439 ? 7   DA  A N7    1 
ATOM   139  C  C5    . DA  A 1 7  ? 12.13166  -3.93585  9.63488   1.000 37.31182 ? 7   DA  A C5    1 
ATOM   140  C  C6    . DA  A 1 7  ? 11.57951  -3.44636  10.83676  1.000 40.07294 ? 7   DA  A C6    1 
ATOM   141  N  N6    . DA  A 1 7  ? 12.30125  -2.84382  11.78212  1.000 44.50902 ? 7   DA  A N6    1 
ATOM   142  N  N1    . DA  A 1 7  ? 10.25202  -3.60196  11.02865  1.000 40.21021 ? 7   DA  A N1    1 
ATOM   143  C  C2    . DA  A 1 7  ? 9.53078   -4.20741  10.07300  1.000 40.16204 ? 7   DA  A C2    1 
ATOM   144  N  N3    . DA  A 1 7  ? 9.93749   -4.70240  8.90327   1.000 39.53931 ? 7   DA  A N3    1 
ATOM   145  C  C4    . DA  A 1 7  ? 11.26221  -4.53388  8.74601   1.000 38.62266 ? 7   DA  A C4    1 
ATOM   146  P  P     . DG  A 1 8  ? 10.42867  -7.15171  2.42487   1.000 45.95853 ? 8   DG  A P     1 
ATOM   147  O  OP1   . DG  A 1 8  ? 9.06975   -7.76727  2.45984   1.000 34.81489 ? 8   DG  A OP1   1 
ATOM   148  O  OP2   . DG  A 1 8  ? 11.62434  -7.97337  2.11987   1.000 39.00795 ? 8   DG  A OP2   1 
ATOM   149  O  "O5'" . DG  A 1 8  ? 10.49862  -5.95669  1.37938   1.000 32.83142 ? 8   DG  A "O5'" 1 
ATOM   150  C  "C5'" . DG  A 1 8  ? 9.49875   -4.99928  1.33091   1.000 29.84049 ? 8   DG  A "C5'" 1 
ATOM   151  C  "C4'" . DG  A 1 8  ? 9.38309   -4.46559  -0.07907  1.000 30.95949 ? 8   DG  A "C4'" 1 
ATOM   152  O  "O4'" . DG  A 1 8  ? 8.10528   -3.79343  -0.24497  1.000 39.60636 ? 8   DG  A "O4'" 1 
ATOM   153  C  "C3'" . DG  A 1 8  ? 10.45679  -3.46074  -0.48785  1.000 32.97687 ? 8   DG  A "C3'" 1 
ATOM   154  O  "O3'" . DG  A 1 8  ? 10.80563  -3.69318  -1.81877  1.000 36.21538 ? 8   DG  A "O3'" 1 
ATOM   155  C  "C2'" . DG  A 1 8  ? 9.74939   -2.11470  -0.32480  1.000 35.72665 ? 8   DG  A "C2'" 1 
ATOM   156  C  "C1'" . DG  A 1 8  ? 8.30558   -2.46667  -0.68078  1.000 35.81146 ? 8   DG  A "C1'" 1 
ATOM   157  N  N9    . DG  A 1 8  ? 7.29264   -1.61089  -0.04822  1.000 30.18120 ? 8   DG  A N9    1 
ATOM   158  C  C8    . DG  A 1 8  ? 7.17409   -1.29215  1.29456   1.000 26.44618 ? 8   DG  A C8    1 
ATOM   159  N  N7    . DG  A 1 8  ? 6.15732   -0.50286  1.56367   1.000 24.44502 ? 8   DG  A N7    1 
ATOM   160  C  C5    . DG  A 1 8  ? 5.55194   -0.29332  0.30920   1.000 33.07734 ? 8   DG  A C5    1 
ATOM   161  C  C6    . DG  A 1 8  ? 4.41295   0.49774   -0.06277  1.000 27.17153 ? 8   DG  A C6    1 
ATOM   162  O  O6    . DG  A 1 8  ? 3.64991   1.16965   0.66008   1.000 27.05446 ? 8   DG  A O6    1 
ATOM   163  N  N1    . DG  A 1 8  ? 4.17990   0.43928   -1.42401  1.000 25.46397 ? 8   DG  A N1    1 
ATOM   164  C  C2    . DG  A 1 8  ? 4.93331   -0.27032  -2.32234  1.000 28.96835 ? 8   DG  A C2    1 
ATOM   165  N  N2    . DG  A 1 8  ? 4.54414   -0.19448  -3.60643  1.000 30.17001 ? 8   DG  A N2    1 
ATOM   166  N  N3    . DG  A 1 8  ? 5.99825   -0.99841  -2.00178  1.000 27.50088 ? 8   DG  A N3    1 
ATOM   167  C  C4    . DG  A 1 8  ? 6.24585   -0.97225  -0.68188  1.000 30.73817 ? 8   DG  A C4    1 
ATOM   168  P  P     . DG  A 1 9  ? 12.16479  -3.10978  -2.42438  1.000 44.70376 ? 9   DG  A P     1 
ATOM   169  O  OP1   . DG  A 1 9  ? 12.78974  -4.21446  -3.18094  1.000 45.41386 ? 9   DG  A OP1   1 
ATOM   170  O  OP2   . DG  A 1 9  ? 12.90613  -2.45221  -1.32202  1.000 40.66845 ? 9   DG  A OP2   1 
ATOM   171  O  "O5'" . DG  A 1 9  ? 11.66772  -2.05786  -3.52256  1.000 42.91799 ? 9   DG  A "O5'" 1 
ATOM   172  C  "C5'" . DG  A 1 9  ? 10.95570  -2.53792  -4.67175  1.000 41.19624 ? 9   DG  A "C5'" 1 
ATOM   173  C  "C4'" . DG  A 1 9  ? 10.43579  -1.40156  -5.55447  1.000 41.74182 ? 9   DG  A "C4'" 1 
ATOM   174  O  "O4'" . DG  A 1 9  ? 9.25189   -0.78306  -4.96538  1.000 36.44457 ? 9   DG  A "O4'" 1 
ATOM   175  C  "C3'" . DG  A 1 9  ? 11.42229  -0.26352  -5.84694  1.000 41.42801 ? 9   DG  A "C3'" 1 
ATOM   176  O  "O3'" . DG  A 1 9  ? 11.31939  0.07805   -7.21950  1.000 41.50512 ? 9   DG  A "O3'" 1 
ATOM   177  C  "C2'" . DG  A 1 9  ? 10.91061  0.86660   -4.94766  1.000 40.38405 ? 9   DG  A "C2'" 1 
ATOM   178  C  "C1'" . DG  A 1 9  ? 9.40787   0.62288   -4.97406  1.000 33.74738 ? 9   DG  A "C1'" 1 
ATOM   179  N  N9    . DG  A 1 9  ? 8.68294   1.19256   -3.82952  1.000 35.13151 ? 9   DG  A N9    1 
ATOM   180  C  C8    . DG  A 1 9  ? 8.99358   1.07124   -2.48846  1.000 33.11880 ? 9   DG  A C8    1 
ATOM   181  N  N7    . DG  A 1 9  ? 8.15131   1.69244   -1.69704  1.000 29.17478 ? 9   DG  A N7    1 
ATOM   182  C  C5    . DG  A 1 9  ? 7.21845   2.25697   -2.57122  1.000 31.44098 ? 9   DG  A C5    1 
ATOM   183  C  C6    . DG  A 1 9  ? 6.07357   3.04330   -2.30861  1.000 29.36791 ? 9   DG  A C6    1 
ATOM   184  O  O6    . DG  A 1 9  ? 5.62097   3.40996   -1.21280  1.000 30.39129 ? 9   DG  A O6    1 
ATOM   185  N  N1    . DG  A 1 9  ? 5.42688   3.40587   -3.47832  1.000 27.60685 ? 9   DG  A N1    1 
ATOM   186  C  C2    . DG  A 1 9  ? 5.82546   3.05040   -4.73741  1.000 29.50586 ? 9   DG  A C2    1 
ATOM   187  N  N2    . DG  A 1 9  ? 5.06972   3.48366   -5.74696  1.000 30.30754 ? 9   DG  A N2    1 
ATOM   188  N  N3    . DG  A 1 9  ? 6.88484   2.32607   -4.99809  1.000 30.83724 ? 9   DG  A N3    1 
ATOM   189  C  C4    . DG  A 1 9  ? 7.53242   1.95844   -3.87853  1.000 33.27659 ? 9   DG  A C4    1 
ATOM   190  P  P     . DG  A 1 10 ? 12.45732  0.90786   -7.98178  1.000 44.05452 ? 10  DG  A P     1 
ATOM   191  O  OP1   . DG  A 1 10 ? 13.25274  -0.04758  -8.78401  1.000 46.53138 ? 10  DG  A OP1   1 
ATOM   192  O  OP2   . DG  A 1 10 ? 13.13685  1.84642   -7.05485  1.000 43.20104 ? 10  DG  A OP2   1 
ATOM   193  O  "O5'" . DG  A 1 10 ? 11.59489  1.77697   -8.99332  1.000 54.08009 ? 10  DG  A "O5'" 1 
ATOM   194  C  "C5'" . DG  A 1 10 ? 10.19508  1.87608   -8.80472  1.000 45.57420 ? 10  DG  A "C5'" 1 
ATOM   195  C  "C4'" . DG  A 1 10 ? 9.63791   3.07615   -9.54071  1.000 49.06250 ? 10  DG  A "C4'" 1 
ATOM   196  O  "O4'" . DG  A 1 10 ? 8.64517   3.71969   -8.69876  1.000 47.18000 ? 10  DG  A "O4'" 1 
ATOM   197  C  "C3'" . DG  A 1 10 ? 10.65640  4.16850   -9.83694  1.000 45.64903 ? 10  DG  A "C3'" 1 
ATOM   198  O  "O3'" . DG  A 1 10 ? 10.16952  5.00830   -10.87861 1.000 51.16074 ? 10  DG  A "O3'" 1 
ATOM   199  C  "C2'" . DG  A 1 10 ? 10.66854  4.90646   -8.51262  1.000 39.06691 ? 10  DG  A "C2'" 1 
ATOM   200  C  "C1'" . DG  A 1 10 ? 9.18112   4.93301   -8.19328  1.000 40.34176 ? 10  DG  A "C1'" 1 
ATOM   201  N  N9    . DG  A 1 10 ? 8.89568   5.02440   -6.76717  1.000 42.60422 ? 10  DG  A N9    1 
ATOM   202  C  C8    . DG  A 1 10 ? 9.59319   4.42846   -5.74328  1.000 40.47592 ? 10  DG  A C8    1 
ATOM   203  N  N7    . DG  A 1 10 ? 9.10980   4.69967   -4.55585  1.000 37.87239 ? 10  DG  A N7    1 
ATOM   204  C  C5    . DG  A 1 10 ? 8.02603   5.53006   -4.80527  1.000 34.89483 ? 10  DG  A C5    1 
ATOM   205  C  C6    . DG  A 1 10 ? 7.11628   6.12989   -3.90472  1.000 32.72376 ? 10  DG  A C6    1 
ATOM   206  O  O6    . DG  A 1 10 ? 7.08667   6.04155   -2.66952  1.000 28.00042 ? 10  DG  A O6    1 
ATOM   207  N  N1    . DG  A 1 10 ? 6.15906   6.88703   -4.57602  1.000 34.63628 ? 10  DG  A N1    1 
ATOM   208  C  C2    . DG  A 1 10 ? 6.09018   7.03332   -5.95378  1.000 34.35457 ? 10  DG  A C2    1 
ATOM   209  N  N2    . DG  A 1 10 ? 5.10023   7.81436   -6.42656  1.000 32.05450 ? 10  DG  A N2    1 
ATOM   210  N  N3    . DG  A 1 10 ? 6.93222   6.46159   -6.80347  1.000 29.53590 ? 10  DG  A N3    1 
ATOM   211  C  C4    . DG  A 1 10 ? 7.87149   5.73391   -6.16424  1.000 37.33309 ? 10  DG  A C4    1 
ATOM   212  P  P     . DT  A 1 11 ? 11.05850  5.31605   -12.18527 1.000 67.71697 ? 11  DT  A P     1 
ATOM   213  O  OP1   . DT  A 1 11 ? 12.28435  6.05989   -11.80320 1.000 48.49358 ? 11  DT  A OP1   1 
ATOM   214  O  OP2   . DT  A 1 11 ? 10.08923  5.81286   -13.19746 1.000 52.46541 ? 11  DT  A OP2   1 
ATOM   215  O  "O5'" . DT  A 1 11 ? 11.54405  3.89229   -12.68368 1.000 51.64312 ? 11  DT  A "O5'" 1 
ATOM   216  C  "C5'" . DT  A 1 11 ? 10.80150  3.21418   -13.64023 1.000 50.08466 ? 11  DT  A "C5'" 1 
ATOM   217  C  "C4'" . DT  A 1 11 ? 11.54677  1.98191   -14.05913 1.000 60.74375 ? 11  DT  A "C4'" 1 
ATOM   218  O  "O4'" . DT  A 1 11 ? 11.85159  1.17838   -12.88897 1.000 63.41084 ? 11  DT  A "O4'" 1 
ATOM   219  C  "C3'" . DT  A 1 11 ? 10.79560  1.07605   -15.02513 1.000 67.30212 ? 11  DT  A "C3'" 1 
ATOM   220  O  "O3'" . DT  A 1 11 ? 11.64507  0.76099   -16.12452 1.000 76.01112 ? 11  DT  A "O3'" 1 
ATOM   221  C  "C2'" . DT  A 1 11 ? 10.45430  -0.15743  -14.18406 1.000 57.31123 ? 11  DT  A "C2'" 1 
ATOM   222  C  "C1'" . DT  A 1 11 ? 11.60667  -0.17467  -13.19302 1.000 61.12201 ? 11  DT  A "C1'" 1 
ATOM   223  N  N1    . DT  A 1 11 ? 11.30329  -0.89941  -11.92816 1.000 56.95750 ? 11  DT  A N1    1 
ATOM   224  C  C2    . DT  A 1 11 ? 12.31511  -1.58022  -11.27753 1.000 55.47832 ? 11  DT  A C2    1 
ATOM   225  O  O2    . DT  A 1 11 ? 13.45997  -1.62682  -11.68616 1.000 58.91646 ? 11  DT  A O2    1 
ATOM   226  N  N3    . DT  A 1 11 ? 11.93291  -2.20286  -10.11874 1.000 50.47632 ? 11  DT  A N3    1 
ATOM   227  C  C4    . DT  A 1 11 ? 10.66193  -2.21663  -9.56422  1.000 51.86352 ? 11  DT  A C4    1 
ATOM   228  O  O4    . DT  A 1 11 ? 10.40438  -2.80966  -8.52333  1.000 50.91916 ? 11  DT  A O4    1 
ATOM   229  C  C5    . DT  A 1 11 ? 9.65373   -1.48948  -10.29924 1.000 49.08155 ? 11  DT  A C5    1 
ATOM   230  C  C7    . DT  A 1 11 ? 8.25194   -1.44549  -9.79334  1.000 48.51192 ? 11  DT  A C7    1 
ATOM   231  C  C6    . DT  A 1 11 ? 10.01725  -0.86755  -11.42662 1.000 52.38141 ? 11  DT  A C6    1 
ATOM   232  P  P     . DT  A 1 12 ? 11.34570  1.41673   -17.56052 1.000 85.62427 ? 12  DT  A P     1 
ATOM   233  O  OP1   . DT  A 1 12 ? 11.96709  0.55675   -18.59080 1.000 78.58418 ? 12  DT  A OP1   1 
ATOM   234  O  OP2   . DT  A 1 12 ? 11.70229  2.85806   -17.48116 1.000 71.00327 ? 12  DT  A OP2   1 
ATOM   235  O  "O5'" . DT  A 1 12 ? 9.76131   1.25314   -17.71076 1.000 66.83779 ? 12  DT  A "O5'" 1 
ATOM   236  C  "C5'" . DT  A 1 12 ? 9.23003   0.73996   -18.91121 1.000 67.59043 ? 12  DT  A "C5'" 1 
ATOM   237  C  "C4'" . DT  A 1 12 ? 8.44491   -0.53659  -18.67048 1.000 68.46622 ? 12  DT  A "C4'" 1 
ATOM   238  O  "O4'" . DT  A 1 12 ? 9.32616   -1.67682  -18.70411 1.000 68.77078 ? 12  DT  A "O4'" 1 
ATOM   239  C  "C3'" . DT  A 1 12 ? 7.78958   -0.66122  -17.31760 1.000 70.48872 ? 12  DT  A "C3'" 1 
ATOM   240  O  "O3'" . DT  A 1 12 ? 6.61976   0.11848   -17.25623 1.000 71.89447 ? 12  DT  A "O3'" 1 
ATOM   241  C  "C2'" . DT  A 1 12 ? 7.48523   -2.16430  -17.26831 1.000 61.69143 ? 12  DT  A "C2'" 1 
ATOM   242  C  "C1'" . DT  A 1 12 ? 8.69526   -2.75464  -18.01313 1.000 60.19541 ? 12  DT  A "C1'" 1 
ATOM   243  N  N1    . DT  A 1 12 ? 9.71641   -3.42618  -17.11785 1.000 57.48721 ? 12  DT  A N1    1 
ATOM   244  C  C2    . DT  A 1 12 ? 9.39179   -4.60661  -16.47903 1.000 48.78195 ? 12  DT  A C2    1 
ATOM   245  O  O2    . DT  A 1 12 ? 8.29919   -5.14455  -16.56790 1.000 49.34831 ? 12  DT  A O2    1 
ATOM   246  N  N3    . DT  A 1 12 ? 10.39416  -5.13293  -15.71136 1.000 43.68167 ? 12  DT  A N3    1 
ATOM   247  C  C4    . DT  A 1 12 ? 11.66449  -4.62225  -15.50713 1.000 53.75481 ? 12  DT  A C4    1 
ATOM   248  O  O4    . DT  A 1 12 ? 12.49499  -5.17673  -14.77809 1.000 61.80539 ? 12  DT  A O4    1 
ATOM   249  C  C5    . DT  A 1 12 ? 11.95275  -3.39509  -16.20265 1.000 56.72128 ? 12  DT  A C5    1 
ATOM   250  C  C7    . DT  A 1 12 ? 13.30909  -2.75125  -16.05465 1.000 57.52913 ? 12  DT  A C7    1 
ATOM   251  C  C6    . DT  A 1 12 ? 10.97575  -2.85811  -16.97103 1.000 60.40791 ? 12  DT  A C6    1 
ATOM   252  P  P     . DA  A 1 13 ? 6.16327   0.70200   -15.83354 1.000 81.27122 ? 13  DA  A P     1 
ATOM   253  O  OP1   . DA  A 1 13 ? 4.85415   1.38853   -15.96322 1.000 74.97029 ? 13  DA  A OP1   1 
ATOM   254  O  OP2   . DA  A 1 13 ? 7.35033   1.37720   -15.24760 1.000 71.53657 ? 13  DA  A OP2   1 
ATOM   255  O  "O5'" . DA  A 1 13 ? 5.87139   -0.60492  -14.99565 1.000 63.35577 ? 13  DA  A "O5'" 1 
ATOM   256  C  "C5'" . DA  A 1 13 ? 4.72613   -1.35634  -15.27719 1.000 62.57105 ? 13  DA  A "C5'" 1 
ATOM   257  C  "C4'" . DA  A 1 13 ? 4.54530   -2.41787  -14.22543 1.000 61.43872 ? 13  DA  A "C4'" 1 
ATOM   258  O  "O4'" . DA  A 1 13 ? 5.75732   -3.19250  -14.11471 1.000 58.73321 ? 13  DA  A "O4'" 1 
ATOM   259  C  "C3'" . DA  A 1 13 ? 4.26886   -1.88478  -12.82164 1.000 61.38709 ? 13  DA  A "C3'" 1 
ATOM   260  O  "O3'" . DA  A 1 13 ? 3.23773   -2.61893  -12.26346 1.000 65.08808 ? 13  DA  A "O3'" 1 
ATOM   261  C  "C2'" . DA  A 1 13 ? 5.57687   -2.13169  -12.07838 1.000 59.42531 ? 13  DA  A "C2'" 1 
ATOM   262  C  "C1'" . DA  A 1 13 ? 6.04038   -3.39471  -12.75919 1.000 49.73312 ? 13  DA  A "C1'" 1 
ATOM   263  N  N9    . DA  A 1 13 ? 7.45681   -3.62318  -12.64163 1.000 47.46756 ? 13  DA  A N9    1 
ATOM   264  C  C8    . DA  A 1 13 ? 8.44229   -3.06036  -13.40066 1.000 52.85373 ? 13  DA  A C8    1 
ATOM   265  N  N7    . DA  A 1 13 ? 9.65213   -3.45803  -13.07401 1.000 50.38306 ? 13  DA  A N7    1 
ATOM   266  C  C5    . DA  A 1 13 ? 9.43651   -4.34569  -12.03550 1.000 46.16926 ? 13  DA  A C5    1 
ATOM   267  C  C6    . DA  A 1 13 ? 10.31258  -5.11037  -11.25906 1.000 48.21267 ? 13  DA  A C6    1 
ATOM   268  N  N6    . DA  A 1 13 ? 11.64421  -5.08705  -11.42425 1.000 59.02998 ? 13  DA  A N6    1 
ATOM   269  N  N1    . DA  A 1 13 ? 9.77529   -5.89471  -10.29548 1.000 40.47116 ? 13  DA  A N1    1 
ATOM   270  C  C2    . DA  A 1 13 ? 8.44702   -5.90413  -10.14008 1.000 43.37315 ? 13  DA  A C2    1 
ATOM   271  N  N3    . DA  A 1 13 ? 7.52063   -5.22772  -10.81602 1.000 43.65045 ? 13  DA  A N3    1 
ATOM   272  C  C4    . DA  A 1 13 ? 8.08822   -4.45895  -11.75560 1.000 46.42743 ? 13  DA  A C4    1 
ATOM   273  P  P     . DG  A 1 14 ? 1.74160   -2.06963  -12.39176 1.000 79.89164 ? 14  DG  A P     1 
ATOM   274  O  OP1   . DG  A 1 14 ? 0.86333   -3.01885  -11.66207 1.000 74.36139 ? 14  DG  A OP1   1 
ATOM   275  O  OP2   . DG  A 1 14 ? 1.49042   -1.78071  -13.82830 1.000 67.25671 ? 14  DG  A OP2   1 
ATOM   276  O  "O5'" . DG  A 1 14 ? 1.81071   -0.65852  -11.62560 1.000 68.95723 ? 14  DG  A "O5'" 1 
ATOM   277  C  "C5'" . DG  A 1 14 ? 1.38164   -0.53971  -10.26889 1.000 51.59004 ? 14  DG  A "C5'" 1 
ATOM   278  C  "C4'" . DG  A 1 14 ? 0.63719   0.75895   -10.08705 1.000 38.05654 ? 14  DG  A "C4'" 1 
ATOM   279  O  "O4'" . DG  A 1 14 ? 0.36987   0.98174   -8.67976  1.000 46.86748 ? 14  DG  A "O4'" 1 
ATOM   280  C  "C3'" . DG  A 1 14 ? 1.38480   2.00365   -10.56096 1.000 39.93715 ? 14  DG  A "C3'" 1 
ATOM   281  O  "O3'" . DG  A 1 14 ? 0.43792   2.95213   -10.96060 1.000 44.83112 ? 14  DG  A "O3'" 1 
ATOM   282  C  "C2'" . DG  A 1 14 ? 2.09396   2.45544   -9.29252  1.000 38.95477 ? 14  DG  A "C2'" 1 
ATOM   283  C  "C1'" . DG  A 1 14 ? 1.00211   2.18992   -8.26005  1.000 43.51717 ? 14  DG  A "C1'" 1 
ATOM   284  N  N9    . DG  A 1 14 ? 1.50669   1.99719   -6.90185  1.000 36.43393 ? 14  DG  A N9    1 
ATOM   285  C  C8    . DG  A 1 14 ? 2.57137   1.20998   -6.52421  1.000 32.78471 ? 14  DG  A C8    1 
ATOM   286  N  N7    . DG  A 1 14 ? 2.78460   1.20223   -5.23241  1.000 30.37558 ? 14  DG  A N7    1 
ATOM   287  C  C5    . DG  A 1 14 ? 1.79777   2.02763   -4.71791  1.000 31.21609 ? 14  DG  A C5    1 
ATOM   288  C  C6    . DG  A 1 14 ? 1.54746   2.41280   -3.38242  1.000 28.48935 ? 14  DG  A C6    1 
ATOM   289  O  O6    . DG  A 1 14 ? 2.15283   2.07286   -2.36362  1.000 32.02588 ? 14  DG  A O6    1 
ATOM   290  N  N1    . DG  A 1 14 ? 0.45877   3.26418   -3.28720  1.000 29.06596 ? 14  DG  A N1    1 
ATOM   291  C  C2    . DG  A 1 14 ? -0.28579  3.71317   -4.35963  1.000 32.24726 ? 14  DG  A C2    1 
ATOM   292  N  N2    . DG  A 1 14 ? -1.29957  4.54544   -4.06666  1.000 25.65687 ? 14  DG  A N2    1 
ATOM   293  N  N3    . DG  A 1 14 ? -0.05411  3.36769   -5.62837  1.000 29.04973 ? 14  DG  A N3    1 
ATOM   294  C  C4    . DG  A 1 14 ? 0.99775   2.52826   -5.73206  1.000 32.46481 ? 14  DG  A C4    1 
ATOM   295  P  P     . DG  A 1 15 ? 0.86125   4.25856   -11.77979 1.000 46.93594 ? 15  DG  A P     1 
ATOM   296  O  OP1   . DG  A 1 15 ? -0.04196  4.33162   -12.95612 1.000 54.85707 ? 15  DG  A OP1   1 
ATOM   297  O  OP2   . DG  A 1 15 ? 2.33117   4.25540   -11.96151 1.000 44.12018 ? 15  DG  A OP2   1 
ATOM   298  O  "O5'" . DG  A 1 15 ? 0.43156   5.44393   -10.80331 1.000 36.86172 ? 15  DG  A "O5'" 1 
ATOM   299  C  "C5'" . DG  A 1 15 ? -0.73828  5.31659   -10.06920 1.000 31.45408 ? 15  DG  A "C5'" 1 
ATOM   300  C  "C4'" . DG  A 1 15 ? -1.03392  6.58246   -9.30836  1.000 40.55735 ? 15  DG  A "C4'" 1 
ATOM   301  O  "O4'" . DG  A 1 15 ? -0.76534  6.36659   -7.89751  1.000 42.23818 ? 15  DG  A "O4'" 1 
ATOM   302  C  "C3'" . DG  A 1 15 ? -0.22417  7.81212   -9.73043  1.000 39.51939 ? 15  DG  A "C3'" 1 
ATOM   303  O  "O3'" . DG  A 1 15 ? -1.07771  8.96505   -9.75589  1.000 37.14844 ? 15  DG  A "O3'" 1 
ATOM   304  C  "C2'" . DG  A 1 15 ? 0.84949   7.91793   -8.64981  1.000 34.17300 ? 15  DG  A "C2'" 1 
ATOM   305  C  "C1'" . DG  A 1 15 ? 0.15016   7.32926   -7.41709  1.000 37.36981 ? 15  DG  A "C1'" 1 
ATOM   306  N  N9    . DG  A 1 15 ? 1.07253   6.65363   -6.51124  1.000 33.57589 ? 15  DG  A N9    1 
ATOM   307  C  C8    . DG  A 1 15 ? 2.04062   5.75377   -6.86915  1.000 30.98316 ? 15  DG  A C8    1 
ATOM   308  N  N7    . DG  A 1 15 ? 2.73161   5.31266   -5.86932  1.000 31.07839 ? 15  DG  A N7    1 
ATOM   309  C  C5    . DG  A 1 15 ? 2.19784   5.95952   -4.77034  1.000 29.78934 ? 15  DG  A C5    1 
ATOM   310  C  C6    . DG  A 1 15 ? 2.56263   5.87357   -3.41207  1.000 30.85023 ? 15  DG  A C6    1 
ATOM   311  O  O6    . DG  A 1 15 ? 3.45004   5.16618   -2.89694  1.000 34.18825 ? 15  DG  A O6    1 
ATOM   312  N  N1    . DG  A 1 15 ? 1.77476   6.69525   -2.61746  1.000 27.86117 ? 15  DG  A N1    1 
ATOM   313  C  C2    . DG  A 1 15 ? 0.77352   7.50103   -3.08363  1.000 29.94195 ? 15  DG  A C2    1 
ATOM   314  N  N2    . DG  A 1 15 ? 0.12865   8.21422   -2.16315  1.000 30.74694 ? 15  DG  A N2    1 
ATOM   315  N  N3    . DG  A 1 15 ? 0.42605   7.60003   -4.36270  1.000 29.80710 ? 15  DG  A N3    1 
ATOM   316  C  C4    . DG  A 1 15 ? 1.17225   6.79289   -5.14344  1.000 29.54581 ? 15  DG  A C4    1 
ATOM   317  P  P     . DG  A 1 16 ? -0.48672  10.42715  -10.06089 1.000 46.84435 ? 16  DG  A P     1 
ATOM   318  O  OP1   . DG  A 1 16 ? -1.54240  11.21620  -10.74851 1.000 45.13412 ? 16  DG  A OP1   1 
ATOM   319  O  OP2   . DG  A 1 16 ? 0.83486   10.28645  -10.72054 1.000 41.22922 ? 16  DG  A OP2   1 
ATOM   320  O  "O5'" . DG  A 1 16 ? -0.30399  11.04026  -8.60351  1.000 37.89414 ? 16  DG  A "O5'" 1 
ATOM   321  C  "C5'" . DG  A 1 16 ? -1.38129  10.94423  -7.67895  1.000 38.82756 ? 16  DG  A "C5'" 1 
ATOM   322  C  "C4'" . DG  A 1 16 ? -1.32481  12.03738  -6.62033  1.000 37.20469 ? 16  DG  A "C4'" 1 
ATOM   323  O  "O4'" . DG  A 1 16 ? -0.66457  11.54286  -5.43029  1.000 35.56674 ? 16  DG  A "O4'" 1 
ATOM   324  C  "C3'" . DG  A 1 16 ? -0.55490  13.28886  -7.01007  1.000 42.61983 ? 16  DG  A "C3'" 1 
ATOM   325  O  "O3'" . DG  A 1 16 ? -1.07126  14.41055  -6.25623  1.000 44.03426 ? 16  DG  A "O3'" 1 
ATOM   326  C  "C2'" . DG  A 1 16 ? 0.86289   12.92173  -6.59007  1.000 35.53167 ? 16  DG  A "C2'" 1 
ATOM   327  C  "C1'" . DG  A 1 16 ? 0.60193   12.18025  -5.27946  1.000 37.23032 ? 16  DG  A "C1'" 1 
ATOM   328  N  N9    . DG  A 1 16 ? 1.62548   11.17100  -4.95843  1.000 35.80201 ? 16  DG  A N9    1 
ATOM   329  C  C8    . DG  A 1 16 ? 2.26800   10.34348  -5.84774  1.000 34.83613 ? 16  DG  A C8    1 
ATOM   330  N  N7    . DG  A 1 16 ? 3.13244   9.54492   -5.28662  1.000 31.79494 ? 16  DG  A N7    1 
ATOM   331  C  C5    . DG  A 1 16 ? 3.06070   9.85494   -3.93611  1.000 31.66731 ? 16  DG  A C5    1 
ATOM   332  C  C6    . DG  A 1 16 ? 3.78075   9.31220   -2.83606  1.000 32.75107 ? 16  DG  A C6    1 
ATOM   333  O  O6    . DG  A 1 16 ? 4.64453   8.41618   -2.84191  1.000 33.17747 ? 16  DG  A O6    1 
ATOM   334  N  N1    . DG  A 1 16 ? 3.41666   9.90448   -1.64354  1.000 28.33609 ? 16  DG  A N1    1 
ATOM   335  C  C2    . DG  A 1 16 ? 2.47958   10.89152  -1.51531  1.000 34.79182 ? 16  DG  A C2    1 
ATOM   336  N  N2    . DG  A 1 16 ? 2.26631   11.33382  -0.26915  1.000 33.68622 ? 16  DG  A N2    1 
ATOM   337  N  N3    . DG  A 1 16 ? 1.79818   11.41833  -2.53818  1.000 35.18531 ? 16  DG  A N3    1 
ATOM   338  C  C4    . DG  A 1 16 ? 2.14135   10.85266  -3.71355  1.000 29.70004 ? 16  DG  A C4    1 
ATOM   339  P  P     . DT  A 1 17 ? -1.17679  15.88166  -6.91012  1.000 50.49101 ? 17  DT  A P     1 
ATOM   340  O  OP1   . DT  A 1 17 ? -0.21273  15.98542  -8.04622  1.000 34.56531 ? 17  DT  A OP1   1 
ATOM   341  O  OP2   . DT  A 1 17 ? -1.13008  16.78448  -5.73655  1.000 41.94742 ? 17  DT  A OP2   1 
ATOM   342  O  "O5'" . DT  A 1 17 ? -2.68597  16.02607  -7.47478  1.000 44.83098 ? 17  DT  A "O5'" 1 
ATOM   343  C  "C5'" . DT  A 1 17 ? -3.56850  14.90272  -7.61211  1.000 44.75661 ? 17  DT  A "C5'" 1 
ATOM   344  C  "C4'" . DT  A 1 17 ? -4.18040  14.86013  -8.99767  1.000 43.12600 ? 17  DT  A "C4'" 1 
ATOM   345  O  "O4'" . DT  A 1 17 ? -3.78695  13.63052  -9.65148  1.000 52.15700 ? 17  DT  A "O4'" 1 
ATOM   346  C  "C3'" . DT  A 1 17 ? -5.72169  14.89780  -9.04841  1.000 52.03065 ? 17  DT  A "C3'" 1 
ATOM   347  O  "O3'" . DT  A 1 17 ? -6.18518  15.84921  -10.04533 1.000 52.06974 ? 17  DT  A "O3'" 1 
ATOM   348  C  "C2'" . DT  A 1 17 ? -6.09744  13.47024  -9.43431  1.000 46.38484 ? 17  DT  A "C2'" 1 
ATOM   349  C  "C1'" . DT  A 1 17 ? -4.91042  13.07623  -10.29512 1.000 48.95169 ? 17  DT  A "C1'" 1 
ATOM   350  N  N1    . DT  A 1 17 ? -4.71967  11.61387  -10.39573 1.000 43.87640 ? 17  DT  A N1    1 
ATOM   351  C  C2    . DT  A 1 17 ? -4.47738  11.05409  -11.61993 1.000 46.25352 ? 17  DT  A C2    1 
ATOM   352  O  O2    . DT  A 1 17 ? -4.38988  11.70693  -12.64631 1.000 54.66178 ? 17  DT  A O2    1 
ATOM   353  N  N3    . DT  A 1 17 ? -4.33244  9.69463   -11.60496 1.000 44.29809 ? 17  DT  A N3    1 
ATOM   354  C  C4    . DT  A 1 17 ? -4.39376  8.86091   -10.49961 1.000 45.22051 ? 17  DT  A C4    1 
ATOM   355  O  O4    . DT  A 1 17 ? -4.23907  7.64741   -10.57707 1.000 46.99650 ? 17  DT  A O4    1 
ATOM   356  C  C5    . DT  A 1 17 ? -4.65587  9.51803   -9.24988  1.000 45.02238 ? 17  DT  A C5    1 
ATOM   357  C  C7    . DT  A 1 17 ? -4.75549  8.71918   -7.98467  1.000 35.81633 ? 17  DT  A C7    1 
ATOM   358  C  C6    . DT  A 1 17 ? -4.80620  10.84868  -9.25995  1.000 44.29141 ? 17  DT  A C6    1 
ATOM   359  P  P     . DT  A 1 18 ? -7.28650  16.95766  -9.64988  1.000 56.16949 ? 18  DT  A P     1 
ATOM   360  O  OP1   . DT  A 1 18 ? -7.39144  17.86219  -10.80868 1.000 47.05754 ? 18  DT  A OP1   1 
ATOM   361  O  OP2   . DT  A 1 18 ? -7.01320  17.47436  -8.28635  1.000 49.42648 ? 18  DT  A OP2   1 
ATOM   362  O  "O5'" . DT  A 1 18 ? -8.64088  16.13637  -9.45298  1.000 46.91901 ? 18  DT  A "O5'" 1 
ATOM   363  C  "C5'" . DT  A 1 18 ? -9.51351  16.48978  -8.38484  1.000 40.38080 ? 18  DT  A "C5'" 1 
ATOM   364  C  "C4'" . DT  A 1 18 ? -10.65216 15.49722  -8.26526  1.000 40.51495 ? 18  DT  A "C4'" 1 
ATOM   365  O  "O4'" . DT  A 1 18 ? -11.15465 15.18032  -9.58528  1.000 44.45781 ? 18  DT  A "O4'" 1 
ATOM   366  C  "C3'" . DT  A 1 18 ? -10.26034 14.15352  -7.68895  1.000 49.71423 ? 18  DT  A "C3'" 1 
ATOM   367  O  "O3'" . DT  A 1 18 ? -10.24617 14.21714  -6.26183  1.000 54.56192 ? 18  DT  A "O3'" 1 
ATOM   368  C  "C2'" . DT  A 1 18 ? -11.37600 13.24680  -8.22183  1.000 44.23106 ? 18  DT  A "C2'" 1 
ATOM   369  C  "C1'" . DT  A 1 18 ? -11.61115 13.83459  -9.61933  1.000 39.70324 ? 18  DT  A "C1'" 1 
ATOM   370  N  N1    . DT  A 1 18 ? -10.87892 13.12970  -10.70477 1.000 37.04358 ? 18  DT  A N1    1 
ATOM   371  C  C2    . DT  A 1 18 ? -11.34476 11.91517  -11.16011 1.000 41.99318 ? 18  DT  A C2    1 
ATOM   372  O  O2    . DT  A 1 18 ? -12.34323 11.36880  -10.71945 1.000 44.88445 ? 18  DT  A O2    1 
ATOM   373  N  N3    . DT  A 1 18 ? -10.59947 11.35786  -12.16318 1.000 38.53537 ? 18  DT  A N3    1 
ATOM   374  C  C4    . DT  A 1 18 ? -9.46219  11.87958  -12.74384 1.000 38.12144 ? 18  DT  A C4    1 
ATOM   375  O  O4    . DT  A 1 18 ? -8.86152  11.30345  -13.63919 1.000 43.44927 ? 18  DT  A O4    1 
ATOM   376  C  C5    . DT  A 1 18 ? -9.02520  13.14473  -12.22412 1.000 37.62961 ? 18  DT  A C5    1 
ATOM   377  C  C7    . DT  A 1 18 ? -7.79859  13.79213  -12.78201 1.000 34.90450 ? 18  DT  A C7    1 
ATOM   378  C  C6    . DT  A 1 18 ? -9.74870  13.71034  -11.24347 1.000 39.21413 ? 18  DT  A C6    1 
ATOM   379  P  P     . DA  A 1 19 ? -8.97385  13.66791  -5.45017  1.000 52.23602 ? 19  DA  A P     1 
ATOM   380  O  OP1   . DA  A 1 19 ? -9.16196  14.02054  -4.02576  1.000 42.06037 ? 19  DA  A OP1   1 
ATOM   381  O  OP2   . DA  A 1 19 ? -7.74124  14.10739  -6.14919  1.000 48.07827 ? 19  DA  A OP2   1 
ATOM   382  O  "O5'" . DA  A 1 19 ? -9.08769  12.08726  -5.64657  1.000 51.08074 ? 19  DA  A "O5'" 1 
ATOM   383  C  "C5'" . DA  A 1 19 ? -10.24269 11.37815  -5.18138  1.000 42.92381 ? 19  DA  A "C5'" 1 
ATOM   384  C  "C4'" . DA  A 1 19 ? -9.98545  9.87408   -5.16108  1.000 42.66151 ? 19  DA  A "C4'" 1 
ATOM   385  O  "O4'" . DA  A 1 19 ? -9.95191  9.36098   -6.51830  1.000 44.13819 ? 19  DA  A "O4'" 1 
ATOM   386  C  "C3'" . DA  A 1 19 ? -8.66535  9.44630   -4.53260  1.000 40.45969 ? 19  DA  A "C3'" 1 
ATOM   387  O  "O3'" . DA  A 1 19 ? -8.82646  8.19537   -3.88484  1.000 44.28937 ? 19  DA  A "O3'" 1 
ATOM   388  C  "C2'" . DA  A 1 19 ? -7.74593  9.32679   -5.75086  1.000 35.37673 ? 19  DA  A "C2'" 1 
ATOM   389  C  "C1'" . DA  A 1 19 ? -8.70372  8.76043   -6.78069  1.000 37.81238 ? 19  DA  A "C1'" 1 
ATOM   390  N  N9    . DA  A 1 19 ? -8.35784  9.06819   -8.15799  1.000 38.51174 ? 19  DA  A N9    1 
ATOM   391  C  C8    . DA  A 1 19 ? -8.37187  10.29695  -8.74900  1.000 38.14417 ? 19  DA  A C8    1 
ATOM   392  N  N7    . DA  A 1 19 ? -8.03483  10.27938  -10.01392 1.000 38.22730 ? 19  DA  A N7    1 
ATOM   393  C  C5    . DA  A 1 19 ? -7.79763  8.94073   -10.27801 1.000 43.92158 ? 19  DA  A C5    1 
ATOM   394  C  C6    . DA  A 1 19 ? -7.40842  8.25461   -11.45249 1.000 47.27866 ? 19  DA  A C6    1 
ATOM   395  N  N6    . DA  A 1 19 ? -7.18412  8.87019   -12.62202 1.000 44.59821 ? 19  DA  A N6    1 
ATOM   396  N  N1    . DA  A 1 19 ? -7.25569  6.90751   -11.37415 1.000 40.23114 ? 19  DA  A N1    1 
ATOM   397  C  C2    . DA  A 1 19 ? -7.48283  6.30705   -10.20395 1.000 40.62350 ? 19  DA  A C2    1 
ATOM   398  N  N3    . DA  A 1 19 ? -7.85156  6.84664   -9.03739  1.000 44.30076 ? 19  DA  A N3    1 
ATOM   399  C  C4    . DA  A 1 19 ? -7.99447  8.17839   -9.14526  1.000 42.10715 ? 19  DA  A C4    1 
ATOM   400  P  P     . DG  A 1 20 ? -9.45970  8.10848   -2.41267  1.000 55.40021 ? 20  DG  A P     1 
ATOM   401  O  OP1   . DG  A 1 20 ? -9.78073  6.68047   -2.15724  1.000 47.99750 ? 20  DG  A OP1   1 
ATOM   402  O  OP2   . DG  A 1 20 ? -10.51805 9.12690   -2.23188  1.000 41.84097 ? 20  DG  A OP2   1 
ATOM   403  O  "O5'" . DG  A 1 20 ? -8.27397  8.61166   -1.48559  1.000 47.96295 ? 20  DG  A "O5'" 1 
ATOM   404  C  "C5'" . DG  A 1 20 ? -7.09015  7.88400   -1.36363  1.000 35.92354 ? 20  DG  A "C5'" 1 
ATOM   405  C  "C4'" . DG  A 1 20 ? -6.38420  8.32416   -0.09824  1.000 35.88638 ? 20  DG  A "C4'" 1 
ATOM   406  O  "O4'" . DG  A 1 20 ? -5.34299  7.37739   0.25837   1.000 34.17536 ? 20  DG  A "O4'" 1 
ATOM   407  C  "C3'" . DG  A 1 20 ? -5.69427  9.67808   -0.17889  1.000 35.12875 ? 20  DG  A "C3'" 1 
ATOM   408  O  "O3'" . DG  A 1 20 ? -5.70914  10.24686  1.09714   1.000 39.88688 ? 20  DG  A "O3'" 1 
ATOM   409  C  "C2'" . DG  A 1 20 ? -4.28058  9.28160   -0.59097  1.000 37.75406 ? 20  DG  A "C2'" 1 
ATOM   410  C  "C1'" . DG  A 1 20 ? -4.08830  8.02388   0.23606   1.000 33.34118 ? 20  DG  A "C1'" 1 
ATOM   411  N  N9    . DG  A 1 20 ? -3.11910  7.09022   -0.30531  1.000 31.47384 ? 20  DG  A N9    1 
ATOM   412  C  C8    . DG  A 1 20 ? -2.99122  6.69140   -1.61213  1.000 29.31120 ? 20  DG  A C8    1 
ATOM   413  N  N7    . DG  A 1 20 ? -2.03003  5.81519   -1.79805  1.000 31.47715 ? 20  DG  A N7    1 
ATOM   414  C  C5    . DG  A 1 20 ? -1.50370  5.60642   -0.51421  1.000 34.38923 ? 20  DG  A C5    1 
ATOM   415  C  C6    . DG  A 1 20 ? -0.44332  4.76704   -0.07569  1.000 28.87206 ? 20  DG  A C6    1 
ATOM   416  O  O6    . DG  A 1 20 ? 0.26182   4.00740   -0.74388  1.000 31.12350 ? 20  DG  A O6    1 
ATOM   417  N  N1    . DG  A 1 20 ? -0.24066  4.86296   1.28434   1.000 27.60725 ? 20  DG  A N1    1 
ATOM   418  C  C2    . DG  A 1 20 ? -0.95463  5.67603   2.13205   1.000 34.38832 ? 20  DG  A C2    1 
ATOM   419  N  N2    . DG  A 1 20 ? -0.60054  5.64039   3.43010   1.000 31.48142 ? 20  DG  A N2    1 
ATOM   420  N  N3    . DG  A 1 20 ? -1.94395  6.46880   1.74294   1.000 33.18317 ? 20  DG  A N3    1 
ATOM   421  C  C4    . DG  A 1 20 ? -2.16425  6.38332   0.41019   1.000 33.83574 ? 20  DG  A C4    1 
ATOM   422  P  P     . DG  A 1 21 ? -5.11940  11.70919  1.37853   1.000 47.59115 ? 21  DG  A P     1 
ATOM   423  O  OP1   . DG  A 1 21 ? -6.17866  12.34164  2.19409   1.000 45.71079 ? 21  DG  A OP1   1 
ATOM   424  O  OP2   . DG  A 1 21 ? -4.60221  12.34775  0.14356   1.000 34.11142 ? 21  DG  A OP2   1 
ATOM   425  O  "O5'" . DG  A 1 21 ? -3.84848  11.43171  2.32084   1.000 44.70619 ? 21  DG  A "O5'" 1 
ATOM   426  C  "C5'" . DG  A 1 21 ? -4.01047  10.74483  3.55407   1.000 38.40368 ? 21  DG  A "C5'" 1 
ATOM   427  C  "C4'" . DG  A 1 21 ? -2.71187  10.72533  4.36099   1.000 44.93511 ? 21  DG  A "C4'" 1 
ATOM   428  O  "O4'" . DG  A 1 21 ? -1.86752  9.62046   3.93675   1.000 44.23086 ? 21  DG  A "O4'" 1 
ATOM   429  C  "C3'" . DG  A 1 21 ? -1.83578  11.98556  4.26722   1.000 42.88683 ? 21  DG  A "C3'" 1 
ATOM   430  O  "O3'" . DG  A 1 21 ? -1.25326  12.23587  5.54427   1.000 47.45867 ? 21  DG  A "O3'" 1 
ATOM   431  C  "C2'" . DG  A 1 21 ? -0.77985  11.57337  3.25603   1.000 38.12930 ? 21  DG  A "C2'" 1 
ATOM   432  C  "C1'" . DG  A 1 21 ? -0.57082  10.11971  3.64713   1.000 44.47572 ? 21  DG  A "C1'" 1 
ATOM   433  N  N9    . DG  A 1 21 ? 0.06554   9.30649   2.58938   1.000 44.39378 ? 21  DG  A N9    1 
ATOM   434  C  C8    . DG  A 1 21 ? -0.21476  9.33008   1.24393   1.000 36.00170 ? 21  DG  A C8    1 
ATOM   435  N  N7    . DG  A 1 21 ? 0.52271   8.51540   0.54381   1.000 35.60140 ? 21  DG  A N7    1 
ATOM   436  C  C5    . DG  A 1 21 ? 1.35307   7.90787   1.48409   1.000 34.18399 ? 21  DG  A C5    1 
ATOM   437  C  C6    . DG  A 1 21 ? 2.37128   6.93822   1.31110   1.000 33.57863 ? 21  DG  A C6    1 
ATOM   438  O  O6    . DG  A 1 21 ? 2.75602   6.38269   0.25121   1.000 31.27685 ? 21  DG  A O6    1 
ATOM   439  N  N1    . DG  A 1 21 ? 2.96363   6.61188   2.52233   1.000 34.35944 ? 21  DG  A N1    1 
ATOM   440  C  C2    . DG  A 1 21 ? 2.62582   7.14735   3.73679   1.000 34.96309 ? 21  DG  A C2    1 
ATOM   441  N  N2    . DG  A 1 21 ? 3.31568   6.70134   4.79310   1.000 33.28722 ? 21  DG  A N2    1 
ATOM   442  N  N3    . DG  A 1 21 ? 1.68218   8.05011   3.90944   1.000 36.50062 ? 21  DG  A N3    1 
ATOM   443  C  C4    . DG  A 1 21 ? 1.09069   8.38539   2.74437   1.000 35.31655 ? 21  DG  A C4    1 
ATOM   444  P  P     . DG  A 1 22 ? -0.38252  13.55632  5.84181   1.000 54.91066 ? 22  DG  A P     1 
ATOM   445  O  OP1   . DG  A 1 22 ? -1.00915  14.10135  7.06539   1.000 40.53421 ? 22  DG  A OP1   1 
ATOM   446  O  OP2   . DG  A 1 22 ? -0.09192  14.37884  4.63463   1.000 43.25654 ? 22  DG  A OP2   1 
ATOM   447  O  "O5'" . DG  A 1 22 ? 1.04938   12.98030  6.22405   1.000 49.85606 ? 22  DG  A "O5'" 1 
ATOM   448  C  "C5'" . DG  A 1 22 ? 1.20269   12.06234  7.30396   1.000 42.48768 ? 22  DG  A "C5'" 1 
ATOM   449  C  "C4'" . DG  A 1 22 ? 2.67114   11.81216  7.52438   1.000 39.74454 ? 22  DG  A "C4'" 1 
ATOM   450  O  "O4'" . DG  A 1 22 ? 3.13480   10.85755  6.53157   1.000 49.73412 ? 22  DG  A "O4'" 1 
ATOM   451  C  "C3'" . DG  A 1 22 ? 3.54464   13.06457  7.35422   1.000 49.82738 ? 22  DG  A "C3'" 1 
ATOM   452  O  "O3'" . DG  A 1 22 ? 4.56520   13.11712  8.36037   1.000 58.35242 ? 22  DG  A "O3'" 1 
ATOM   453  C  "C2'" . DG  A 1 22 ? 4.12961   12.91257  5.94989   1.000 44.13834 ? 22  DG  A "C2'" 1 
ATOM   454  C  "C1'" . DG  A 1 22 ? 4.22815   11.39741  5.80843   1.000 47.01179 ? 22  DG  A "C1'" 1 
ATOM   455  N  N9    . DG  A 1 22 ? 4.15466   10.94163  4.42075   1.000 43.77870 ? 22  DG  A N9    1 
ATOM   456  C  C8    . DG  A 1 22 ? 3.31268   11.41968  3.44578   1.000 43.12687 ? 22  DG  A C8    1 
ATOM   457  N  N7    . DG  A 1 22 ? 3.47190   10.83454  2.28762   1.000 43.74284 ? 22  DG  A N7    1 
ATOM   458  C  C5    . DG  A 1 22 ? 4.48276   9.90396   2.50642   1.000 37.47412 ? 22  DG  A C5    1 
ATOM   459  C  C6    . DG  A 1 22 ? 5.06847   8.98108   1.61889   1.000 33.80799 ? 22  DG  A C6    1 
ATOM   460  O  O6    . DG  A 1 22 ? 4.81200   8.79819   0.42793   1.000 33.88208 ? 22  DG  A O6    1 
ATOM   461  N  N1    . DG  A 1 22 ? 6.05481   8.22852   2.23371   1.000 36.43214 ? 22  DG  A N1    1 
ATOM   462  C  C2    . DG  A 1 22 ? 6.42452   8.34360   3.54905   1.000 35.35609 ? 22  DG  A C2    1 
ATOM   463  N  N2    . DG  A 1 22 ? 7.40699   7.52257   3.96137   1.000 29.21152 ? 22  DG  A N2    1 
ATOM   464  N  N3    . DG  A 1 22 ? 5.87777   9.20775   4.39901   1.000 37.02892 ? 22  DG  A N3    1 
ATOM   465  C  C4    . DG  A 1 22 ? 4.91773   9.95349   3.81138   1.000 39.55338 ? 22  DG  A C4    1 
ATOM   466  O  "O5'" . DA  B 1 1  ? 0.31359   -7.60128  -9.36308  1.000 61.32579 ? 1   DA  B "O5'" 1 
ATOM   467  C  "C5'" . DA  B 1 1  ? 1.57442   -7.33362  -9.99390  1.000 64.07423 ? 1   DA  B "C5'" 1 
ATOM   468  C  "C4'" . DA  B 1 1  ? 2.48085   -8.56675  -9.96814  1.000 58.29666 ? 1   DA  B "C4'" 1 
ATOM   469  O  "O4'" . DA  B 1 1  ? 3.29899   -8.59270  -11.17299 1.000 56.43528 ? 1   DA  B "O4'" 1 
ATOM   470  C  "C3'" . DA  B 1 1  ? 3.45138   -8.63931  -8.77597  1.000 55.44892 ? 1   DA  B "C3'" 1 
ATOM   471  O  "O3'" . DA  B 1 1  ? 3.33754   -9.90246  -8.12774  1.000 54.44870 ? 1   DA  B "O3'" 1 
ATOM   472  C  "C2'" . DA  B 1 1  ? 4.83953   -8.43798  -9.40868  1.000 52.51300 ? 1   DA  B "C2'" 1 
ATOM   473  C  "C1'" . DA  B 1 1  ? 4.62556   -8.93427  -10.83932 1.000 52.80507 ? 1   DA  B "C1'" 1 
ATOM   474  N  N9    . DA  B 1 1  ? 5.54501   -8.33563  -11.83445 1.000 50.39082 ? 1   DA  B N9    1 
ATOM   475  C  C8    . DA  B 1 1  ? 5.21920   -7.51556  -12.90369 1.000 45.17100 ? 1   DA  B C8    1 
ATOM   476  N  N7    . DA  B 1 1  ? 6.26780   -7.13908  -13.62425 1.000 40.20065 ? 1   DA  B N7    1 
ATOM   477  C  C5    . DA  B 1 1  ? 7.34726   -7.76452  -12.99137 1.000 38.11468 ? 1   DA  B C5    1 
ATOM   478  C  C6    . DA  B 1 1  ? 8.73841   -7.77217  -13.25573 1.000 41.24519 ? 1   DA  B C6    1 
ATOM   479  N  N6    . DA  B 1 1  ? 9.29695   -7.11005  -14.26529 1.000 39.55858 ? 1   DA  B N6    1 
ATOM   480  N  N1    . DA  B 1 1  ? 9.53694   -8.48541  -12.42679 1.000 42.06571 ? 1   DA  B N1    1 
ATOM   481  C  C2    . DA  B 1 1  ? 8.97649   -9.15110  -11.40295 1.000 45.37580 ? 1   DA  B C2    1 
ATOM   482  N  N3    . DA  B 1 1  ? 7.68718   -9.22701  -11.05551 1.000 44.10461 ? 1   DA  B N3    1 
ATOM   483  C  C4    . DA  B 1 1  ? 6.91851   -8.50332  -11.89443 1.000 40.86730 ? 1   DA  B C4    1 
ATOM   484  P  P     . DG  B 1 2  ? 3.20033   -10.00078 -6.52317  1.000 53.63634 ? 2   DG  B P     1 
ATOM   485  O  OP1   . DG  B 1 2  ? 3.09669   -11.42815 -6.16620  1.000 54.19533 ? 2   DG  B OP1   1 
ATOM   486  O  OP2   . DG  B 1 2  ? 2.15841   -9.05936  -6.06254  1.000 51.10188 ? 2   DG  B OP2   1 
ATOM   487  O  "O5'" . DG  B 1 2  ? 4.62299   -9.54071  -5.97606  1.000 52.66696 ? 2   DG  B "O5'" 1 
ATOM   488  C  "C5'" . DG  B 1 2  ? 4.71532   -8.38521  -5.17738  1.000 48.30436 ? 2   DG  B "C5'" 1 
ATOM   489  C  "C4'" . DG  B 1 2  ? 5.34542   -8.68540  -3.83041  1.000 39.64382 ? 2   DG  B "C4'" 1 
ATOM   490  O  "O4'" . DG  B 1 2  ? 5.00024   -7.61197  -2.93640  1.000 43.13687 ? 2   DG  B "O4'" 1 
ATOM   491  C  "C3'" . DG  B 1 2  ? 4.86353   -9.95801  -3.12716  1.000 39.50483 ? 2   DG  B "C3'" 1 
ATOM   492  O  "O3'" . DG  B 1 2  ? 5.86135   -10.40769 -2.21564  1.000 42.69556 ? 2   DG  B "O3'" 1 
ATOM   493  C  "C2'" . DG  B 1 2  ? 3.62423   -9.47741  -2.38774  1.000 39.09234 ? 2   DG  B "C2'" 1 
ATOM   494  C  "C1'" . DG  B 1 2  ? 4.00128   -8.03744  -2.02355  1.000 43.23143 ? 2   DG  B "C1'" 1 
ATOM   495  N  N9    . DG  B 1 2  ? 2.87874   -7.10103  -2.09328  1.000 37.72887 ? 2   DG  B N9    1 
ATOM   496  C  C8    . DG  B 1 2  ? 2.16403   -6.74568  -3.20526  1.000 33.34384 ? 2   DG  B C8    1 
ATOM   497  N  N7    . DG  B 1 2  ? 1.19958   -5.89682  -2.95692  1.000 31.19233 ? 2   DG  B N7    1 
ATOM   498  C  C5    . DG  B 1 2  ? 1.28771   -5.66948  -1.59738  1.000 33.00549 ? 2   DG  B C5    1 
ATOM   499  C  C6    . DG  B 1 2  ? 0.51046   -4.83266  -0.75885  1.000 33.44348 ? 2   DG  B C6    1 
ATOM   500  O  O6    . DG  B 1 2  ? -0.43695  -4.10679  -1.06639  1.000 35.51655 ? 2   DG  B O6    1 
ATOM   501  N  N1    . DG  B 1 2  ? 0.93009   -4.89639  0.56556   1.000 32.93413 ? 2   DG  B N1    1 
ATOM   502  C  C2    . DG  B 1 2  ? 1.96736   -5.68323  1.02807   1.000 31.81526 ? 2   DG  B C2    1 
ATOM   503  N  N2    . DG  B 1 2  ? 2.20977   -5.62511  2.34212   1.000 29.81763 ? 2   DG  B N2    1 
ATOM   504  N  N3    . DG  B 1 2  ? 2.71021   -6.46623  0.25566   1.000 30.08472 ? 2   DG  B N3    1 
ATOM   505  C  C4    . DG  B 1 2  ? 2.31390   -6.41014  -1.04386  1.000 36.10435 ? 2   DG  B C4    1 
ATOM   506  P  P     . DG  B 1 3  ? 5.64462   -11.70264 -1.27299  1.000 50.54078 ? 3   DG  B P     1 
ATOM   507  O  OP1   . DG  B 1 3  ? 7.00141   -12.07293 -0.82281  1.000 47.33900 ? 3   DG  B OP1   1 
ATOM   508  O  OP2   . DG  B 1 3  ? 4.72505   -12.71259 -1.86323  1.000 46.28400 ? 3   DG  B OP2   1 
ATOM   509  O  "O5'" . DG  B 1 3  ? 4.88020   -11.14460 -0.00523  1.000 42.06497 ? 3   DG  B "O5'" 1 
ATOM   510  C  "C5'" . DG  B 1 3  ? 5.50684   -11.14996 1.23712   1.000 36.55892 ? 3   DG  B "C5'" 1 
ATOM   511  C  "C4'" . DG  B 1 3  ? 4.49958   -10.85100 2.30910   1.000 35.37720 ? 3   DG  B "C4'" 1 
ATOM   512  O  "O4'" . DG  B 1 3  ? 3.57563   -9.84633  1.83913   1.000 34.16324 ? 3   DG  B "O4'" 1 
ATOM   513  C  "C3'" . DG  B 1 3  ? 3.64542   -12.04471 2.71535   1.000 37.55865 ? 3   DG  B "C3'" 1 
ATOM   514  O  "O3'" . DG  B 1 3  ? 4.03395   -12.43774 4.00213   1.000 32.08621 ? 3   DG  B "O3'" 1 
ATOM   515  C  "C2'" . DG  B 1 3  ? 2.18403   -11.52532 2.66352   1.000 34.46983 ? 3   DG  B "C2'" 1 
ATOM   516  C  "C1'" . DG  B 1 3  ? 2.36119   -10.01325 2.52306   1.000 34.69660 ? 3   DG  B "C1'" 1 
ATOM   517  N  N9    . DG  B 1 3  ? 1.28879   -9.32931  1.77541   1.000 35.17059 ? 3   DG  B N9    1 
ATOM   518  C  C8    . DG  B 1 3  ? 1.02900   -9.40779  0.42235   1.000 35.08019 ? 3   DG  B C8    1 
ATOM   519  N  N7    . DG  B 1 3  ? 0.01622   -8.67904  0.04084   1.000 32.14691 ? 3   DG  B N7    1 
ATOM   520  C  C5    . DG  B 1 3  ? -0.41468  -8.06103  1.20763   1.000 30.78902 ? 3   DG  B C5    1 
ATOM   521  C  C6    . DG  B 1 3  ? -1.47775  -7.15575  1.41803   1.000 29.51699 ? 3   DG  B C6    1 
ATOM   522  O  O6    . DG  B 1 3  ? -2.26976  -6.69119  0.58701   1.000 32.56077 ? 3   DG  B O6    1 
ATOM   523  N  N1    . DG  B 1 3  ? -1.58004  -6.78383  2.75084   1.000 28.45339 ? 3   DG  B N1    1 
ATOM   524  C  C2    . DG  B 1 3  ? -0.75790  -7.21969  3.75632   1.000 29.24578 ? 3   DG  B C2    1 
ATOM   525  N  N2    . DG  B 1 3  ? -1.01677  -6.74308  4.98143   1.000 27.27904 ? 3   DG  B N2    1 
ATOM   526  N  N3    . DG  B 1 3  ? 0.24318   -8.06564  3.57746   1.000 31.48013 ? 3   DG  B N3    1 
ATOM   527  C  C4    . DG  B 1 3  ? 0.35821   -8.44410  2.28134   1.000 32.30538 ? 3   DG  B C4    1 
ATOM   528  P  P     . DG  B 1 4  ? 3.21672   -13.54597 4.81131   1.000 38.95046 ? 4   DG  B P     1 
ATOM   529  O  OP1   . DG  B 1 4  ? 4.15132   -14.09040 5.83257   1.000 44.52321 ? 4   DG  B OP1   1 
ATOM   530  O  OP2   . DG  B 1 4  ? 2.58411   -14.48240 3.85722   1.000 36.69943 ? 4   DG  B OP2   1 
ATOM   531  O  "O5'" . DG  B 1 4  ? 2.07373   -12.70277 5.54000   1.000 31.81687 ? 4   DG  B "O5'" 1 
ATOM   532  C  "C5'" . DG  B 1 4  ? 2.36538   -11.91566 6.68123   1.000 30.49027 ? 4   DG  B "C5'" 1 
ATOM   533  C  "C4'" . DG  B 1 4  ? 1.10329   -11.67014 7.49956   1.000 36.77306 ? 4   DG  B "C4'" 1 
ATOM   534  O  "O4'" . DG  B 1 4  ? 0.23396   -10.75303 6.78425   1.000 39.59100 ? 4   DG  B "O4'" 1 
ATOM   535  C  "C3'" . DG  B 1 4  ? 0.25412   -12.91810 7.78613   1.000 36.51263 ? 4   DG  B "C3'" 1 
ATOM   536  O  "O3'" . DG  B 1 4  ? -0.25772  -12.86940 9.11849   1.000 40.98278 ? 4   DG  B "O3'" 1 
ATOM   537  C  "C2'" . DG  B 1 4  ? -0.86804  -12.81559 6.75420   1.000 31.87430 ? 4   DG  B "C2'" 1 
ATOM   538  C  "C1'" . DG  B 1 4  ? -1.06530  -11.31140 6.66279   1.000 33.26144 ? 4   DG  B "C1'" 1 
ATOM   539  N  N9    . DG  B 1 4  ? -1.64229  -10.86558 5.38913   1.000 33.56395 ? 4   DG  B N9    1 
ATOM   540  C  C8    . DG  B 1 4  ? -1.26275  -11.27006 4.13271   1.000 32.31543 ? 4   DG  B C8    1 
ATOM   541  N  N7    . DG  B 1 4  ? -1.94583  -10.70521 3.17400   1.000 35.79773 ? 4   DG  B N7    1 
ATOM   542  C  C5    . DG  B 1 4  ? -2.83110  -9.85228  3.83411   1.000 32.48926 ? 4   DG  B C5    1 
ATOM   543  C  C6    . DG  B 1 4  ? -3.82248  -8.97392  3.30968   1.000 28.86654 ? 4   DG  B C6    1 
ATOM   544  O  O6    . DG  B 1 4  ? -4.12001  -8.76690  2.12477   1.000 27.75273 ? 4   DG  B O6    1 
ATOM   545  N  N1    . DG  B 1 4  ? -4.50248  -8.31088  4.31406   1.000 26.03186 ? 4   DG  B N1    1 
ATOM   546  C  C2    . DG  B 1 4  ? -4.25983  -8.46228  5.65348   1.000 30.25268 ? 4   DG  B C2    1 
ATOM   547  N  N2    . DG  B 1 4  ? -5.01596  -7.72639  6.47329   1.000 27.28908 ? 4   DG  B N2    1 
ATOM   548  N  N3    . DG  B 1 4  ? -3.32927  -9.27489  6.16149   1.000 34.43471 ? 4   DG  B N3    1 
ATOM   549  C  C4    . DG  B 1 4  ? -2.65729  -9.93679  5.19620   1.000 30.36070 ? 4   DG  B C4    1 
ATOM   550  P  P     . DT  B 1 5  ? -0.10340  -14.13914 10.10011  1.000 45.72759 ? 5   DT  B P     1 
ATOM   551  O  OP1   . DT  B 1 5  ? -0.73742  -15.32522 9.48537   1.000 40.70222 ? 5   DT  B OP1   1 
ATOM   552  O  OP2   . DT  B 1 5  ? -0.47071  -13.66833 11.45820  1.000 35.46954 ? 5   DT  B OP2   1 
ATOM   553  O  "O5'" . DT  B 1 5  ? 1.44697   -14.45090 10.07976  1.000 31.25209 ? 5   DT  B "O5'" 1 
ATOM   554  C  "C5'" . DT  B 1 5  ? 2.32221   -13.68742 10.84376  1.000 31.36908 ? 5   DT  B "C5'" 1 
ATOM   555  C  "C4'" . DT  B 1 5  ? 3.72347   -14.15699 10.59248  1.000 36.05173 ? 5   DT  B "C4'" 1 
ATOM   556  O  "O4'" . DT  B 1 5  ? 4.14728   -13.77603 9.26316   1.000 36.31211 ? 5   DT  B "O4'" 1 
ATOM   557  C  "C3'" . DT  B 1 5  ? 4.77337   -13.61423 11.55648  1.000 41.60996 ? 5   DT  B "C3'" 1 
ATOM   558  O  "O3'" . DT  B 1 5  ? 5.41294   -14.71159 12.21351  1.000 47.61054 ? 5   DT  B "O3'" 1 
ATOM   559  C  "C2'" . DT  B 1 5  ? 5.74519   -12.84877 10.64897  1.000 40.51404 ? 5   DT  B "C2'" 1 
ATOM   560  C  "C1'" . DT  B 1 5  ? 5.52438   -13.53879 9.31599   1.000 39.03854 ? 5   DT  B "C1'" 1 
ATOM   561  N  N1    . DT  B 1 5  ? 5.91342   -12.72924 8.15016   1.000 37.34279 ? 5   DT  B N1    1 
ATOM   562  C  C2    . DT  B 1 5  ? 6.72694   -13.28670 7.20013   1.000 38.92997 ? 5   DT  B C2    1 
ATOM   563  O  O2    . DT  B 1 5  ? 7.14093   -14.42175 7.27259   1.000 46.72512 ? 5   DT  B O2    1 
ATOM   564  N  N3    . DT  B 1 5  ? 7.04046   -12.46901 6.15425   1.000 34.59090 ? 5   DT  B N3    1 
ATOM   565  C  C4    . DT  B 1 5  ? 6.62761   -11.16856 5.96498   1.000 37.62656 ? 5   DT  B C4    1 
ATOM   566  O  O4    . DT  B 1 5  ? 6.96188   -10.51593 4.98358   1.000 43.60098 ? 5   DT  B O4    1 
ATOM   567  C  C5    . DT  B 1 5  ? 5.77253   -10.63182 7.00521   1.000 38.83614 ? 5   DT  B C5    1 
ATOM   568  C  C7    . DT  B 1 5  ? 5.26286   -9.22418  6.91980   1.000 25.14799 ? 5   DT  B C7    1 
ATOM   569  C  C6    . DT  B 1 5  ? 5.46325   -11.43473 8.04090   1.000 39.88877 ? 5   DT  B C6    1 
ATOM   570  P  P     . DT  B 1 6  ? 5.42473   -14.79994 13.81911  1.000 48.40014 ? 6   DT  B P     1 
ATOM   571  O  OP1   . DT  B 1 6  ? 6.02641   -16.09557 14.19140  1.000 51.59921 ? 6   DT  B OP1   1 
ATOM   572  O  OP2   . DT  B 1 6  ? 4.09806   -14.42655 14.34576  1.000 41.42574 ? 6   DT  B OP2   1 
ATOM   573  O  "O5'" . DT  B 1 6  ? 6.46207   -13.66568 14.21708  1.000 45.88502 ? 6   DT  B "O5'" 1 
ATOM   574  C  "C5'" . DT  B 1 6  ? 6.33998   -12.99028 15.43723  1.000 40.12887 ? 6   DT  B "C5'" 1 
ATOM   575  C  "C4'" . DT  B 1 6  ? 7.35201   -11.87714 15.48057  1.000 33.98805 ? 6   DT  B "C4'" 1 
ATOM   576  O  "O4'" . DT  B 1 6  ? 8.65673   -12.41783 15.16774  1.000 36.80130 ? 6   DT  B "O4'" 1 
ATOM   577  C  "C3'" . DT  B 1 6  ? 7.13614   -10.82314 14.43312  1.000 38.91015 ? 6   DT  B "C3'" 1 
ATOM   578  O  "O3'" . DT  B 1 6  ? 6.16924   -9.89799  14.89361  1.000 46.53956 ? 6   DT  B "O3'" 1 
ATOM   579  C  "C2'" . DT  B 1 6  ? 8.53420   -10.20936 14.33513  1.000 39.61067 ? 6   DT  B "C2'" 1 
ATOM   580  C  "C1'" . DT  B 1 6  ? 9.42804   -11.44784 14.48955  1.000 38.33683 ? 6   DT  B "C1'" 1 
ATOM   581  N  N1    . DT  B 1 6  ? 9.88371   -12.02711 13.19023  1.000 34.79459 ? 6   DT  B N1    1 
ATOM   582  C  C2    . DT  B 1 6  ? 10.91726  -11.42046 12.51284  1.000 40.67529 ? 6   DT  B C2    1 
ATOM   583  O  O2    . DT  B 1 6  ? 11.49996  -10.43207 12.92373  1.000 45.64832 ? 6   DT  B O2    1 
ATOM   584  N  N3    . DT  B 1 6  ? 11.25511  -12.01344 11.33361  1.000 39.22789 ? 6   DT  B N3    1 
ATOM   585  C  C4    . DT  B 1 6  ? 10.67318  -13.12732 10.77009  1.000 39.58790 ? 6   DT  B C4    1 
ATOM   586  O  O4    . DT  B 1 6  ? 11.04176  -13.58579 9.69244   1.000 43.90300 ? 6   DT  B O4    1 
ATOM   587  C  C5    . DT  B 1 6  ? 9.59631   -13.71128 11.52416  1.000 36.53643 ? 6   DT  B C5    1 
ATOM   588  C  C7    . DT  B 1 6  ? 8.89629   -14.92481 10.99781  1.000 39.70923 ? 6   DT  B C7    1 
ATOM   589  C  C6    . DT  B 1 6  ? 9.25128   -13.13873 12.68496  1.000 34.13527 ? 6   DT  B C6    1 
ATOM   590  P  P     . DA  B 1 7  ? 5.09364   -9.26486  13.88466  1.000 41.05725 ? 7   DA  B P     1 
ATOM   591  O  OP1   . DA  B 1 7  ? 4.33527   -8.28868  14.70219  1.000 31.68504 ? 7   DA  B OP1   1 
ATOM   592  O  OP2   . DA  B 1 7  ? 4.40389   -10.36516 13.17412  1.000 35.36589 ? 7   DA  B OP2   1 
ATOM   593  O  "O5'" . DA  B 1 7  ? 5.99488   -8.49386  12.82183  1.000 36.33008 ? 7   DA  B "O5'" 1 
ATOM   594  C  "C5'" . DA  B 1 7  ? 6.77059   -7.38961  13.22990  1.000 32.21676 ? 7   DA  B "C5'" 1 
ATOM   595  C  "C4'" . DA  B 1 7  ? 7.10405   -6.48112  12.05163  1.000 37.41842 ? 7   DA  B "C4'" 1 
ATOM   596  O  "O4'" . DA  B 1 7  ? 8.05589   -7.12522  11.17365  1.000 36.64836 ? 7   DA  B "O4'" 1 
ATOM   597  C  "C3'" . DA  B 1 7  ? 5.94690   -6.09643  11.15531  1.000 33.88997 ? 7   DA  B "C3'" 1 
ATOM   598  O  "O3'" . DA  B 1 7  ? 6.22421   -4.83859  10.59453  1.000 36.92688 ? 7   DA  B "O3'" 1 
ATOM   599  C  "C2'" . DA  B 1 7  ? 5.98925   -7.19488  10.09571  1.000 34.15102 ? 7   DA  B "C2'" 1 
ATOM   600  C  "C1'" . DA  B 1 7  ? 7.48601   -7.33114  9.90113   1.000 31.60237 ? 7   DA  B "C1'" 1 
ATOM   601  N  N9    . DA  B 1 7  ? 7.92565   -8.64547  9.44631   1.000 38.10993 ? 7   DA  B N9    1 
ATOM   602  C  C8    . DA  B 1 7  ? 7.81111   -9.82992  10.12071  1.000 35.09811 ? 7   DA  B C8    1 
ATOM   603  N  N7    . DA  B 1 7  ? 8.34037   -10.84660 9.49231   1.000 32.87990 ? 7   DA  B N7    1 
ATOM   604  C  C5    . DA  B 1 7  ? 8.85496   -10.29418 8.33298   1.000 35.07371 ? 7   DA  B C5    1 
ATOM   605  C  C6    . DA  B 1 7  ? 9.53968   -10.85333 7.24023   1.000 38.25404 ? 7   DA  B C6    1 
ATOM   606  N  N6    . DA  B 1 7  ? 9.83463   -12.15417 7.14174   1.000 43.48133 ? 7   DA  B N6    1 
ATOM   607  N  N1    . DA  B 1 7  ? 9.91455   -10.02609 6.24942   1.000 38.00059 ? 7   DA  B N1    1 
ATOM   608  C  C2    . DA  B 1 7  ? 9.62074   -8.72737  6.35212   1.000 38.88466 ? 7   DA  B C2    1 
ATOM   609  N  N3    . DA  B 1 7  ? 8.97702   -8.09118  7.32267   1.000 37.89624 ? 7   DA  B N3    1 
ATOM   610  C  C4    . DA  B 1 7  ? 8.61717   -8.93879  8.29115   1.000 36.46657 ? 7   DA  B C4    1 
ATOM   611  P  P     . DG  B 1 8  ? 5.38868   -3.55219  11.05676  1.000 42.81023 ? 8   DG  B P     1 
ATOM   612  O  OP1   . DG  B 1 8  ? 5.85757   -2.37679  10.27505  1.000 38.68479 ? 8   DG  B OP1   1 
ATOM   613  O  OP2   . DG  B 1 8  ? 5.40536   -3.51751  12.53506  1.000 43.13502 ? 8   DG  B OP2   1 
ATOM   614  O  "O5'" . DG  B 1 8  ? 3.90256   -3.94013  10.66647  1.000 32.91148 ? 8   DG  B "O5'" 1 
ATOM   615  C  "C5'" . DG  B 1 8  ? 3.34208   -3.51685  9.45965   1.000 32.04349 ? 8   DG  B "C5'" 1 
ATOM   616  C  "C4'" . DG  B 1 8  ? 1.92112   -3.06328  9.70319   1.000 30.24785 ? 8   DG  B "C4'" 1 
ATOM   617  O  "O4'" . DG  B 1 8  ? 1.33627   -2.56326  8.47145   1.000 37.64441 ? 8   DG  B "O4'" 1 
ATOM   618  C  "C3'" . DG  B 1 8  ? 0.97729   -4.14507  10.20417  1.000 33.17870 ? 8   DG  B "C3'" 1 
ATOM   619  O  "O3'" . DG  B 1 8  ? 0.02324   -3.54322  11.03551  1.000 35.53107 ? 8   DG  B "O3'" 1 
ATOM   620  C  "C2'" . DG  B 1 8  ? 0.35644   -4.66711  8.90499   1.000 35.61933 ? 8   DG  B "C2'" 1 
ATOM   621  C  "C1'" . DG  B 1 8  ? 0.24439   -3.38705  8.08129   1.000 35.08030 ? 8   DG  B "C1'" 1 
ATOM   622  N  N9    . DG  B 1 8  ? 0.31379   -3.58291  6.63248   1.000 28.15072 ? 8   DG  B N9    1 
ATOM   623  C  C8    . DG  B 1 8  ? 1.20033   -4.37456  5.93280   1.000 25.09557 ? 8   DG  B C8    1 
ATOM   624  N  N7    . DG  B 1 8  ? 1.03906   -4.32826  4.63219   1.000 22.53782 ? 8   DG  B N7    1 
ATOM   625  C  C5    . DG  B 1 8  ? -0.01988  -3.42406  4.45818   1.000 32.53971 ? 8   DG  B C5    1 
ATOM   626  C  C6    . DG  B 1 8  ? -0.67334  -2.97127  3.27101   1.000 26.47474 ? 8   DG  B C6    1 
ATOM   627  O  O6    . DG  B 1 8  ? -0.43121  -3.26138  2.08451   1.000 27.48805 ? 8   DG  B O6    1 
ATOM   628  N  N1    . DG  B 1 8  ? -1.69273  -2.08748  3.55909   1.000 24.76642 ? 8   DG  B N1    1 
ATOM   629  C  C2    . DG  B 1 8  ? -2.05414  -1.68101  4.81539   1.000 28.30224 ? 8   DG  B C2    1 
ATOM   630  N  N2    . DG  B 1 8  ? -3.07842  -0.80985  4.88315   1.000 26.97493 ? 8   DG  B N2    1 
ATOM   631  N  N3    . DG  B 1 8  ? -1.46987  -2.09888  5.93198   1.000 27.94962 ? 8   DG  B N3    1 
ATOM   632  C  C4    . DG  B 1 8  ? -0.46469  -2.95704  5.68275   1.000 30.37447 ? 8   DG  B C4    1 
ATOM   633  P  P     . DG  B 1 9  ? -0.97805  -4.42235  11.91153  1.000 42.96911 ? 9   DG  B P     1 
ATOM   634  O  OP1   . DG  B 1 9  ? -0.95983  -3.86837  13.28360  1.000 41.47879 ? 9   DG  B OP1   1 
ATOM   635  O  OP2   . DG  B 1 9  ? -0.64177  -5.84323  11.65876  1.000 41.36455 ? 9   DG  B OP2   1 
ATOM   636  O  "O5'" . DG  B 1 9  ? -2.41538  -4.08425  11.29706  1.000 43.87541 ? 9   DG  B "O5'" 1 
ATOM   637  C  "C5'" . DG  B 1 9  ? -2.85132  -2.72363  11.21759  1.000 40.62060 ? 9   DG  B "C5'" 1 
ATOM   638  C  "C4'" . DG  B 1 9  ? -4.29614  -2.60611  10.70873  1.000 42.72048 ? 9   DG  B "C4'" 1 
ATOM   639  O  "O4'" . DG  B 1 9  ? -4.32722  -2.49522  9.25558   1.000 36.11254 ? 9   DG  B "O4'" 1 
ATOM   640  C  "C3'" . DG  B 1 9  ? -5.24494  -3.75331  11.06117  1.000 38.76314 ? 9   DG  B "C3'" 1 
ATOM   641  O  "O3'" . DG  B 1 9  ? -6.53487  -3.20449  11.26672  1.000 39.51756 ? 9   DG  B "O3'" 1 
ATOM   642  C  "C2'" . DG  B 1 9  ? -5.19548  -4.60763  9.79655   1.000 38.14061 ? 9   DG  B "C2'" 1 
ATOM   643  C  "C1'" . DG  B 1 9  ? -5.12079  -3.53428  8.71377   1.000 32.67031 ? 9   DG  B "C1'" 1 
ATOM   644  N  N9    . DG  B 1 9  ? -4.51345  -3.98964  7.45359   1.000 32.27160 ? 9   DG  B N9    1 
ATOM   645  C  C8    . DG  B 1 9  ? -3.43036  -4.82906  7.30292   1.000 31.73555 ? 9   DG  B C8    1 
ATOM   646  N  N7    . DG  B 1 9  ? -3.11828  -5.06328  6.04975   1.000 28.98350 ? 9   DG  B N7    1 
ATOM   647  C  C5    . DG  B 1 9  ? -4.05018  -4.32253  5.32113   1.000 30.21443 ? 9   DG  B C5    1 
ATOM   648  C  C6    . DG  B 1 9  ? -4.21933  -4.18034  3.92106   1.000 28.67106 ? 9   DG  B C6    1 
ATOM   649  O  O6    . DG  B 1 9  ? -3.55016  -4.67966  3.00646   1.000 29.09980 ? 9   DG  B O6    1 
ATOM   650  N  N1    . DG  B 1 9  ? -5.28968  -3.35548  3.61526   1.000 27.82764 ? 9   DG  B N1    1 
ATOM   651  C  C2    . DG  B 1 9  ? -6.09226  -2.73942  4.53341   1.000 28.36102 ? 9   DG  B C2    1 
ATOM   652  N  N2    . DG  B 1 9  ? -7.07155  -1.97245  4.04525   1.000 26.89199 ? 9   DG  B N2    1 
ATOM   653  N  N3    . DG  B 1 9  ? -5.95385  -2.86501  5.83852   1.000 30.19251 ? 9   DG  B N3    1 
ATOM   654  C  C4    . DG  B 1 9  ? -4.91505  -3.66255  6.16545   1.000 30.92388 ? 9   DG  B C4    1 
ATOM   655  P  P     . DG  B 1 10 ? -7.76355  -4.07461  11.81557  1.000 45.38234 ? 10  DG  B P     1 
ATOM   656  O  OP1   . DG  B 1 10 ? -8.21461  -3.42690  13.06553  1.000 44.44258 ? 10  DG  B OP1   1 
ATOM   657  O  OP2   . DG  B 1 10 ? -7.48726  -5.53117  11.78035  1.000 42.37910 ? 10  DG  B OP2   1 
ATOM   658  O  "O5'" . DG  B 1 10 ? -8.86938  -3.85376  10.69492  1.000 51.61934 ? 10  DG  B "O5'" 1 
ATOM   659  C  "C5'" . DG  B 1 10 ? -8.93907  -2.63970  9.97753   1.000 42.32495 ? 10  DG  B "C5'" 1 
ATOM   660  C  "C4'" . DG  B 1 10 ? -10.15503 -2.64310  9.06795   1.000 47.35432 ? 10  DG  B "C4'" 1 
ATOM   661  O  "O4'" . DG  B 1 10 ? -9.74306  -2.89812  7.69949   1.000 45.56785 ? 10  DG  B "O4'" 1 
ATOM   662  C  "C3'" . DG  B 1 10 ? -11.18575 -3.71839  9.37674   1.000 41.98443 ? 10  DG  B "C3'" 1 
ATOM   663  O  "O3'" . DG  B 1 10 ? -12.45510 -3.29067  8.91704   1.000 45.74130 ? 10  DG  B "O3'" 1 
ATOM   664  C  "C2'" . DG  B 1 10 ? -10.66712 -4.88408  8.54593   1.000 38.15530 ? 10  DG  B "C2'" 1 
ATOM   665  C  "C1'" . DG  B 1 10 ? -10.23183 -4.16155  7.28324   1.000 39.49782 ? 10  DG  B "C1'" 1 
ATOM   666  N  N9    . DG  B 1 10 ? -9.18004  -4.84371  6.54271   1.000 38.13333 ? 10  DG  B N9    1 
ATOM   667  C  C8    . DG  B 1 10 ? -8.09220  -5.49924  7.06099   1.000 36.66515 ? 10  DG  B C8    1 
ATOM   668  N  N7    . DG  B 1 10 ? -7.30726  -6.01195  6.14560   1.000 34.12179 ? 10  DG  B N7    1 
ATOM   669  C  C5    . DG  B 1 10 ? -7.90412  -5.66781  4.94570   1.000 31.59915 ? 10  DG  B C5    1 
ATOM   670  C  C6    . DG  B 1 10 ? -7.50051  -5.93893  3.62281   1.000 29.73271 ? 10  DG  B C6    1 
ATOM   671  O  O6    . DG  B 1 10 ? -6.50008  -6.55243  3.23774   1.000 25.31907 ? 10  DG  B O6    1 
ATOM   672  N  N1    . DG  B 1 10 ? -8.38794  -5.39841  2.69768   1.000 33.13994 ? 10  DG  B N1    1 
ATOM   673  C  C2    . DG  B 1 10 ? -9.52506  -4.67647  3.01952   1.000 32.99436 ? 10  DG  B C2    1 
ATOM   674  N  N2    . DG  B 1 10 ? -10.26902 -4.24018  1.99248   1.000 31.28426 ? 10  DG  B N2    1 
ATOM   675  N  N3    . DG  B 1 10 ? -9.90831  -4.41117  4.25943   1.000 32.15565 ? 10  DG  B N3    1 
ATOM   676  C  C4    . DG  B 1 10 ? -9.05512  -4.93518  5.16848   1.000 37.14429 ? 10  DG  B C4    1 
ATOM   677  P  P     . DT  B 1 11 ? -13.78282 -3.60095  9.76816   1.000 65.49548 ? 11  DT  B P     1 
ATOM   678  O  OP1   . DT  B 1 11 ? -13.84705 -5.05612  10.04614  1.000 49.36365 ? 11  DT  B OP1   1 
ATOM   679  O  OP2   . DT  B 1 11 ? -14.88339 -2.88592  9.07608   1.000 54.16849 ? 11  DT  B OP2   1 
ATOM   680  O  "O5'" . DT  B 1 11 ? -13.54255 -2.84943  11.15165  1.000 51.78381 ? 11  DT  B "O5'" 1 
ATOM   681  C  "C5'" . DT  B 1 11 ? -13.52429 -1.44772  11.18011  1.000 51.50715 ? 11  DT  B "C5'" 1 
ATOM   682  C  "C4'" . DT  B 1 11 ? -13.11619 -0.96343  12.54868  1.000 59.25978 ? 11  DT  B "C4'" 1 
ATOM   683  O  "O4'" . DT  B 1 11 ? -11.72126 -1.27615  12.77938  1.000 62.20671 ? 11  DT  B "O4'" 1 
ATOM   684  C  "C3'" . DT  B 1 11 ? -13.26210 0.54105   12.76345  1.000 65.16967 ? 11  DT  B "C3'" 1 
ATOM   685  O  "O3'" . DT  B 1 11 ? -14.16906 0.78584   13.83693  1.000 75.82110 ? 11  DT  B "O3'" 1 
ATOM   686  C  "C2'" . DT  B 1 11 ? -11.83984 1.02873   13.08290  1.000 57.22016 ? 11  DT  B "C2'" 1 
ATOM   687  C  "C1'" . DT  B 1 11 ? -11.14829 -0.24457  13.54612  1.000 58.72691 ? 11  DT  B "C1'" 1 
ATOM   688  N  N1    . DT  B 1 11 ? -9.68503  -0.24028  13.29967  1.000 54.93295 ? 11  DT  B N1    1 
ATOM   689  C  C2    . DT  B 1 11 ? -8.81858  -0.71295  14.27257  1.000 52.67362 ? 11  DT  B C2    1 
ATOM   690  O  O2    . DT  B 1 11 ? -9.18390  -1.14057  15.35196  1.000 51.30741 ? 11  DT  B O2    1 
ATOM   691  N  N3    . DT  B 1 11 ? -7.49511  -0.67290  13.92167  1.000 49.13331 ? 11  DT  B N3    1 
ATOM   692  C  C4    . DT  B 1 11 ? -6.96313  -0.20596  12.72787  1.000 47.71275 ? 11  DT  B C4    1 
ATOM   693  O  O4    . DT  B 1 11 ? -5.75884  -0.19193  12.50226  1.000 46.46396 ? 11  DT  B O4    1 
ATOM   694  C  C5    . DT  B 1 11 ? -7.92222  0.27520   11.76706  1.000 48.24298 ? 11  DT  B C5    1 
ATOM   695  C  C7    . DT  B 1 11 ? -7.45485  0.80620   10.45042  1.000 47.02540 ? 11  DT  B C7    1 
ATOM   696  C  C6    . DT  B 1 11 ? -9.22011  0.22809   12.08966  1.000 50.37666 ? 11  DT  B C6    1 
ATOM   697  P  P     . DT  B 1 12 ? -15.55240 1.56100   13.55544  1.000 89.05230 ? 12  DT  B P     1 
ATOM   698  O  OP1   . DT  B 1 12 ? -16.59899 0.85316   14.33467  1.000 71.92589 ? 12  DT  B OP1   1 
ATOM   699  O  OP2   . DT  B 1 12 ? -15.69210 1.72738   12.08363  1.000 72.73575 ? 12  DT  B OP2   1 
ATOM   700  O  "O5'" . DT  B 1 12 ? -15.30570 3.02934   14.15632  1.000 64.74828 ? 12  DT  B "O5'" 1 
ATOM   701  C  "C5'" . DT  B 1 12 ? -15.73684 4.16835   13.42710  1.000 62.31155 ? 12  DT  B "C5'" 1 
ATOM   702  C  "C4'" . DT  B 1 12 ? -14.65691 5.23581   13.39427  1.000 68.32919 ? 12  DT  B "C4'" 1 
ATOM   703  O  "O4'" . DT  B 1 12 ? -14.04026 5.33672   14.69618  1.000 66.13837 ? 12  DT  B "O4'" 1 
ATOM   704  C  "C3'" . DT  B 1 12 ? -13.49319 4.94861   12.47104  1.000 71.92856 ? 12  DT  B "C3'" 1 
ATOM   705  O  "O3'" . DT  B 1 12 ? -13.82521 5.28010   11.13215  1.000 72.48902 ? 12  DT  B "O3'" 1 
ATOM   706  C  "C2'" . DT  B 1 12 ? -12.40486 5.86155   13.04444  1.000 60.82472 ? 12  DT  B "C2'" 1 
ATOM   707  C  "C1'" . DT  B 1 12 ? -12.69534 5.78019   14.55192  1.000 56.76219 ? 12  DT  B "C1'" 1 
ATOM   708  N  N1    . DT  B 1 12 ? -11.76907 4.84571   15.34832  1.000 52.90238 ? 12  DT  B N1    1 
ATOM   709  C  C2    . DT  B 1 12 ? -10.45495 5.21531   15.56479  1.000 47.13845 ? 12  DT  B C2    1 
ATOM   710  O  O2    . DT  B 1 12 ? -9.97377  6.24238   15.12859  1.000 47.24319 ? 12  DT  B O2    1 
ATOM   711  N  N3    . DT  B 1 12 ? -9.71401  4.32268   16.29989  1.000 47.34970 ? 12  DT  B N3    1 
ATOM   712  C  C4    . DT  B 1 12 ? -10.14442 3.11341   16.84694  1.000 58.86993 ? 12  DT  B C4    1 
ATOM   713  O  O4    . DT  B 1 12 ? -9.39833  2.36332   17.49881  1.000 57.77289 ? 12  DT  B O4    1 
ATOM   714  C  C5    . DT  B 1 12 ? -11.53071 2.78901   16.59990  1.000 60.76195 ? 12  DT  B C5    1 
ATOM   715  C  C7    . DT  B 1 12 ? -12.10520 1.50609   17.14542  1.000 57.36408 ? 12  DT  B C7    1 
ATOM   716  C  C6    . DT  B 1 12 ? -12.27205 3.66281   15.87183  1.000 56.90338 ? 12  DT  B C6    1 
ATOM   717  P  P     . DA  B 1 13 ? -13.37423 4.28984   9.94989   1.000 80.24879 ? 13  DA  B P     1 
ATOM   718  O  OP1   . DA  B 1 13 ? -14.02346 4.70021   8.68410   1.000 82.79487 ? 13  DA  B OP1   1 
ATOM   719  O  OP2   . DA  B 1 13 ? -13.51345 2.90478   10.46995  1.000 68.87587 ? 13  DA  B OP2   1 
ATOM   720  O  "O5'" . DA  B 1 13 ? -11.84547 4.64725   9.75155   1.000 64.99091 ? 13  DA  B "O5'" 1 
ATOM   721  C  "C5'" . DA  B 1 13 ? -11.50115 5.95501   9.38348   1.000 64.14629 ? 13  DA  B "C5'" 1 
ATOM   722  C  "C4'" . DA  B 1 13 ? -10.00634 6.12601   9.41116   1.000 57.01691 ? 13  DA  B "C4'" 1 
ATOM   723  O  "O4'" . DA  B 1 13 ? -9.50624  5.80440   10.73159  1.000 56.83025 ? 13  DA  B "O4'" 1 
ATOM   724  C  "C3'" . DA  B 1 13 ? -9.24807  5.21950   8.45437   1.000 58.51197 ? 13  DA  B "C3'" 1 
ATOM   725  O  "O3'" . DA  B 1 13 ? -8.20652  5.94075   7.89443   1.000 66.19010 ? 13  DA  B "O3'" 1 
ATOM   726  C  "C2'" . DA  B 1 13 ? -8.71086  4.12769   9.36923   1.000 60.91840 ? 13  DA  B "C2'" 1 
ATOM   727  C  "C1'" . DA  B 1 13 ? -8.40674  4.94642   10.60313  1.000 50.14825 ? 13  DA  B "C1'" 1 
ATOM   728  N  N9    . DA  B 1 13 ? -8.31685  4.15216   11.80444  1.000 47.34553 ? 13  DA  B N9    1 
ATOM   729  C  C8    . DA  B 1 13 ? -9.35633  3.60841   12.50965  1.000 52.11279 ? 13  DA  B C8    1 
ATOM   730  N  N7    . DA  B 1 13 ? -8.97480  2.92554   13.56797  1.000 50.74673 ? 13  DA  B N7    1 
ATOM   731  C  C5    . DA  B 1 13 ? -7.59022  3.03091   13.54673  1.000 45.76894 ? 13  DA  B C5    1 
ATOM   732  C  C6    . DA  B 1 13 ? -6.59098  2.52852   14.39804  1.000 46.64085 ? 13  DA  B C6    1 
ATOM   733  N  N6    . DA  B 1 13 ? -6.85386  1.78032   15.48495  1.000 53.51871 ? 13  DA  B N6    1 
ATOM   734  N  N1    . DA  B 1 13 ? -5.30736  2.81272   14.08636  1.000 43.92346 ? 13  DA  B N1    1 
ATOM   735  C  C2    . DA  B 1 13 ? -5.05823  3.55707   13.00005  1.000 43.38416 ? 13  DA  B C2    1 
ATOM   736  N  N3    . DA  B 1 13 ? -5.91683  4.08697   12.13208  1.000 39.94289 ? 13  DA  B N3    1 
ATOM   737  C  C4    . DA  B 1 13 ? -7.17225  3.78210   12.46321  1.000 41.66942 ? 13  DA  B C4    1 
ATOM   738  P  P     . DG  B 1 14 ? -8.37284  6.55436   6.42672   1.000 78.26948 ? 14  DG  B P     1 
ATOM   739  O  OP1   . DG  B 1 14 ? -7.06988  7.16851   6.05305   1.000 76.33481 ? 14  DG  B OP1   1 
ATOM   740  O  OP2   . DG  B 1 14 ? -9.60786  7.37892   6.44224   1.000 66.02332 ? 14  DG  B OP2   1 
ATOM   741  O  "O5'" . DG  B 1 14 ? -8.64774  5.25745   5.52286   1.000 64.56029 ? 14  DG  B "O5'" 1 
ATOM   742  C  "C5'" . DG  B 1 14 ? -7.71826  4.86773   4.52854   1.000 47.55919 ? 14  DG  B "C5'" 1 
ATOM   743  C  "C4'" . DG  B 1 14 ? -8.44549  4.47779   3.27851   1.000 38.58457 ? 14  DG  B "C4'" 1 
ATOM   744  O  "O4'" . DG  B 1 14 ? -7.55477  3.73109   2.41536   1.000 44.53899 ? 14  DG  B "O4'" 1 
ATOM   745  C  "C3'" . DG  B 1 14 ? -9.64749  3.57447   3.49023   1.000 37.28879 ? 14  DG  B "C3'" 1 
ATOM   746  O  "O3'" . DG  B 1 14 ? -10.50175 3.75826   2.38698   1.000 41.67402 ? 14  DG  B "O3'" 1 
ATOM   747  C  "C2'" . DG  B 1 14 ? -8.99892  2.19536   3.46525   1.000 34.99187 ? 14  DG  B "C2'" 1 
ATOM   748  C  "C1'" . DG  B 1 14 ? -7.98757  2.38272   2.33383   1.000 38.10134 ? 14  DG  B "C1'" 1 
ATOM   749  N  N9    . DG  B 1 14 ? -6.81386  1.52110   2.42315   1.000 33.10475 ? 14  DG  B N9    1 
ATOM   750  C  C8    . DG  B 1 14 ? -6.13660  1.15808   3.56404   1.000 30.60694 ? 14  DG  B C8    1 
ATOM   751  N  N7    . DG  B 1 14 ? -5.10279  0.38214   3.33278   1.000 29.74987 ? 14  DG  B N7    1 
ATOM   752  C  C5    . DG  B 1 14 ? -5.08375  0.23702   1.95826   1.000 28.91228 ? 14  DG  B C5    1 
ATOM   753  C  C6    . DG  B 1 14 ? -4.20342  -0.50201  1.14086   1.000 29.59880 ? 14  DG  B C6    1 
ATOM   754  O  O6    . DG  B 1 14 ? -3.22151  -1.17420  1.48326   1.000 33.14709 ? 14  DG  B O6    1 
ATOM   755  N  N1    . DG  B 1 14 ? -4.53370  -0.39152  -0.20480  1.000 29.25681 ? 14  DG  B N1    1 
ATOM   756  C  C2    . DG  B 1 14 ? -5.59945  0.33269   -0.69569  1.000 33.92312 ? 14  DG  B C2    1 
ATOM   757  N  N2    . DG  B 1 14 ? -5.76426  0.30668   -2.02758  1.000 31.83058 ? 14  DG  B N2    1 
ATOM   758  N  N3    . DG  B 1 14 ? -6.45011  1.02542   0.06551   1.000 29.22262 ? 14  DG  B N3    1 
ATOM   759  C  C4    . DG  B 1 14 ? -6.13088  0.93316   1.37643   1.000 32.06368 ? 14  DG  B C4    1 
ATOM   760  P  P     . DG  B 1 15 ? -11.97762 3.14399   2.33291   1.000 43.12729 ? 15  DG  B P     1 
ATOM   761  O  OP1   . DG  B 1 15 ? -12.86811 4.28045   2.00207   1.000 48.10600 ? 15  DG  B OP1   1 
ATOM   762  O  OP2   . DG  B 1 15 ? -12.25873 2.30198   3.52590   1.000 43.15158 ? 15  DG  B OP2   1 
ATOM   763  O  "O5'" . DG  B 1 15 ? -11.91113 2.22705   1.03781   1.000 36.34926 ? 15  DG  B "O5'" 1 
ATOM   764  C  "C5'" . DG  B 1 15 ? -11.24857 2.70447   -0.09018  1.000 31.80468 ? 15  DG  B "C5'" 1 
ATOM   765  C  "C4'" . DG  B 1 15 ? -11.33788 1.71282   -1.21823  1.000 36.30386 ? 15  DG  B "C4'" 1 
ATOM   766  O  "O4'" . DG  B 1 15 ? -10.09228 0.97645   -1.29777  1.000 40.81669 ? 15  DG  B "O4'" 1 
ATOM   767  C  "C3'" . DG  B 1 15 ? -12.45879 0.67498   -1.08938  1.000 38.28845 ? 15  DG  B "C3'" 1 
ATOM   768  O  "O3'" . DG  B 1 15 ? -13.10089 0.50677   -2.36147  1.000 36.44565 ? 15  DG  B "O3'" 1 
ATOM   769  C  "C2'" . DG  B 1 15 ? -11.72542 -0.58944  -0.63228  1.000 33.95890 ? 15  DG  B "C2'" 1 
ATOM   770  C  "C1'" . DG  B 1 15 ? -10.34542 -0.41323  -1.28248  1.000 40.36074 ? 15  DG  B "C1'" 1 
ATOM   771  N  N9    . DG  B 1 15 ? -9.26139  -1.06942  -0.54766  1.000 35.44884 ? 15  DG  B N9    1 
ATOM   772  C  C8    . DG  B 1 15 ? -8.98616  -0.93490  0.78786   1.000 31.69168 ? 15  DG  B C8    1 
ATOM   773  N  N7    . DG  B 1 15 ? -7.97474  -1.64457  1.18139   1.000 31.94055 ? 15  DG  B N7    1 
ATOM   774  C  C5    . DG  B 1 15 ? -7.54370  -2.29957  0.03664   1.000 31.29539 ? 15  DG  B C5    1 
ATOM   775  C  C6    . DG  B 1 15 ? -6.47343  -3.21401  -0.14317  1.000 33.56348 ? 15  DG  B C6    1 
ATOM   776  O  O6    . DG  B 1 15 ? -5.65531  -3.63371  0.70592   1.000 36.52613 ? 15  DG  B O6    1 
ATOM   777  N  N1    . DG  B 1 15 ? -6.37967  -3.64071  -1.46018  1.000 31.15130 ? 15  DG  B N1    1 
ATOM   778  C  C2    . DG  B 1 15 ? -7.20772  -3.24976  -2.46465  1.000 32.63385 ? 15  DG  B C2    1 
ATOM   779  N  N2    . DG  B 1 15 ? -6.94875  -3.77525  -3.65754  1.000 34.67869 ? 15  DG  B N2    1 
ATOM   780  N  N3    . DG  B 1 15 ? -8.22254  -2.39974  -2.31445  1.000 34.48213 ? 15  DG  B N3    1 
ATOM   781  C  C4    . DG  B 1 15 ? -8.32330  -1.95974  -1.03977  1.000 32.67142 ? 15  DG  B C4    1 
ATOM   782  P  P     . DG  B 1 16 ? -14.28940 -0.55697  -2.55947  1.000 48.13815 ? 16  DG  B P     1 
ATOM   783  O  OP1   . DG  B 1 16 ? -15.26669 0.00008   -3.52422  1.000 46.71166 ? 16  DG  B OP1   1 
ATOM   784  O  OP2   . DG  B 1 16 ? -14.79402 -1.01717  -1.24473  1.000 42.54613 ? 16  DG  B OP2   1 
ATOM   785  O  "O5'" . DG  B 1 16 ? -13.54151 -1.75979  -3.27247  1.000 39.40681 ? 16  DG  B "O5'" 1 
ATOM   786  C  "C5'" . DG  B 1 16 ? -12.74810 -1.50413  -4.41101  1.000 37.34330 ? 16  DG  B "C5'" 1 
ATOM   787  C  "C4'" . DG  B 1 16 ? -12.54283 -2.76788  -5.22143  1.000 37.88803 ? 16  DG  B "C4'" 1 
ATOM   788  O  "O4'" . DG  B 1 16 ? -11.33684 -3.43663  -4.78733  1.000 35.06927 ? 16  DG  B "O4'" 1 
ATOM   789  C  "C3'" . DG  B 1 16 ? -13.64691 -3.80938  -5.07913  1.000 39.90358 ? 16  DG  B "C3'" 1 
ATOM   790  O  "O3'" . DG  B 1 16 ? -13.67815 -4.61764  -6.24550  1.000 38.62082 ? 16  DG  B "O3'" 1 
ATOM   791  C  "C2'" . DG  B 1 16 ? -13.16477 -4.60436  -3.88104  1.000 36.68088 ? 16  DG  B "C2'" 1 
ATOM   792  C  "C1'" . DG  B 1 16 ? -11.67393 -4.67674  -4.17577  1.000 35.74405 ? 16  DG  B "C1'" 1 
ATOM   793  N  N9    . DG  B 1 16 ? -10.85955 -4.87248  -2.97405  1.000 37.83432 ? 16  DG  B N9    1 
ATOM   794  C  C8    . DG  B 1 16 ? -11.08111 -4.31968  -1.73745  1.000 37.19016 ? 16  DG  B C8    1 
ATOM   795  N  N7    . DG  B 1 16 ? -10.20315 -4.67730  -0.84654  1.000 35.94508 ? 16  DG  B N7    1 
ATOM   796  C  C5    . DG  B 1 16 ? -9.34580  -5.53047  -1.52992  1.000 34.79713 ? 16  DG  B C5    1 
ATOM   797  C  C6    . DG  B 1 16 ? -8.19874  -6.22895  -1.07030  1.000 36.43311 ? 16  DG  B C6    1 
ATOM   798  O  O6    . DG  B 1 16 ? -7.69980  -6.22932  0.07094   1.000 34.02354 ? 16  DG  B O6    1 
ATOM   799  N  N1    . DG  B 1 16 ? -7.61306  -6.97620  -2.08158  1.000 35.47224 ? 16  DG  B N1    1 
ATOM   800  C  C2    . DG  B 1 16 ? -8.07535  -7.04784  -3.36832  1.000 39.20306 ? 16  DG  B C2    1 
ATOM   801  N  N2    . DG  B 1 16 ? -7.37259  -7.82543  -4.20225  1.000 37.16501 ? 16  DG  B N2    1 
ATOM   802  N  N3    . DG  B 1 16 ? -9.15158  -6.39932  -3.81071  1.000 39.36625 ? 16  DG  B N3    1 
ATOM   803  C  C4    . DG  B 1 16 ? -9.73287  -5.66316  -2.83821  1.000 33.01404 ? 16  DG  B C4    1 
ATOM   804  P  P     . DT  B 1 17 ? -15.05684 -4.85140  -7.03013  1.000 50.89057 ? 17  DT  B P     1 
ATOM   805  O  OP1   . DT  B 1 17 ? -16.03004 -5.46811  -6.08538  1.000 35.53200 ? 17  DT  B OP1   1 
ATOM   806  O  OP2   . DT  B 1 17 ? -14.67980 -5.44608  -8.33771  1.000 39.02587 ? 17  DT  B OP2   1 
ATOM   807  O  "O5'" . DT  B 1 17 ? -15.64848 -3.38167  -7.23387  1.000 48.79866 ? 17  DT  B "O5'" 1 
ATOM   808  C  "C5'" . DT  B 1 17 ? -15.18891 -2.53580  -8.27464  1.000 43.00143 ? 17  DT  B "C5'" 1 
ATOM   809  C  "C4'" . DT  B 1 17 ? -15.93704 -1.21995  -8.20472  1.000 46.88034 ? 17  DT  B "C4'" 1 
ATOM   810  O  "O4'" . DT  B 1 17 ? -15.52104 -0.47260  -7.03261  1.000 49.98156 ? 17  DT  B "O4'" 1 
ATOM   811  C  "C3'" . DT  B 1 17 ? -15.76235 -0.27933  -9.40426  1.000 51.65710 ? 17  DT  B "C3'" 1 
ATOM   812  O  "O3'" . DT  B 1 17 ? -17.05028 0.02015   -9.96326  1.000 50.02596 ? 17  DT  B "O3'" 1 
ATOM   813  C  "C2'" . DT  B 1 17 ? -15.10319 0.97188   -8.79813  1.000 46.92589 ? 17  DT  B "C2'" 1 
ATOM   814  C  "C1'" . DT  B 1 17 ? -15.57928 0.89552   -7.35197  1.000 50.97039 ? 17  DT  B "C1'" 1 
ATOM   815  N  N1    . DT  B 1 17 ? -14.72832 1.64540   -6.38802  1.000 44.59743 ? 17  DT  B N1    1 
ATOM   816  C  C2    . DT  B 1 17 ? -15.32184 2.43658   -5.42853  1.000 44.14150 ? 17  DT  B C2    1 
ATOM   817  O  O2    . DT  B 1 17 ? -16.52820 2.56091   -5.31187  1.000 47.60099 ? 17  DT  B O2    1 
ATOM   818  N  N3    . DT  B 1 17 ? -14.44598 3.07362   -4.59568  1.000 44.60273 ? 17  DT  B N3    1 
ATOM   819  C  C4    . DT  B 1 17 ? -13.06393 2.99363   -4.62064  1.000 45.26010 ? 17  DT  B C4    1 
ATOM   820  O  O4    . DT  B 1 17 ? -12.35340 3.59704   -3.82488  1.000 47.69188 ? 17  DT  B O4    1 
ATOM   821  C  C5    . DT  B 1 17 ? -12.51568 2.15343   -5.65074  1.000 44.25128 ? 17  DT  B C5    1 
ATOM   822  C  C7    . DT  B 1 17 ? -11.03824 1.99515   -5.78195  1.000 35.87372 ? 17  DT  B C7    1 
ATOM   823  C  C6    . DT  B 1 17 ? -13.36534 1.52345   -6.47113  1.000 44.88292 ? 17  DT  B C6    1 
ATOM   824  P  P     . DT  B 1 18 ? -17.35368 -0.31186  -11.50514 1.000 54.24008 ? 18  DT  B P     1 
ATOM   825  O  OP1   . DT  B 1 18 ? -18.82320 -0.30395  -11.59877 1.000 47.36102 ? 18  DT  B OP1   1 
ATOM   826  O  OP2   . DT  B 1 18 ? -16.54735 -1.47594  -11.95517 1.000 47.60800 ? 18  DT  B OP2   1 
ATOM   827  O  "O5'" . DT  B 1 18 ? -16.70744 0.90975   -12.31238 1.000 47.90080 ? 18  DT  B "O5'" 1 
ATOM   828  C  "C5'" . DT  B 1 18 ? -15.94216 0.63793   -13.49297 1.000 41.59097 ? 18  DT  B "C5'" 1 
ATOM   829  C  "C4'" . DT  B 1 18 ? -15.10115 1.83632   -13.89783 1.000 40.62794 ? 18  DT  B "C4'" 1 
ATOM   830  O  "O4'" . DT  B 1 18 ? -15.86434 3.05181   -13.71292 1.000 46.11457 ? 18  DT  B "O4'" 1 
ATOM   831  C  "C3'" . DT  B 1 18 ? -13.85488 2.05570   -13.06604 1.000 46.99135 ? 18  DT  B "C3'" 1 
ATOM   832  O  "O3'" . DT  B 1 18 ? -12.80293 1.23683   -13.55035 1.000 52.74391 ? 18  DT  B "O3'" 1 
ATOM   833  C  "C2'" . DT  B 1 18 ? -13.57874 3.54249   -13.31478 1.000 42.11287 ? 18  DT  B "C2'" 1 
ATOM   834  C  "C1'" . DT  B 1 18 ? -14.99474 4.12071   -13.36336 1.000 39.34598 ? 18  DT  B "C1'" 1 
ATOM   835  N  N1    . DT  B 1 18 ? -15.45105 4.68745   -12.06617 1.000 39.02247 ? 18  DT  B N1    1 
ATOM   836  C  C2    . DT  B 1 18 ? -14.97322 5.91627   -11.66057 1.000 43.78516 ? 18  DT  B C2    1 
ATOM   837  O  O2    . DT  B 1 18 ? -14.19375 6.58483   -12.31785 1.000 50.64705 ? 18  DT  B O2    1 
ATOM   838  N  N3    . DT  B 1 18 ? -15.44899 6.34569   -10.45390 1.000 38.71409 ? 18  DT  B N3    1 
ATOM   839  C  C4    . DT  B 1 18 ? -16.33446 5.68894   -9.62752  1.000 39.09298 ? 18  DT  B C4    1 
ATOM   840  O  O4    . DT  B 1 18 ? -16.70162 6.16134   -8.55888  1.000 42.69262 ? 18  DT  B O4    1 
ATOM   841  C  C5    . DT  B 1 18 ? -16.79377 4.40703   -10.10151 1.000 37.21235 ? 18  DT  B C5    1 
ATOM   842  C  C7    . DT  B 1 18 ? -17.74941 3.60661   -9.27580  1.000 34.91164 ? 18  DT  B C7    1 
ATOM   843  C  C6    . DT  B 1 18 ? -16.33990 3.97073   -11.28672 1.000 38.33069 ? 18  DT  B C6    1 
ATOM   844  P  P     . DA  B 1 19 ? -11.86945 0.41665   -12.53187 1.000 52.80016 ? 19  DA  B P     1 
ATOM   845  O  OP1   . DA  B 1 19 ? -10.89032 -0.28188  -13.39053 1.000 45.71988 ? 19  DA  B OP1   1 
ATOM   846  O  OP2   . DA  B 1 19 ? -12.71687 -0.34867  -11.57652 1.000 47.23275 ? 19  DA  B OP2   1 
ATOM   847  O  "O5'" . DA  B 1 19 ? -11.11221 1.56294   -11.71167 1.000 51.00662 ? 19  DA  B "O5'" 1 
ATOM   848  C  "C5'" . DA  B 1 19 ? -10.18195 2.43832   -12.37103 1.000 42.86517 ? 19  DA  B "C5'" 1 
ATOM   849  C  "C4'" . DA  B 1 19 ? -9.30598  3.16071   -11.35225 1.000 43.91771 ? 19  DA  B "C4'" 1 
ATOM   850  O  "O4'" . DA  B 1 19 ? -10.11243 4.11241   -10.60723 1.000 45.85141 ? 19  DA  B "O4'" 1 
ATOM   851  C  "C3'" . DA  B 1 19 ? -8.65257  2.26171   -10.30848 1.000 40.10771 ? 19  DA  B "C3'" 1 
ATOM   852  O  "O3'" . DA  B 1 19 ? -7.33819  2.70445   -10.03292 1.000 41.47102 ? 19  DA  B "O3'" 1 
ATOM   853  C  "C2'" . DA  B 1 19 ? -9.56428  2.43173   -9.09199  1.000 38.23525 ? 19  DA  B "C2'" 1 
ATOM   854  C  "C1'" . DA  B 1 19 ? -9.98965  3.88077   -9.22647  1.000 39.19044 ? 19  DA  B "C1'" 1 
ATOM   855  N  N9    . DA  B 1 19 ? -11.28291 4.17396   -8.62137  1.000 40.81956 ? 19  DA  B N9    1 
ATOM   856  C  C8    . DA  B 1 19 ? -12.50156 3.72880   -9.04536  1.000 39.31944 ? 19  DA  B C8    1 
ATOM   857  N  N7    . DA  B 1 19 ? -13.50406 4.15572   -8.31757  1.000 40.71079 ? 19  DA  B N7    1 
ATOM   858  C  C5    . DA  B 1 19 ? -12.90438 4.94793   -7.35345  1.000 43.72703 ? 19  DA  B C5    1 
ATOM   859  C  C6    . DA  B 1 19 ? -13.42963 5.70271   -6.28041  1.000 45.69589 ? 19  DA  B C6    1 
ATOM   860  N  N6    . DA  B 1 19 ? -14.73553 5.76908   -5.99761  1.000 44.93955 ? 19  DA  B N6    1 
ATOM   861  N  N1    . DA  B 1 19 ? -12.55701 6.38610   -5.50796  1.000 43.36222 ? 19  DA  B N1    1 
ATOM   862  C  C2    . DA  B 1 19 ? -11.25446 6.31478   -5.80017  1.000 43.64928 ? 19  DA  B C2    1 
ATOM   863  N  N3    . DA  B 1 19 ? -10.64598 5.63785   -6.78010  1.000 43.77712 ? 19  DA  B N3    1 
ATOM   864  C  C4    . DA  B 1 19 ? -11.53500 4.97143   -7.52569  1.000 40.62156 ? 19  DA  B C4    1 
ATOM   865  P  P     . DG  B 1 20 ? -6.11033  2.31343   -10.99751 1.000 60.49892 ? 20  DG  B P     1 
ATOM   866  O  OP1   . DG  B 1 20 ? -5.24701  3.50967   -11.17576 1.000 50.65196 ? 20  DG  B OP1   1 
ATOM   867  O  OP2   . DG  B 1 20 ? -6.62698  1.58030   -12.18247 1.000 45.78143 ? 20  DG  B OP2   1 
ATOM   868  O  "O5'" . DG  B 1 20 ? -5.21476  1.35540   -10.08951 1.000 53.08494 ? 20  DG  B "O5'" 1 
ATOM   869  C  "C5'" . DG  B 1 20 ? -5.79149  0.34094   -9.31463  1.000 37.18399 ? 20  DG  B "C5'" 1 
ATOM   870  C  "C4'" . DG  B 1 20 ? -4.95331  -0.91572  -9.43697  1.000 37.70823 ? 20  DG  B "C4'" 1 
ATOM   871  O  "O4'" . DG  B 1 20 ? -4.06456  -1.04836  -8.28708  1.000 34.15909 ? 20  DG  B "O4'" 1 
ATOM   872  C  "C3'" . DG  B 1 20 ? -5.75188  -2.20687  -9.49510  1.000 38.95462 ? 20  DG  B "C3'" 1 
ATOM   873  O  "O3'" . DG  B 1 20 ? -5.07634  -3.11303  -10.29394 1.000 42.54159 ? 20  DG  B "O3'" 1 
ATOM   874  C  "C2'" . DG  B 1 20 ? -5.75562  -2.65617  -8.04185  1.000 38.55079 ? 20  DG  B "C2'" 1 
ATOM   875  C  "C1'" . DG  B 1 20 ? -4.36172  -2.24722  -7.59837  1.000 37.00420 ? 20  DG  B "C1'" 1 
ATOM   876  N  N9    . DG  B 1 20 ? -4.25629  -2.02079  -6.16012  1.000 34.53978 ? 20  DG  B N9    1 
ATOM   877  C  C8    . DG  B 1 20 ? -5.04799  -1.20690  -5.38881  1.000 34.52720 ? 20  DG  B C8    1 
ATOM   878  N  N7    . DG  B 1 20 ? -4.72460  -1.21513  -4.11738  1.000 37.35152 ? 20  DG  B N7    1 
ATOM   879  C  C5    . DG  B 1 20 ? -3.63937  -2.10051  -4.04583  1.000 38.52024 ? 20  DG  B C5    1 
ATOM   880  C  C6    . DG  B 1 20 ? -2.85644  -2.52233  -2.92901  1.000 31.50012 ? 20  DG  B C6    1 
ATOM   881  O  O6    . DG  B 1 20 ? -2.95607  -2.19051  -1.74052  1.000 30.24202 ? 20  DG  B O6    1 
ATOM   882  N  N1    . DG  B 1 20 ? -1.87690  -3.41578  -3.30299  1.000 32.77707 ? 20  DG  B N1    1 
ATOM   883  C  C2    . DG  B 1 20 ? -1.66927  -3.87168  -4.58407  1.000 38.41237 ? 20  DG  B C2    1 
ATOM   884  N  N2    . DG  B 1 20 ? -0.65859  -4.74977  -4.75147  1.000 34.90540 ? 20  DG  B N2    1 
ATOM   885  N  N3    . DG  B 1 20 ? -2.38759  -3.49054  -5.63208  1.000 39.66675 ? 20  DG  B N3    1 
ATOM   886  C  C4    . DG  B 1 20 ? -3.35168  -2.60830  -5.29200  1.000 35.61095 ? 20  DG  B C4    1 
ATOM   887  P  P     . DG  B 1 21 ? -5.77248  -4.48017  -10.74254 1.000 51.41125 ? 21  DG  B P     1 
ATOM   888  O  OP1   . DG  B 1 21 ? -5.37279  -4.61900  -12.16063 1.000 44.03378 ? 21  DG  B OP1   1 
ATOM   889  O  OP2   . DG  B 1 21 ? -7.20119  -4.49564  -10.32614 1.000 39.50239 ? 21  DG  B OP2   1 
ATOM   890  O  "O5'" . DG  B 1 21 ? -4.97706  -5.59234  -9.91163  1.000 45.21685 ? 21  DG  B "O5'" 1 
ATOM   891  C  "C5'" . DG  B 1 21 ? -3.59711  -5.77939  -10.15860 1.000 39.62221 ? 21  DG  B "C5'" 1 
ATOM   892  C  "C4'" . DG  B 1 21 ? -3.03219  -6.91626  -9.32170  1.000 47.25537 ? 21  DG  B "C4'" 1 
ATOM   893  O  "O4'" . DG  B 1 21 ? -2.80424  -6.47985  -7.95319  1.000 44.19063 ? 21  DG  B "O4'" 1 
ATOM   894  C  "C3'" . DG  B 1 21 ? -3.89779  -8.18022  -9.23862  1.000 40.61492 ? 21  DG  B "C3'" 1 
ATOM   895  O  "O3'" . DG  B 1 21 ? -3.06083  -9.30060  -9.42747  1.000 48.11121 ? 21  DG  B "O3'" 1 
ATOM   896  C  "C2'" . DG  B 1 21 ? -4.45333  -8.13135  -7.81887  1.000 39.02941 ? 21  DG  B "C2'" 1 
ATOM   897  C  "C1'" . DG  B 1 21 ? -3.30618  -7.46663  -7.07259  1.000 46.05634 ? 21  DG  B "C1'" 1 
ATOM   898  N  N9    . DG  B 1 21 ? -3.70864  -6.83241  -5.80470  1.000 46.47982 ? 21  DG  B N9    1 
ATOM   899  C  C8    . DG  B 1 21 ? -4.75533  -5.96346  -5.60958  1.000 39.31031 ? 21  DG  B C8    1 
ATOM   900  N  N7    . DG  B 1 21 ? -4.87747  -5.56360  -4.37378  1.000 39.51824 ? 21  DG  B N7    1 
ATOM   901  C  C5    . DG  B 1 21 ? -3.84012  -6.20696  -3.70073  1.000 38.40833 ? 21  DG  B C5    1 
ATOM   902  C  C6    . DG  B 1 21 ? -3.47778  -6.16232  -2.33616  1.000 36.14742 ? 21  DG  B C6    1 
ATOM   903  O  O6    . DG  B 1 21 ? -4.01292  -5.51889  -1.41189  1.000 36.54951 ? 21  DG  B O6    1 
ATOM   904  N  N1    . DG  B 1 21 ? -2.38187  -6.96501  -2.07480  1.000 34.89467 ? 21  DG  B N1    1 
ATOM   905  C  C2    . DG  B 1 21 ? -1.71710  -7.71864  -3.00148  1.000 38.66362 ? 21  DG  B C2    1 
ATOM   906  N  N2    . DG  B 1 21 ? -0.67267  -8.43015  -2.54467  1.000 38.48812 ? 21  DG  B N2    1 
ATOM   907  N  N3    . DG  B 1 21 ? -2.04247  -7.77245  -4.28204  1.000 39.02766 ? 21  DG  B N3    1 
ATOM   908  C  C4    . DG  B 1 21 ? -3.11268  -6.99254  -4.55979  1.000 38.59411 ? 21  DG  B C4    1 
ATOM   909  P  P     . DG  B 1 22 ? -3.64082  -10.79538 -9.51372  1.000 55.06799 ? 22  DG  B P     1 
ATOM   910  O  OP1   . DG  B 1 22 ? -2.87239  -11.38425 -10.62769 1.000 39.52277 ? 22  DG  B OP1   1 
ATOM   911  O  OP2   . DG  B 1 22 ? -5.12438  -10.88061 -9.42913  1.000 43.50458 ? 22  DG  B OP2   1 
ATOM   912  O  "O5'" . DG  B 1 22 ? -3.13867  -11.44917 -8.15814  1.000 46.90916 ? 22  DG  B "O5'" 1 
ATOM   913  C  "C5'" . DG  B 1 22 ? -1.77241  -11.73351 -7.97077  1.000 42.52608 ? 22  DG  B "C5'" 1 
ATOM   914  C  "C4'" . DG  B 1 22 ? -1.62092  -12.58162 -6.73896  1.000 39.67584 ? 22  DG  B "C4'" 1 
ATOM   915  O  "O4'" . DG  B 1 22 ? -1.86673  -11.75187 -5.57945  1.000 50.22369 ? 22  DG  B "O4'" 1 
ATOM   916  C  "C3'" . DG  B 1 22 ? -2.61608  -13.74274 -6.65563  1.000 47.62769 ? 22  DG  B "C3'" 1 
ATOM   917  O  "O3'" . DG  B 1 22 ? -1.95627  -14.94354 -6.23613  1.000 58.04925 ? 22  DG  B "O3'" 1 
ATOM   918  C  "C2'" . DG  B 1 22 ? -3.65315  -13.26663 -5.63769  1.000 42.36653 ? 22  DG  B "C2'" 1 
ATOM   919  C  "C1'" . DG  B 1 22 ? -2.82797  -12.35315 -4.74430  1.000 46.52973 ? 22  DG  B "C1'" 1 
ATOM   920  N  N9    . DG  B 1 22 ? -3.61534  -11.30155 -4.09899  1.000 44.68383 ? 22  DG  B N9    1 
ATOM   921  C  C8    . DG  B 1 22 ? -4.58571  -10.52522 -4.68218  1.000 42.74176 ? 22  DG  B C8    1 
ATOM   922  N  N7    . DG  B 1 22 ? -5.13268  -9.66965  -3.86058  1.000 43.70639 ? 22  DG  B N7    1 
ATOM   923  C  C5    . DG  B 1 22 ? -4.47637  -9.88415  -2.65281  1.000 40.48866 ? 22  DG  B C5    1 
ATOM   924  C  C6    . DG  B 1 22 ? -4.64114  -9.24586  -1.40337  1.000 35.29798 ? 22  DG  B C6    1 
ATOM   925  O  O6    . DG  B 1 22 ? -5.42172  -8.34364  -1.10422  1.000 34.98096 ? 22  DG  B O6    1 
ATOM   926  N  N1    . DG  B 1 22 ? -3.78126  -9.75408  -0.44658  1.000 37.11821 ? 22  DG  B N1    1 
ATOM   927  C  C2    . DG  B 1 22 ? -2.86493  -10.75514 -0.66367  1.000 39.82949 ? 22  DG  B C2    1 
ATOM   928  N  N2    . DG  B 1 22 ? -2.12267  -11.12237 0.39861   1.000 32.91091 ? 22  DG  B N2    1 
ATOM   929  N  N3    . DG  B 1 22 ? -2.69936  -11.36851 -1.83430  1.000 43.85034 ? 22  DG  B N3    1 
ATOM   930  C  C4    . DG  B 1 22 ? -3.53768  -10.88283 -2.77981  1.000 43.23813 ? 22  DG  B C4    1 
HETATM 931  C  C1    . V4A C 2 .  ? 6.01724   11.45088  -4.01931  1.000 35.50462 ? 101 V4A A C1    1 
HETATM 932  C  C2    . V4A C 2 .  ? 5.81878   11.54975  -5.39337  1.000 34.65441 ? 101 V4A A C2    1 
HETATM 933  C  C3    . V4A C 2 .  ? 6.64702   10.81079  -6.22850  1.000 33.52843 ? 101 V4A A C3    1 
HETATM 934  C  C4    . V4A C 2 .  ? 7.63749   10.01401  -5.64806  1.000 35.59681 ? 101 V4A A C4    1 
HETATM 935  C  C5    . V4A C 2 .  ? 7.74510   9.96755   -4.26130  1.000 31.43232 ? 101 V4A A C5    1 
HETATM 936  C  C6    . V4A C 2 .  ? 8.81498   9.13755   -3.57919  1.000 28.87686 ? 101 V4A A C6    1 
HETATM 937  C  C7    . V4A C 2 .  ? 10.53449  7.86539   -3.04794  1.000 41.89834 ? 101 V4A A C7    1 
HETATM 938  C  C8    . V4A C 2 .  ? 10.26243  8.02512   -5.34554  1.000 45.47137 ? 101 V4A A C8    1 
HETATM 939  C  C9    . V4A C 2 .  ? 11.37757  7.19028   -5.55643  1.000 44.91672 ? 101 V4A A C9    1 
HETATM 940  C  C10   . V4A C 2 .  ? 12.10537  6.66301   -4.45599  1.000 41.74880 ? 101 V4A A C10   1 
HETATM 941  C  C11   . V4A C 2 .  ? 11.67465  7.01161   -3.16409  1.000 34.74837 ? 101 V4A A C11   1 
HETATM 942  N  N1    . V4A C 2 .  ? 9.85323   8.35015   -4.08901  1.000 43.01858 ? 101 V4A A N1    1 
HETATM 943  N  N2    . V4A C 2 .  ? 9.93136   8.33932   -1.94852  1.000 31.56804 ? 101 V4A A N2    1 
HETATM 944  N  N3    . V4A C 2 .  ? 8.92964   9.09218   -2.31387  1.000 24.06797 ? 101 V4A A N3    1 
HETATM 945  N  N4    . V4A C 2 .  ? 6.95941   10.68505  -3.49211  1.000 25.58437 ? 101 V4A A N4    1 
HETATM 946  C  CAA   . V4A C 2 .  ? 9.99608   8.86636   0.81708   1.000 34.29023 ? 101 V4A A CAA   1 
HETATM 947  C  CAB   . V4A C 2 .  ? 10.27392  8.87620   2.18046   1.000 40.40055 ? 101 V4A A CAB   1 
HETATM 948  C  CAC   . V4A C 2 .  ? 9.48027   9.68355   2.99261   1.000 41.64625 ? 101 V4A A CAC   1 
HETATM 949  C  CAD   . V4A C 2 .  ? 8.45770   10.43317  2.40350   1.000 40.48416 ? 101 V4A A CAD   1 
HETATM 950  C  CAE   . V4A C 2 .  ? 8.24333   10.32133  1.03942   1.000 31.60939 ? 101 V4A A CAE   1 
HETATM 951  C  CAF   . V4A C 2 .  ? 7.16878   11.12880  0.35484   1.000 28.12544 ? 101 V4A A CAF   1 
HETATM 952  C  CAH   . V4A C 2 .  ? 5.64082   12.60729  -0.13529  1.000 42.85919 ? 101 V4A A CAH   1 
HETATM 953  C  CAK   . V4A C 2 .  ? 6.32044   12.76658  2.07416   1.000 45.97558 ? 101 V4A A CAK   1 
HETATM 954  C  CAL   . V4A C 2 .  ? 5.42924   13.82238  2.31112   1.000 47.67972 ? 101 V4A A CAL   1 
HETATM 955  C  CAM   . V4A C 2 .  ? 4.59829   14.29298  1.26566   1.000 46.46014 ? 101 V4A A CAM   1 
HETATM 956  C  CAN   . V4A C 2 .  ? 4.70455   13.66755  0.01415   1.000 37.27686 ? 101 V4A A CAN   1 
HETATM 957  N  NAG   . V4A C 2 .  ? 6.40919   12.17582  0.85649   1.000 38.24518 ? 101 V4A A NAG   1 
HETATM 958  N  NAI   . V4A C 2 .  ? 5.92801   11.85919  -1.22048  1.000 36.48350 ? 101 V4A A NAI   1 
HETATM 959  N  NAJ   . V4A C 2 .  ? 6.84588   10.99135  -0.88142  1.000 25.31516 ? 101 V4A A NAJ   1 
HETATM 960  N  NBD   . V4A C 2 .  ? 9.01557   9.57368   0.29766   1.000 25.20315 ? 101 V4A A NBD   1 
HETATM 961  PT PT    . V4A C 2 .  ? 7.97165   9.95527   -1.41488  1.000 57.73048 ? 101 V4A A PT    1 
HETATM 962  C  C1    . EDO D 3 .  ? -12.21458 8.52854   -9.29803  1.000 41.77468 ? 102 EDO A C1    1 
HETATM 963  O  O1    . EDO D 3 .  ? -13.63560 8.59393   -9.05772  1.000 42.57228 ? 102 EDO A O1    1 
HETATM 964  C  C2    . EDO D 3 .  ? -11.82875 7.59094   -10.44795 1.000 39.95619 ? 102 EDO A C2    1 
HETATM 965  O  O2    . EDO D 3 .  ? -11.57201 8.29027   -11.68149 1.000 43.84124 ? 102 EDO A O2    1 
HETATM 966  C  C1    . V4A E 2 .  ? -2.98648  2.56197   -0.27274  1.000 31.20348 ? 103 V4A A C1    1 
HETATM 967  C  C2    . V4A E 2 .  ? -3.82413  3.40066   0.46553   1.000 32.03122 ? 103 V4A A C2    1 
HETATM 968  C  C3    . V4A E 2 .  ? -3.72203  3.47559   1.85475   1.000 29.70662 ? 103 V4A A C3    1 
HETATM 969  C  C4    . V4A E 2 .  ? -2.75182  2.68680   2.46086   1.000 29.95669 ? 103 V4A A C4    1 
HETATM 970  C  C5    . V4A E 2 .  ? -1.95900  1.88950   1.63971   1.000 29.99350 ? 103 V4A A C5    1 
HETATM 971  C  C6    . V4A E 2 .  ? -0.88660  1.03098   2.20389   1.000 24.05454 ? 103 V4A A C6    1 
HETATM 972  C  C7    . V4A E 2 .  ? 0.59835   0.01612   3.43555   1.000 27.70999 ? 103 V4A A C7    1 
HETATM 973  C  C8    . V4A E 2 .  ? -0.70283  1.49925   4.68294   1.000 36.04286 ? 103 V4A A C8    1 
HETATM 974  C  C9    . V4A E 2 .  ? -0.01088  1.16291   5.87469   1.000 38.44075 ? 103 V4A A C9    1 
HETATM 975  C  C10   . V4A E 2 .  ? 1.03193   0.19668   5.81409   1.000 37.13909 ? 103 V4A A C10   1 
HETATM 976  C  C11   . V4A E 2 .  ? 1.33965   -0.38512  4.56800   1.000 28.34578 ? 103 V4A A C11   1 
HETATM 977  N  N1    . V4A E 2 .  ? -0.37985  0.91747   3.48971   1.000 32.45225 ? 103 V4A A N1    1 
HETATM 978  N  N2    . V4A E 2 .  ? 0.67248   -0.39568  2.16999   1.000 26.07741 ? 103 V4A A N2    1 
HETATM 979  N  N3    . V4A E 2 .  ? -0.24882  0.23386   1.45958   1.000 23.65183 ? 103 V4A A N3    1 
HETATM 980  N  N4    . V4A E 2 .  ? -2.06382  1.83011   0.32512   1.000 29.11550 ? 103 V4A A N4    1 
HETATM 981  C  CAA   . V4A E 2 .  ? 2.43338   -1.89448  0.45873   1.000 27.25864 ? 103 V4A A CAA   1 
HETATM 982  C  CAB   . V4A E 2 .  ? 3.28651   -2.80422  -0.14016  1.000 29.79367 ? 103 V4A A CAB   1 
HETATM 983  C  CAC   . V4A E 2 .  ? 3.18365   -3.00038  -1.50819  1.000 32.01150 ? 103 V4A A CAC   1 
HETATM 984  C  CAD   . V4A E 2 .  ? 2.22023   -2.26500  -2.19331  1.000 29.93616 ? 103 V4A A CAD   1 
HETATM 985  C  CAE   . V4A E 2 .  ? 1.44156   -1.35428  -1.51178  1.000 19.62775 ? 103 V4A A CAE   1 
HETATM 986  C  CAF   . V4A E 2 .  ? 0.36567   -0.57937  -2.20291  1.000 27.20768 ? 103 V4A A CAF   1 
HETATM 987  C  CAH   . V4A E 2 .  ? -1.00674  0.18416   -3.72128  1.000 32.58230 ? 103 V4A A CAH   1 
HETATM 988  C  CAK   . V4A E 2 .  ? 0.59244   -1.25404  -4.62034  1.000 33.68652 ? 103 V4A A CAK   1 
HETATM 989  C  CAL   . V4A E 2 .  ? 0.09426   -1.12114  -5.92121  1.000 38.35965 ? 103 V4A A CAL   1 
HETATM 990  C  CAM   . V4A E 2 .  ? -1.02090  -0.28159  -6.11891  1.000 42.42457 ? 103 V4A A CAM   1 
HETATM 991  C  CAN   . V4A E 2 .  ? -1.57304  0.37598   -5.00202  1.000 37.85620 ? 103 V4A A CAN   1 
HETATM 992  N  NAG   . V4A E 2 .  ? 0.04036   -0.61552  -3.55541  1.000 33.70348 ? 103 V4A A NAG   1 
HETATM 993  N  NAI   . V4A E 2 .  ? -1.35583  0.70537   -2.51812  1.000 32.02095 ? 103 V4A A NAI   1 
HETATM 994  N  NAJ   . V4A E 2 .  ? -0.50681  0.20343   -1.61768  1.000 33.74603 ? 103 V4A A NAJ   1 
HETATM 995  N  NBD   . V4A E 2 .  ? 1.55548   -1.20340  -0.24344  1.000 20.80291 ? 103 V4A A NBD   1 
HETATM 996  PT PT    . V4A E 2 .  ? 0.01848   -0.03007  -0.04043  1.000 44.09628 ? 103 V4A A PT    1 
HETATM 997  K  K     . K   F 4 .  ? 2.74954   3.64970   -0.24009  1.000 38.45054 ? 104 K   A K     1 
HETATM 998  K  K     . K   G 4 .  ? 5.27609   6.40225   -0.89059  1.000 35.58409 ? 105 K   A K     1 
HETATM 999  K  K     . K   H 4 .  ? -14.22801 9.54056   -12.18492 1.000 41.95368 ? 106 K   A K     1 
HETATM 1000 C  C1    . EDO I 3 .  ? 12.48942  -8.01875  9.94645   1.000 37.60213 ? 501 EDO B C1    1 
HETATM 1001 O  O1    . EDO I 3 .  ? 12.68697  -9.39597  9.56752   1.000 41.04102 ? 501 EDO B O1    1 
HETATM 1002 C  C2    . EDO I 3 .  ? 11.48273  -7.83481  11.08195  1.000 38.57586 ? 501 EDO B C2    1 
HETATM 1003 O  O2    . EDO I 3 .  ? 12.08389  -7.30378  12.28137  1.000 38.75925 ? 501 EDO B O2    1 
HETATM 1004 K  K     . K   J 4 .  ? -5.23525  -6.61381  1.00267   1.000 37.39959 ? 502 K   B K     1 
HETATM 1005 C  C1    . V4A K 2 .  ? -5.63885  -11.83230 2.55432   1.000 33.04403 ? 503 V4A B C1    1 
HETATM 1006 C  C2    . V4A K 2 .  ? -4.64684  -12.73676 2.19049   1.000 39.43826 ? 503 V4A B C2    1 
HETATM 1007 C  C3    . V4A K 2 .  ? -4.55038  -13.09483 0.84292   1.000 42.25743 ? 503 V4A B C3    1 
HETATM 1008 C  C4    . V4A K 2 .  ? -5.44662  -12.53596 -0.07606  1.000 42.17787 ? 503 V4A B C4    1 
HETATM 1009 C  C5    . V4A K 2 .  ? -6.38919  -11.62688 0.38928   1.000 33.20649 ? 503 V4A B C5    1 
HETATM 1010 C  C6    . V4A K 2 .  ? -7.39648  -11.01176 -0.55180  1.000 29.28847 ? 503 V4A B C6    1 
HETATM 1011 C  C7    . V4A K 2 .  ? -8.66998  -10.55093 -2.27162  1.000 46.66942 ? 503 V4A B C7    1 
HETATM 1012 C  C8    . V4A K 2 .  ? -7.14098  -12.23554 -2.74179  1.000 44.26545 ? 503 V4A B C8    1 
HETATM 1013 C  C9    . V4A K 2 .  ? -7.61406  -12.34350 -4.05464  1.000 47.20432 ? 503 V4A B C9    1 
HETATM 1014 C  C10   . V4A K 2 .  ? -8.66606  -11.50643 -4.49723  1.000 48.53562 ? 503 V4A B C10   1 
HETATM 1015 C  C11   . V4A K 2 .  ? -9.20680  -10.58435 -3.58877  1.000 41.74483 ? 503 V4A B C11   1 
HETATM 1016 N  N1    . V4A K 2 .  ? -7.67737  -11.34689 -1.87072  1.000 41.41817 ? 503 V4A B N1    1 
HETATM 1017 N  N2    . V4A K 2 .  ? -9.01321  -9.76765  -1.22920  1.000 36.84851 ? 503 V4A B N2    1 
HETATM 1018 N  N3    . V4A K 2 .  ? -8.22958  -10.07974 -0.22277  1.000 28.60116 ? 503 V4A B N3    1 
HETATM 1019 N  N4    . V4A K 2 .  ? -6.46181  -11.31882 1.66342   1.000 27.07854 ? 503 V4A B N4    1 
HETATM 1020 C  CAA   . V4A K 2 .  ? -10.78527 -8.09227  0.20982   1.000 39.84564 ? 503 V4A B CAA   1 
HETATM 1021 C  CAB   . V4A K 2 .  ? -11.84855 -7.27450  0.56070   1.000 37.25507 ? 503 V4A B CAB   1 
HETATM 1022 C  CAC   . V4A K 2 .  ? -12.01909 -6.95253  1.89717   1.000 37.28616 ? 503 V4A B CAC   1 
HETATM 1023 C  CAD   . V4A K 2 .  ? -11.12063 -7.47425  2.82484   1.000 38.96289 ? 503 V4A B CAD   1 
HETATM 1024 C  CAE   . V4A K 2 .  ? -10.07704 -8.26968  2.37080   1.000 33.82801 ? 503 V4A B CAE   1 
HETATM 1025 C  CAF   . V4A K 2 .  ? -9.08946  -8.88370  3.31895   1.000 25.54954 ? 503 V4A B CAF   1 
HETATM 1026 C  CAH   . V4A K 2 .  ? -7.97523  -9.61346  5.05393   1.000 40.83783 ? 503 V4A B CAH   1 
HETATM 1027 C  CAK   . V4A K 2 .  ? -9.76771  -8.27371  5.67778   1.000 42.43214 ? 503 V4A B CAK   1 
HETATM 1028 C  CAL   . V4A K 2 .  ? -9.45952  -8.43260  7.03847   1.000 40.77341 ? 503 V4A B CAL   1 
HETATM 1029 C  CAM   . V4A K 2 .  ? -8.34476  -9.21728  7.41842   1.000 37.79934 ? 503 V4A B CAM   1 
HETATM 1030 C  CAN   . V4A K 2 .  ? -7.58224  -9.82523  6.40649   1.000 32.67302 ? 503 V4A B CAN   1 
HETATM 1031 N  NAG   . V4A K 2 .  ? -9.01806  -8.85940  4.70736   1.000 39.59116 ? 503 V4A B NAG   1 
HETATM 1032 N  NAI   . V4A K 2 .  ? -7.42829  -10.07288 3.91072   1.000 32.10300 ? 503 V4A B NAI   1 
HETATM 1033 N  NAJ   . V4A K 2 .  ? -8.13704  -9.61632  2.90629   1.000 25.44178 ? 503 V4A B NAJ   1 
HETATM 1034 N  NBD   . V4A K 2 .  ? -9.94345  -8.57763  1.10468   1.000 30.18236 ? 503 V4A B NBD   1 
HETATM 1035 PT PT    . V4A K 2 .  ? -7.92316  -10.00475 1.35505   1.000 58.72196 ? 503 V4A B PT    1 
HETATM 1036 K  K     . K   L 4 .  ? -2.76435  -3.81047  0.37583   1.000 39.32922 ? 504 K   B K     1 
HETATM 1037 O  O     . HOH M 5 .  ? 8.54015   -0.50681  13.10385  1.000 46.50500 ? 201 HOH A O     1 
HETATM 1038 O  O     . HOH M 5 .  ? 17.18925  -1.52271  1.06058   1.000 40.88515 ? 202 HOH A O     1 
HETATM 1039 O  O     . HOH N 5 .  ? 13.01904  -8.18705  14.46467  1.000 36.73107 ? 601 HOH B O     1 
HETATM 1040 O  O     . HOH N 5 .  ? 15.11653  -10.94620 9.70437   1.000 40.48147 ? 602 HOH B O     1 
HETATM 1041 O  O     . HOH N 5 .  ? -5.56486  4.32679   6.43379   1.000 32.48816 ? 603 HOH B O     1 
HETATM 1042 O  O     . HOH N 5 .  ? 0.19928   -10.57105 13.97612  1.000 38.30935 ? 604 HOH B O     1 
# 
loop_
_pdbx_poly_seq_scheme.asym_id 
_pdbx_poly_seq_scheme.entity_id 
_pdbx_poly_seq_scheme.seq_id 
_pdbx_poly_seq_scheme.mon_id 
_pdbx_poly_seq_scheme.ndb_seq_num 
_pdbx_poly_seq_scheme.pdb_seq_num 
_pdbx_poly_seq_scheme.auth_seq_num 
_pdbx_poly_seq_scheme.pdb_mon_id 
_pdbx_poly_seq_scheme.auth_mon_id 
_pdbx_poly_seq_scheme.pdb_strand_id 
_pdbx_poly_seq_scheme.pdb_ins_code 
_pdbx_poly_seq_scheme.hetero 
A 1 1  DA 1  1  1  DA DA A . n 
A 1 2  DG 2  2  2  DG DG A . n 
A 1 3  DG 3  3  3  DG DG A . n 
A 1 4  DG 4  4  4  DG DG A . n 
A 1 5  DT 5  5  5  DT DT A . n 
A 1 6  DT 6  6  6  DT DT A . n 
A 1 7  DA 7  7  7  DA DA A . n 
A 1 8  DG 8  8  8  DG DG A . n 
A 1 9  DG 9  9  9  DG DG A . n 
A 1 10 DG 10 10 10 DG DG A . n 
A 1 11 DT 11 11 11 DT DT A . n 
A 1 12 DT 12 12 12 DT DT A . n 
A 1 13 DA 13 13 13 DA DA A . n 
A 1 14 DG 14 14 14 DG DG A . n 
A 1 15 DG 15 15 15 DG DG A . n 
A 1 16 DG 16 16 16 DG DG A . n 
A 1 17 DT 17 17 17 DT DT A . n 
A 1 18 DT 18 18 18 DT DT A . n 
A 1 19 DA 19 19 19 DA DA A . n 
A 1 20 DG 20 20 20 DG DG A . n 
A 1 21 DG 21 21 21 DG DG A . n 
A 1 22 DG 22 22 22 DG DG A . n 
B 1 1  DA 1  1  1  DA DA B . n 
B 1 2  DG 2  2  2  DG DG B . n 
B 1 3  DG 3  3  3  DG DG B . n 
B 1 4  DG 4  4  4  DG DG B . n 
B 1 5  DT 5  5  5  DT DT B . n 
B 1 6  DT 6  6  6  DT DT B . n 
B 1 7  DA 7  7  7  DA DA B . n 
B 1 8  DG 8  8  8  DG DG B . n 
B 1 9  DG 9  9  9  DG DG B . n 
B 1 10 DG 10 10 10 DG DG B . n 
B 1 11 DT 11 11 11 DT DT B . n 
B 1 12 DT 12 12 12 DT DT B . n 
B 1 13 DA 13 13 13 DA DA B . n 
B 1 14 DG 14 14 14 DG DG B . n 
B 1 15 DG 15 15 15 DG DG B . n 
B 1 16 DG 16 16 16 DG DG B . n 
B 1 17 DT 17 17 17 DT DT B . n 
B 1 18 DT 18 18 18 DT DT B . n 
B 1 19 DA 19 19 19 DA DA B . n 
B 1 20 DG 20 20 20 DG DG B . n 
B 1 21 DG 21 21 21 DG DG B . n 
B 1 22 DG 22 22 22 DG DG B . n 
# 
loop_
_pdbx_nonpoly_scheme.asym_id 
_pdbx_nonpoly_scheme.entity_id 
_pdbx_nonpoly_scheme.mon_id 
_pdbx_nonpoly_scheme.ndb_seq_num 
_pdbx_nonpoly_scheme.pdb_seq_num 
_pdbx_nonpoly_scheme.auth_seq_num 
_pdbx_nonpoly_scheme.pdb_mon_id 
_pdbx_nonpoly_scheme.auth_mon_id 
_pdbx_nonpoly_scheme.pdb_strand_id 
_pdbx_nonpoly_scheme.pdb_ins_code 
C 2 V4A 1 101 201 V4A DRG A . 
D 3 EDO 1 102 601 EDO EDO A . 
E 2 V4A 1 103 201 V4A DRG A . 
F 4 K   1 104 2   K   K   A . 
G 4 K   1 105 3   K   K   A . 
H 4 K   1 106 4   K   K   A . 
I 3 EDO 1 501 501 EDO EDO B . 
J 4 K   1 502 24  K   K   B . 
K 2 V4A 1 503 401 V4A DRG B . 
L 4 K   1 504 1   K   K   B . 
M 5 HOH 1 201 8   HOH HOH A . 
M 5 HOH 2 202 1   HOH HOH A . 
N 5 HOH 1 601 4   HOH HOH B . 
N 5 HOH 2 602 6   HOH HOH B . 
N 5 HOH 3 603 3   HOH HOH B . 
N 5 HOH 4 604 2   HOH HOH B . 
# 
_pdbx_struct_assembly.id                   1 
_pdbx_struct_assembly.details              author_defined_assembly 
_pdbx_struct_assembly.method_details       ? 
_pdbx_struct_assembly.oligomeric_details   dimeric 
_pdbx_struct_assembly.oligomeric_count     2 
# 
_pdbx_struct_assembly_gen.assembly_id       1 
_pdbx_struct_assembly_gen.oper_expression   1 
_pdbx_struct_assembly_gen.asym_id_list      A,B,C,D,E,F,G,H,I,J,K,L,M,N 
# 
_pdbx_struct_oper_list.id                   1 
_pdbx_struct_oper_list.type                 'identity operation' 
_pdbx_struct_oper_list.name                 1_555 
_pdbx_struct_oper_list.symmetry_operation   x,y,z 
_pdbx_struct_oper_list.matrix[1][1]         1.0000000000 
_pdbx_struct_oper_list.matrix[1][2]         0.0000000000 
_pdbx_struct_oper_list.matrix[1][3]         0.0000000000 
_pdbx_struct_oper_list.vector[1]            0.0000000000 
_pdbx_struct_oper_list.matrix[2][1]         0.0000000000 
_pdbx_struct_oper_list.matrix[2][2]         1.0000000000 
_pdbx_struct_oper_list.matrix[2][3]         0.0000000000 
_pdbx_struct_oper_list.vector[2]            0.0000000000 
_pdbx_struct_oper_list.matrix[3][1]         0.0000000000 
_pdbx_struct_oper_list.matrix[3][2]         0.0000000000 
_pdbx_struct_oper_list.matrix[3][3]         1.0000000000 
_pdbx_struct_oper_list.vector[3]            0.0000000000 
# 
loop_
_pdbx_struct_conn_angle.id 
_pdbx_struct_conn_angle.ptnr1_label_atom_id 
_pdbx_struct_conn_angle.ptnr1_label_alt_id 
_pdbx_struct_conn_angle.ptnr1_label_asym_id 
_pdbx_struct_conn_angle.ptnr1_label_comp_id 
_pdbx_struct_conn_angle.ptnr1_label_seq_id 
_pdbx_struct_conn_angle.ptnr1_auth_atom_id 
_pdbx_struct_conn_angle.ptnr1_auth_asym_id 
_pdbx_struct_conn_angle.ptnr1_auth_comp_id 
_pdbx_struct_conn_angle.ptnr1_auth_seq_id 
_pdbx_struct_conn_angle.ptnr1_PDB_ins_code 
_pdbx_struct_conn_angle.ptnr1_symmetry 
_pdbx_struct_conn_angle.ptnr2_label_atom_id 
_pdbx_struct_conn_angle.ptnr2_label_alt_id 
_pdbx_struct_conn_angle.ptnr2_label_asym_id 
_pdbx_struct_conn_angle.ptnr2_label_comp_id 
_pdbx_struct_conn_angle.ptnr2_label_seq_id 
_pdbx_struct_conn_angle.ptnr2_auth_atom_id 
_pdbx_struct_conn_angle.ptnr2_auth_asym_id 
_pdbx_struct_conn_angle.ptnr2_auth_comp_id 
_pdbx_struct_conn_angle.ptnr2_auth_seq_id 
_pdbx_struct_conn_angle.ptnr2_PDB_ins_code 
_pdbx_struct_conn_angle.ptnr2_symmetry 
_pdbx_struct_conn_angle.ptnr3_label_atom_id 
_pdbx_struct_conn_angle.ptnr3_label_alt_id 
_pdbx_struct_conn_angle.ptnr3_label_asym_id 
_pdbx_struct_conn_angle.ptnr3_label_comp_id 
_pdbx_struct_conn_angle.ptnr3_label_seq_id 
_pdbx_struct_conn_angle.ptnr3_auth_atom_id 
_pdbx_struct_conn_angle.ptnr3_auth_asym_id 
_pdbx_struct_conn_angle.ptnr3_auth_comp_id 
_pdbx_struct_conn_angle.ptnr3_auth_seq_id 
_pdbx_struct_conn_angle.ptnr3_PDB_ins_code 
_pdbx_struct_conn_angle.ptnr3_symmetry 
_pdbx_struct_conn_angle.value 
_pdbx_struct_conn_angle.value_esd 
1   O6 ? A DG  2  ? A DG  2   ? 1_555 K ? F K . ? A K 104 ? 1_555 O6 ? A DG  3  ? A DG  3   ? 1_555 79.0  ? 
2   O6 ? A DG  2  ? A DG  2   ? 1_555 K ? F K . ? A K 104 ? 1_555 O6 ? A DG  8  ? A DG  8   ? 1_555 68.7  ? 
3   O6 ? A DG  3  ? A DG  3   ? 1_555 K ? F K . ? A K 104 ? 1_555 O6 ? A DG  8  ? A DG  8   ? 1_555 88.0  ? 
4   O6 ? A DG  2  ? A DG  2   ? 1_555 K ? F K . ? A K 104 ? 1_555 O6 ? A DG  9  ? A DG  9   ? 1_555 127.6 ? 
5   O6 ? A DG  3  ? A DG  3   ? 1_555 K ? F K . ? A K 104 ? 1_555 O6 ? A DG  9  ? A DG  9   ? 1_555 63.7  ? 
6   O6 ? A DG  8  ? A DG  8   ? 1_555 K ? F K . ? A K 104 ? 1_555 O6 ? A DG  9  ? A DG  9   ? 1_555 74.2  ? 
7   O6 ? A DG  2  ? A DG  2   ? 1_555 K ? F K . ? A K 104 ? 1_555 O6 ? A DG  14 ? A DG  14  ? 1_555 121.1 ? 
8   O6 ? A DG  3  ? A DG  3   ? 1_555 K ? F K . ? A K 104 ? 1_555 O6 ? A DG  14 ? A DG  14  ? 1_555 148.3 ? 
9   O6 ? A DG  8  ? A DG  8   ? 1_555 K ? F K . ? A K 104 ? 1_555 O6 ? A DG  14 ? A DG  14  ? 1_555 78.8  ? 
10  O6 ? A DG  9  ? A DG  9   ? 1_555 K ? F K . ? A K 104 ? 1_555 O6 ? A DG  14 ? A DG  14  ? 1_555 84.9  ? 
11  O6 ? A DG  2  ? A DG  2   ? 1_555 K ? F K . ? A K 104 ? 1_555 O6 ? A DG  15 ? A DG  15  ? 1_555 161.9 ? 
12  O6 ? A DG  3  ? A DG  3   ? 1_555 K ? F K . ? A K 104 ? 1_555 O6 ? A DG  15 ? A DG  15  ? 1_555 97.3  ? 
13  O6 ? A DG  8  ? A DG  8   ? 1_555 K ? F K . ? A K 104 ? 1_555 O6 ? A DG  15 ? A DG  15  ? 1_555 129.1 ? 
14  O6 ? A DG  9  ? A DG  9   ? 1_555 K ? F K . ? A K 104 ? 1_555 O6 ? A DG  15 ? A DG  15  ? 1_555 63.7  ? 
15  O6 ? A DG  14 ? A DG  14  ? 1_555 K ? F K . ? A K 104 ? 1_555 O6 ? A DG  15 ? A DG  15  ? 1_555 70.6  ? 
16  O6 ? A DG  2  ? A DG  2   ? 1_555 K ? F K . ? A K 104 ? 1_555 O6 ? A DG  20 ? A DG  20  ? 1_555 82.2  ? 
17  O6 ? A DG  3  ? A DG  3   ? 1_555 K ? F K . ? A K 104 ? 1_555 O6 ? A DG  20 ? A DG  20  ? 1_555 137.1 ? 
18  O6 ? A DG  8  ? A DG  8   ? 1_555 K ? F K . ? A K 104 ? 1_555 O6 ? A DG  20 ? A DG  20  ? 1_555 120.1 ? 
19  O6 ? A DG  9  ? A DG  9   ? 1_555 K ? F K . ? A K 104 ? 1_555 O6 ? A DG  20 ? A DG  20  ? 1_555 149.8 ? 
20  O6 ? A DG  14 ? A DG  14  ? 1_555 K ? F K . ? A K 104 ? 1_555 O6 ? A DG  20 ? A DG  20  ? 1_555 73.4  ? 
21  O6 ? A DG  15 ? A DG  15  ? 1_555 K ? F K . ? A K 104 ? 1_555 O6 ? A DG  20 ? A DG  20  ? 1_555 89.0  ? 
22  O6 ? A DG  2  ? A DG  2   ? 1_555 K ? F K . ? A K 104 ? 1_555 O6 ? A DG  21 ? A DG  21  ? 1_555 92.4  ? 
23  O6 ? A DG  3  ? A DG  3   ? 1_555 K ? F K . ? A K 104 ? 1_555 O6 ? A DG  21 ? A DG  21  ? 1_555 58.7  ? 
24  O6 ? A DG  8  ? A DG  8   ? 1_555 K ? F K . ? A K 104 ? 1_555 O6 ? A DG  21 ? A DG  21  ? 1_555 144.9 ? 
25  O6 ? A DG  9  ? A DG  9   ? 1_555 K ? F K . ? A K 104 ? 1_555 O6 ? A DG  21 ? A DG  21  ? 1_555 97.6  ? 
26  O6 ? A DG  14 ? A DG  14  ? 1_555 K ? F K . ? A K 104 ? 1_555 O6 ? A DG  21 ? A DG  21  ? 1_555 135.4 ? 
27  O6 ? A DG  15 ? A DG  15  ? 1_555 K ? F K . ? A K 104 ? 1_555 O6 ? A DG  21 ? A DG  21  ? 1_555 71.0  ? 
28  O6 ? A DG  20 ? A DG  20  ? 1_555 K ? F K . ? A K 104 ? 1_555 O6 ? A DG  21 ? A DG  21  ? 1_555 84.2  ? 
29  O6 ? A DG  3  ? A DG  3   ? 1_555 K ? G K . ? A K 105 ? 1_555 O6 ? A DG  4  ? A DG  4   ? 1_555 69.3  ? 
30  O6 ? A DG  3  ? A DG  3   ? 1_555 K ? G K . ? A K 105 ? 1_555 O6 ? A DG  9  ? A DG  9   ? 1_555 65.4  ? 
31  O6 ? A DG  4  ? A DG  4   ? 1_555 K ? G K . ? A K 105 ? 1_555 O6 ? A DG  9  ? A DG  9   ? 1_555 90.9  ? 
32  O6 ? A DG  3  ? A DG  3   ? 1_555 K ? G K . ? A K 105 ? 1_555 O6 ? A DG  10 ? A DG  10  ? 1_555 128.1 ? 
33  O6 ? A DG  4  ? A DG  4   ? 1_555 K ? G K . ? A K 105 ? 1_555 O6 ? A DG  10 ? A DG  10  ? 1_555 82.1  ? 
34  O6 ? A DG  9  ? A DG  9   ? 1_555 K ? G K . ? A K 105 ? 1_555 O6 ? A DG  10 ? A DG  10  ? 1_555 73.0  ? 
35  O6 ? A DG  3  ? A DG  3   ? 1_555 K ? G K . ? A K 105 ? 1_555 O6 ? A DG  15 ? A DG  15  ? 1_555 104.0 ? 
36  O6 ? A DG  4  ? A DG  4   ? 1_555 K ? G K . ? A K 105 ? 1_555 O6 ? A DG  15 ? A DG  15  ? 1_555 155.7 ? 
37  O6 ? A DG  9  ? A DG  9   ? 1_555 K ? G K . ? A K 105 ? 1_555 O6 ? A DG  15 ? A DG  15  ? 1_555 65.7  ? 
38  O6 ? A DG  10 ? A DG  10  ? 1_555 K ? G K . ? A K 105 ? 1_555 O6 ? A DG  15 ? A DG  15  ? 1_555 84.7  ? 
39  O6 ? A DG  3  ? A DG  3   ? 1_555 K ? G K . ? A K 105 ? 1_555 O6 ? A DG  16 ? A DG  16  ? 1_555 154.3 ? 
40  O6 ? A DG  4  ? A DG  4   ? 1_555 K ? G K . ? A K 105 ? 1_555 O6 ? A DG  16 ? A DG  16  ? 1_555 123.7 ? 
41  O6 ? A DG  9  ? A DG  9   ? 1_555 K ? G K . ? A K 105 ? 1_555 O6 ? A DG  16 ? A DG  16  ? 1_555 130.2 ? 
42  O6 ? A DG  10 ? A DG  10  ? 1_555 K ? G K . ? A K 105 ? 1_555 O6 ? A DG  16 ? A DG  16  ? 1_555 77.4  ? 
43  O6 ? A DG  15 ? A DG  15  ? 1_555 K ? G K . ? A K 105 ? 1_555 O6 ? A DG  16 ? A DG  16  ? 1_555 72.5  ? 
44  O6 ? A DG  3  ? A DG  3   ? 1_555 K ? G K . ? A K 105 ? 1_555 O6 ? A DG  21 ? A DG  21  ? 1_555 60.4  ? 
45  O6 ? A DG  4  ? A DG  4   ? 1_555 K ? G K . ? A K 105 ? 1_555 O6 ? A DG  21 ? A DG  21  ? 1_555 118.4 ? 
46  O6 ? A DG  9  ? A DG  9   ? 1_555 K ? G K . ? A K 105 ? 1_555 O6 ? A DG  21 ? A DG  21  ? 1_555 98.1  ? 
47  O6 ? A DG  10 ? A DG  10  ? 1_555 K ? G K . ? A K 105 ? 1_555 O6 ? A DG  21 ? A DG  21  ? 1_555 158.2 ? 
48  O6 ? A DG  15 ? A DG  15  ? 1_555 K ? G K . ? A K 105 ? 1_555 O6 ? A DG  21 ? A DG  21  ? 1_555 73.6  ? 
49  O6 ? A DG  16 ? A DG  16  ? 1_555 K ? G K . ? A K 105 ? 1_555 O6 ? A DG  21 ? A DG  21  ? 1_555 94.9  ? 
50  O6 ? A DG  3  ? A DG  3   ? 1_555 K ? G K . ? A K 105 ? 1_555 O6 ? A DG  22 ? A DG  22  ? 1_555 92.0  ? 
51  O6 ? A DG  4  ? A DG  4   ? 1_555 K ? G K . ? A K 105 ? 1_555 O6 ? A DG  22 ? A DG  22  ? 1_555 79.0  ? 
52  O6 ? A DG  9  ? A DG  9   ? 1_555 K ? G K . ? A K 105 ? 1_555 O6 ? A DG  22 ? A DG  22  ? 1_555 157.3 ? 
53  O6 ? A DG  10 ? A DG  10  ? 1_555 K ? G K . ? A K 105 ? 1_555 O6 ? A DG  22 ? A DG  22  ? 1_555 124.7 ? 
54  O6 ? A DG  15 ? A DG  15  ? 1_555 K ? G K . ? A K 105 ? 1_555 O6 ? A DG  22 ? A DG  22  ? 1_555 125.1 ? 
55  O6 ? A DG  16 ? A DG  16  ? 1_555 K ? G K . ? A K 105 ? 1_555 O6 ? A DG  22 ? A DG  22  ? 1_555 71.4  ? 
56  O6 ? A DG  21 ? A DG  21  ? 1_555 K ? G K . ? A K 105 ? 1_555 O6 ? A DG  22 ? A DG  22  ? 1_555 70.0  ? 
57  O2 ? A DT  6  ? A DT  6   ? 1_555 K ? H K . ? A K 106 ? 1_554 O2 ? A DT  18 ? A DT  18  ? 1_555 64.5  ? 
58  O2 ? A DT  6  ? A DT  6   ? 1_555 K ? H K . ? A K 106 ? 1_554 O1 ? D EDO .  ? A EDO 102 ? 1_555 68.8  ? 
59  O2 ? A DT  18 ? A DT  18  ? 1_555 K ? H K . ? A K 106 ? 1_554 O1 ? D EDO .  ? A EDO 102 ? 1_555 4.5   ? 
60  O2 ? A DT  6  ? A DT  6   ? 1_555 K ? H K . ? A K 106 ? 1_554 O2 ? D EDO .  ? A EDO 102 ? 1_555 64.8  ? 
61  O2 ? A DT  18 ? A DT  18  ? 1_555 K ? H K . ? A K 106 ? 1_554 O2 ? D EDO .  ? A EDO 102 ? 1_555 4.2   ? 
62  O1 ? D EDO .  ? A EDO 102 ? 1_555 K ? H K . ? A K 106 ? 1_554 O2 ? D EDO .  ? A EDO 102 ? 1_555 4.8   ? 
63  O2 ? A DT  6  ? A DT  6   ? 1_555 K ? H K . ? A K 106 ? 1_554 O2 ? B DT  6  ? B DT  6   ? 1_555 132.7 ? 
64  O2 ? A DT  18 ? A DT  18  ? 1_555 K ? H K . ? A K 106 ? 1_554 O2 ? B DT  6  ? B DT  6   ? 1_555 68.3  ? 
65  O1 ? D EDO .  ? A EDO 102 ? 1_555 K ? H K . ? A K 106 ? 1_554 O2 ? B DT  6  ? B DT  6   ? 1_555 63.9  ? 
66  O2 ? D EDO .  ? A EDO 102 ? 1_555 K ? H K . ? A K 106 ? 1_554 O2 ? B DT  6  ? B DT  6   ? 1_555 67.9  ? 
67  O2 ? A DT  6  ? A DT  6   ? 1_555 K ? H K . ? A K 106 ? 1_554 O2 ? B DT  18 ? B DT  18  ? 1_555 68.3  ? 
68  O2 ? A DT  18 ? A DT  18  ? 1_555 K ? H K . ? A K 106 ? 1_554 O2 ? B DT  18 ? B DT  18  ? 1_555 7.5   ? 
69  O1 ? D EDO .  ? A EDO 102 ? 1_555 K ? H K . ? A K 106 ? 1_554 O2 ? B DT  18 ? B DT  18  ? 1_555 5.1   ? 
70  O2 ? D EDO .  ? A EDO 102 ? 1_555 K ? H K . ? A K 106 ? 1_554 O2 ? B DT  18 ? B DT  18  ? 1_555 4.1   ? 
71  O2 ? B DT  6  ? B DT  6   ? 1_555 K ? H K . ? A K 106 ? 1_554 O2 ? B DT  18 ? B DT  18  ? 1_555 64.5  ? 
72  O2 ? A DT  6  ? A DT  6   ? 1_555 K ? H K . ? A K 106 ? 1_554 O1 ? I EDO .  ? B EDO 501 ? 1_556 66.1  ? 
73  O2 ? A DT  18 ? A DT  18  ? 1_555 K ? H K . ? A K 106 ? 1_554 O1 ? I EDO .  ? B EDO 501 ? 1_556 5.2   ? 
74  O1 ? D EDO .  ? A EDO 102 ? 1_555 K ? H K . ? A K 106 ? 1_554 O1 ? I EDO .  ? B EDO 501 ? 1_556 4.5   ? 
75  O2 ? D EDO .  ? A EDO 102 ? 1_555 K ? H K . ? A K 106 ? 1_554 O1 ? I EDO .  ? B EDO 501 ? 1_556 1.4   ? 
76  O2 ? B DT  6  ? B DT  6   ? 1_555 K ? H K . ? A K 106 ? 1_554 O1 ? I EDO .  ? B EDO 501 ? 1_556 66.6  ? 
77  O2 ? B DT  18 ? B DT  18  ? 1_555 K ? H K . ? A K 106 ? 1_554 O1 ? I EDO .  ? B EDO 501 ? 1_556 2.6   ? 
78  O2 ? A DT  6  ? A DT  6   ? 1_555 K ? H K . ? A K 106 ? 1_554 O2 ? I EDO .  ? B EDO 501 ? 1_556 67.2  ? 
79  O2 ? A DT  18 ? A DT  18  ? 1_555 K ? H K . ? A K 106 ? 1_554 O2 ? I EDO .  ? B EDO 501 ? 1_556 2.8   ? 
80  O1 ? D EDO .  ? A EDO 102 ? 1_555 K ? H K . ? A K 106 ? 1_554 O2 ? I EDO .  ? B EDO 501 ? 1_556 1.7   ? 
81  O2 ? D EDO .  ? A EDO 102 ? 1_555 K ? H K . ? A K 106 ? 1_554 O2 ? I EDO .  ? B EDO 501 ? 1_556 4.3   ? 
82  O2 ? B DT  6  ? B DT  6   ? 1_555 K ? H K . ? A K 106 ? 1_554 O2 ? I EDO .  ? B EDO 501 ? 1_556 65.5  ? 
83  O2 ? B DT  18 ? B DT  18  ? 1_555 K ? H K . ? A K 106 ? 1_554 O2 ? I EDO .  ? B EDO 501 ? 1_556 5.9   ? 
84  O1 ? I EDO .  ? B EDO 501 ? 1_556 K ? H K . ? A K 106 ? 1_554 O2 ? I EDO .  ? B EDO 501 ? 1_556 4.4   ? 
85  O2 ? A DT  6  ? A DT  6   ? 1_555 K ? H K . ? A K 106 ? 1_554 O  ? N HOH .  ? B HOH 601 ? 1_556 68.4  ? 
86  O2 ? A DT  18 ? A DT  18  ? 1_555 K ? H K . ? A K 106 ? 1_554 O  ? N HOH .  ? B HOH 601 ? 1_556 3.9   ? 
87  O1 ? D EDO .  ? A EDO 102 ? 1_555 K ? H K . ? A K 106 ? 1_554 O  ? N HOH .  ? B HOH 601 ? 1_556 1.8   ? 
88  O2 ? D EDO .  ? A EDO 102 ? 1_555 K ? H K . ? A K 106 ? 1_554 O  ? N HOH .  ? B HOH 601 ? 1_556 5.8   ? 
89  O2 ? B DT  6  ? B DT  6   ? 1_555 K ? H K . ? A K 106 ? 1_554 O  ? N HOH .  ? B HOH 601 ? 1_556 64.4  ? 
90  O2 ? B DT  18 ? B DT  18  ? 1_555 K ? H K . ? A K 106 ? 1_554 O  ? N HOH .  ? B HOH 601 ? 1_556 6.9   ? 
91  O1 ? I EDO .  ? B EDO 501 ? 1_556 K ? H K . ? A K 106 ? 1_554 O  ? N HOH .  ? B HOH 601 ? 1_556 5.8   ? 
92  O2 ? I EDO .  ? B EDO 501 ? 1_556 K ? H K . ? A K 106 ? 1_554 O  ? N HOH .  ? B HOH 601 ? 1_556 1.6   ? 
93  O2 ? A DT  6  ? A DT  6   ? 1_555 K ? H K . ? A K 106 ? 1_554 O  ? N HOH .  ? B HOH 602 ? 1_556 64.7  ? 
94  O2 ? A DT  18 ? A DT  18  ? 1_555 K ? H K . ? A K 106 ? 1_554 O  ? N HOH .  ? B HOH 602 ? 1_556 6.6   ? 
95  O1 ? D EDO .  ? A EDO 102 ? 1_555 K ? H K . ? A K 106 ? 1_554 O  ? N HOH .  ? B HOH 602 ? 1_556 6.6   ? 
96  O2 ? D EDO .  ? A EDO 102 ? 1_555 K ? H K . ? A K 106 ? 1_554 O  ? N HOH .  ? B HOH 602 ? 1_556 2.4   ? 
97  O2 ? B DT  6  ? B DT  6   ? 1_555 K ? H K . ? A K 106 ? 1_554 O  ? N HOH .  ? B HOH 602 ? 1_556 68.1  ? 
98  O2 ? B DT  18 ? B DT  18  ? 1_555 K ? H K . ? A K 106 ? 1_554 O  ? N HOH .  ? B HOH 602 ? 1_556 3.5   ? 
99  O1 ? I EDO .  ? B EDO 501 ? 1_556 K ? H K . ? A K 106 ? 1_554 O  ? N HOH .  ? B HOH 602 ? 1_556 2.2   ? 
100 O2 ? I EDO .  ? B EDO 501 ? 1_556 K ? H K . ? A K 106 ? 1_554 O  ? N HOH .  ? B HOH 602 ? 1_556 6.5   ? 
101 O  ? N HOH .  ? B HOH 601 ? 1_556 K ? H K . ? A K 106 ? 1_554 O  ? N HOH .  ? B HOH 602 ? 1_556 7.9   ? 
102 O6 ? B DG  2  ? B DG  2   ? 1_555 K ? L K . ? B K 504 ? 1_555 O6 ? B DG  3  ? B DG  3   ? 1_555 77.8  ? 
103 O6 ? B DG  2  ? B DG  2   ? 1_555 K ? L K . ? B K 504 ? 1_555 O6 ? B DG  8  ? B DG  8   ? 1_555 69.8  ? 
104 O6 ? B DG  3  ? B DG  3   ? 1_555 K ? L K . ? B K 504 ? 1_555 O6 ? B DG  8  ? B DG  8   ? 1_555 90.4  ? 
105 O6 ? B DG  2  ? B DG  2   ? 1_555 K ? L K . ? B K 504 ? 1_555 O6 ? B DG  9  ? B DG  9   ? 1_555 132.6 ? 
106 O6 ? B DG  3  ? B DG  3   ? 1_555 K ? L K . ? B K 504 ? 1_555 O6 ? B DG  9  ? B DG  9   ? 1_555 71.6  ? 
107 O6 ? B DG  8  ? B DG  8   ? 1_555 K ? L K . ? B K 504 ? 1_555 O6 ? B DG  9  ? B DG  9   ? 1_555 75.1  ? 
108 O6 ? B DG  2  ? B DG  2   ? 1_555 K ? L K . ? B K 504 ? 1_555 O6 ? B DG  14 ? B DG  14  ? 1_555 115.6 ? 
109 O6 ? B DG  3  ? B DG  3   ? 1_555 K ? L K . ? B K 504 ? 1_555 O6 ? B DG  14 ? B DG  14  ? 1_555 153.4 ? 
110 O6 ? B DG  8  ? B DG  8   ? 1_555 K ? L K . ? B K 504 ? 1_555 O6 ? B DG  14 ? B DG  14  ? 1_555 74.5  ? 
111 O6 ? B DG  9  ? B DG  9   ? 1_555 K ? L K . ? B K 504 ? 1_555 O6 ? B DG  14 ? B DG  14  ? 1_555 83.2  ? 
112 O6 ? B DG  2  ? B DG  2   ? 1_555 K ? L K . ? B K 504 ? 1_555 O6 ? B DG  15 ? B DG  15  ? 1_555 154.7 ? 
113 O6 ? B DG  3  ? B DG  3   ? 1_555 K ? L K . ? B K 504 ? 1_555 O6 ? B DG  15 ? B DG  15  ? 1_555 102.6 ? 
114 O6 ? B DG  8  ? B DG  8   ? 1_555 K ? L K . ? B K 504 ? 1_555 O6 ? B DG  15 ? B DG  15  ? 1_555 135.2 ? 
115 O6 ? B DG  9  ? B DG  9   ? 1_555 K ? L K . ? B K 504 ? 1_555 O6 ? B DG  15 ? B DG  15  ? 1_555 69.2  ? 
116 O6 ? B DG  14 ? B DG  14  ? 1_555 K ? L K . ? B K 504 ? 1_555 O6 ? B DG  15 ? B DG  15  ? 1_555 75.2  ? 
117 O6 ? B DG  2  ? B DG  2   ? 1_555 K ? L K . ? B K 504 ? 1_555 O6 ? B DG  20 ? B DG  20  ? 1_555 73.2  ? 
118 O6 ? B DG  3  ? B DG  3   ? 1_555 K ? L K . ? B K 504 ? 1_555 O6 ? B DG  20 ? B DG  20  ? 1_555 131.7 ? 
119 O6 ? B DG  8  ? B DG  8   ? 1_555 K ? L K . ? B K 504 ? 1_555 O6 ? B DG  20 ? B DG  20  ? 1_555 113.8 ? 
120 O6 ? B DG  9  ? B DG  9   ? 1_555 K ? L K . ? B K 504 ? 1_555 O6 ? B DG  20 ? B DG  20  ? 1_555 152.5 ? 
121 O6 ? B DG  14 ? B DG  14  ? 1_555 K ? L K . ? B K 504 ? 1_555 O6 ? B DG  20 ? B DG  20  ? 1_555 74.9  ? 
122 O6 ? B DG  15 ? B DG  15  ? 1_555 K ? L K . ? B K 504 ? 1_555 O6 ? B DG  20 ? B DG  20  ? 1_555 89.0  ? 
123 O6 ? B DG  2  ? B DG  2   ? 1_555 K ? L K . ? B K 504 ? 1_555 O6 ? B DG  21 ? B DG  21  ? 1_555 88.7  ? 
124 O6 ? B DG  3  ? B DG  3   ? 1_555 K ? L K . ? B K 504 ? 1_555 O6 ? B DG  21 ? B DG  21  ? 1_555 61.1  ? 
125 O6 ? B DG  8  ? B DG  8   ? 1_555 K ? L K . ? B K 504 ? 1_555 O6 ? B DG  21 ? B DG  21  ? 1_555 147.9 ? 
126 O6 ? B DG  9  ? B DG  9   ? 1_555 K ? L K . ? B K 504 ? 1_555 O6 ? B DG  21 ? B DG  21  ? 1_555 106.3 ? 
127 O6 ? B DG  14 ? B DG  14  ? 1_555 K ? L K . ? B K 504 ? 1_555 O6 ? B DG  21 ? B DG  21  ? 1_555 137.5 ? 
128 O6 ? B DG  15 ? B DG  15  ? 1_555 K ? L K . ? B K 504 ? 1_555 O6 ? B DG  21 ? B DG  21  ? 1_555 70.3  ? 
129 O6 ? B DG  20 ? B DG  20  ? 1_555 K ? L K . ? B K 504 ? 1_555 O6 ? B DG  21 ? B DG  21  ? 1_555 80.2  ? 
130 O6 ? B DG  3  ? B DG  3   ? 1_555 K ? J K . ? B K 502 ? 1_555 O6 ? B DG  4  ? B DG  4   ? 1_555 67.9  ? 
131 O6 ? B DG  3  ? B DG  3   ? 1_555 K ? J K . ? B K 502 ? 1_555 O6 ? B DG  9  ? B DG  9   ? 1_555 65.7  ? 
132 O6 ? B DG  4  ? B DG  4   ? 1_555 K ? J K . ? B K 502 ? 1_555 O6 ? B DG  9  ? B DG  9   ? 1_555 90.2  ? 
133 O6 ? B DG  3  ? B DG  3   ? 1_555 K ? J K . ? B K 502 ? 1_555 O6 ? B DG  10 ? B DG  10  ? 1_555 127.5 ? 
134 O6 ? B DG  4  ? B DG  4   ? 1_555 K ? J K . ? B K 502 ? 1_555 O6 ? B DG  10 ? B DG  10  ? 1_555 81.9  ? 
135 O6 ? B DG  9  ? B DG  9   ? 1_555 K ? J K . ? B K 502 ? 1_555 O6 ? B DG  10 ? B DG  10  ? 1_555 72.8  ? 
136 O6 ? B DG  3  ? B DG  3   ? 1_555 K ? J K . ? B K 502 ? 1_555 O6 ? B DG  15 ? B DG  15  ? 1_555 98.6  ? 
137 O6 ? B DG  4  ? B DG  4   ? 1_555 K ? J K . ? B K 502 ? 1_555 O6 ? B DG  15 ? B DG  15  ? 1_555 153.3 ? 
138 O6 ? B DG  9  ? B DG  9   ? 1_555 K ? J K . ? B K 502 ? 1_555 O6 ? B DG  15 ? B DG  15  ? 1_555 63.0  ? 
139 O6 ? B DG  10 ? B DG  10  ? 1_555 K ? J K . ? B K 502 ? 1_555 O6 ? B DG  15 ? B DG  15  ? 1_555 89.6  ? 
140 O6 ? B DG  3  ? B DG  3   ? 1_555 K ? J K . ? B K 502 ? 1_555 O6 ? B DG  16 ? B DG  16  ? 1_555 150.6 ? 
141 O6 ? B DG  4  ? B DG  4   ? 1_555 K ? J K . ? B K 502 ? 1_555 O6 ? B DG  16 ? B DG  16  ? 1_555 130.5 ? 
142 O6 ? B DG  9  ? B DG  9   ? 1_555 K ? J K . ? B K 502 ? 1_555 O6 ? B DG  16 ? B DG  16  ? 1_555 127.5 ? 
143 O6 ? B DG  10 ? B DG  10  ? 1_555 K ? J K . ? B K 502 ? 1_555 O6 ? B DG  16 ? B DG  16  ? 1_555 81.1  ? 
144 O6 ? B DG  15 ? B DG  15  ? 1_555 K ? J K . ? B K 502 ? 1_555 O6 ? B DG  16 ? B DG  16  ? 1_555 72.2  ? 
145 O6 ? B DG  3  ? B DG  3   ? 1_555 K ? J K . ? B K 502 ? 1_555 O6 ? B DG  21 ? B DG  21  ? 1_555 58.7  ? 
146 O6 ? B DG  4  ? B DG  4   ? 1_555 K ? J K . ? B K 502 ? 1_555 O6 ? B DG  21 ? B DG  21  ? 1_555 118.3 ? 
147 O6 ? B DG  9  ? B DG  9   ? 1_555 K ? J K . ? B K 502 ? 1_555 O6 ? B DG  21 ? B DG  21  ? 1_555 94.0  ? 
148 O6 ? B DG  10 ? B DG  10  ? 1_555 K ? J K . ? B K 502 ? 1_555 O6 ? B DG  21 ? B DG  21  ? 1_555 156.5 ? 
149 O6 ? B DG  15 ? B DG  15  ? 1_555 K ? J K . ? B K 502 ? 1_555 O6 ? B DG  21 ? B DG  21  ? 1_555 66.9  ? 
150 O6 ? B DG  16 ? B DG  16  ? 1_555 K ? J K . ? B K 502 ? 1_555 O6 ? B DG  21 ? B DG  21  ? 1_555 92.5  ? 
151 O6 ? B DG  3  ? B DG  3   ? 1_555 K ? J K . ? B K 502 ? 1_555 O6 ? B DG  22 ? B DG  22  ? 1_555 86.8  ? 
152 O6 ? B DG  4  ? B DG  4   ? 1_555 K ? J K . ? B K 502 ? 1_555 O6 ? B DG  22 ? B DG  22  ? 1_555 80.9  ? 
153 O6 ? B DG  9  ? B DG  9   ? 1_555 K ? J K . ? B K 502 ? 1_555 O6 ? B DG  22 ? B DG  22  ? 1_555 152.4 ? 
154 O6 ? B DG  10 ? B DG  10  ? 1_555 K ? J K . ? B K 502 ? 1_555 O6 ? B DG  22 ? B DG  22  ? 1_555 130.7 ? 
155 O6 ? B DG  15 ? B DG  15  ? 1_555 K ? J K . ? B K 502 ? 1_555 O6 ? B DG  22 ? B DG  22  ? 1_555 122.6 ? 
156 O6 ? B DG  16 ? B DG  16  ? 1_555 K ? J K . ? B K 502 ? 1_555 O6 ? B DG  22 ? B DG  22  ? 1_555 76.0  ? 
157 O6 ? B DG  21 ? B DG  21  ? 1_555 K ? J K . ? B K 502 ? 1_555 O6 ? B DG  22 ? B DG  22  ? 1_555 68.2  ? 
# 
loop_
_pdbx_audit_revision_history.ordinal 
_pdbx_audit_revision_history.data_content_type 
_pdbx_audit_revision_history.major_revision 
_pdbx_audit_revision_history.minor_revision 
_pdbx_audit_revision_history.revision_date 
1 'Structure model' 1 0 2020-11-04 
2 'Structure model' 1 1 2021-02-03 
3 'Structure model' 1 2 2023-10-18 
# 
_pdbx_audit_revision_details.ordinal             1 
_pdbx_audit_revision_details.revision_ordinal    1 
_pdbx_audit_revision_details.data_content_type   'Structure model' 
_pdbx_audit_revision_details.provider            repository 
_pdbx_audit_revision_details.type                'Initial release' 
_pdbx_audit_revision_details.description         ? 
_pdbx_audit_revision_details.details             ? 
# 
loop_
_pdbx_audit_revision_group.ordinal 
_pdbx_audit_revision_group.revision_ordinal 
_pdbx_audit_revision_group.data_content_type 
_pdbx_audit_revision_group.group 
1 2 'Structure model' 'Database references'    
2 3 'Structure model' 'Data collection'        
3 3 'Structure model' 'Database references'    
4 3 'Structure model' 'Refinement description' 
# 
loop_
_pdbx_audit_revision_category.ordinal 
_pdbx_audit_revision_category.revision_ordinal 
_pdbx_audit_revision_category.data_content_type 
_pdbx_audit_revision_category.category 
1 2 'Structure model' citation                      
2 2 'Structure model' citation_author               
3 3 'Structure model' chem_comp_atom                
4 3 'Structure model' chem_comp_bond                
5 3 'Structure model' database_2                    
6 3 'Structure model' pdbx_initial_refinement_model 
# 
loop_
_pdbx_audit_revision_item.ordinal 
_pdbx_audit_revision_item.revision_ordinal 
_pdbx_audit_revision_item.data_content_type 
_pdbx_audit_revision_item.item 
1 2 'Structure model' '_citation.journal_volume'            
2 2 'Structure model' '_citation.page_first'                
3 2 'Structure model' '_citation.page_last'                 
4 2 'Structure model' '_citation.year'                      
5 2 'Structure model' '_citation_author.identifier_ORCID'   
6 2 'Structure model' '_citation_author.name'               
7 3 'Structure model' '_database_2.pdbx_DOI'                
8 3 'Structure model' '_database_2.pdbx_database_accession' 
# 
loop_
_space_group_symop.id 
_space_group_symop.operation_xyz 
1 x,y,z     
2 -y,x-y,z  
3 -x+y,-x,z 
# 
loop_
_software.citation_id 
_software.classification 
_software.compiler_name 
_software.compiler_version 
_software.contact_author 
_software.contact_author_email 
_software.date 
_software.description 
_software.dependencies 
_software.hardware 
_software.language 
_software.location 
_software.mods 
_software.name 
_software.os 
_software.os_version 
_software.type 
_software.version 
_software.pdbx_ordinal 
? refinement        ? ? ? ? ? ? ? ? ? ? ? PHENIX ? ? ? 1.18.1_3865 1 
? 'data collection' ? ? ? ? ? ? ? ? ? ? ? MxDC   ? ? ? .           2 
? 'data reduction'  ? ? ? ? ? ? ? ? ? ? ? XDS    ? ? ? .           3 
? 'data scaling'    ? ? ? ? ? ? ? ? ? ? ? XSCALE ? ? ? .           4 
? phasing           ? ? ? ? ? ? ? ? ? ? ? PHASER ? ? ? .           5 
# 
_pdbx_entry_details.entry_id                 6XCL 
_pdbx_entry_details.has_ligand_of_interest   Y 
_pdbx_entry_details.compound_details         ? 
_pdbx_entry_details.source_details           ? 
_pdbx_entry_details.nonpolymer_details       ? 
_pdbx_entry_details.sequence_details         ? 
# 
loop_
_pdbx_validate_rmsd_angle.id 
_pdbx_validate_rmsd_angle.PDB_model_num 
_pdbx_validate_rmsd_angle.auth_atom_id_1 
_pdbx_validate_rmsd_angle.auth_asym_id_1 
_pdbx_validate_rmsd_angle.auth_comp_id_1 
_pdbx_validate_rmsd_angle.auth_seq_id_1 
_pdbx_validate_rmsd_angle.PDB_ins_code_1 
_pdbx_validate_rmsd_angle.label_alt_id_1 
_pdbx_validate_rmsd_angle.auth_atom_id_2 
_pdbx_validate_rmsd_angle.auth_asym_id_2 
_pdbx_validate_rmsd_angle.auth_comp_id_2 
_pdbx_validate_rmsd_angle.auth_seq_id_2 
_pdbx_validate_rmsd_angle.PDB_ins_code_2 
_pdbx_validate_rmsd_angle.label_alt_id_2 
_pdbx_validate_rmsd_angle.auth_atom_id_3 
_pdbx_validate_rmsd_angle.auth_asym_id_3 
_pdbx_validate_rmsd_angle.auth_comp_id_3 
_pdbx_validate_rmsd_angle.auth_seq_id_3 
_pdbx_validate_rmsd_angle.PDB_ins_code_3 
_pdbx_validate_rmsd_angle.label_alt_id_3 
_pdbx_validate_rmsd_angle.angle_value 
_pdbx_validate_rmsd_angle.angle_target_value 
_pdbx_validate_rmsd_angle.angle_deviation 
_pdbx_validate_rmsd_angle.angle_standard_deviation 
_pdbx_validate_rmsd_angle.linker_flag 
1 1 "O4'" A DA 1  ? ? "C1'" A DA 1  ? ? N9 A DA 1  ? ? 111.11 108.30 2.81 0.30 N 
2 1 "O4'" A DG 21 ? ? "C1'" A DG 21 ? ? N9 A DG 21 ? ? 110.23 108.30 1.93 0.30 N 
# 
loop_
_chem_comp_atom.comp_id 
_chem_comp_atom.atom_id 
_chem_comp_atom.type_symbol 
_chem_comp_atom.pdbx_aromatic_flag 
_chem_comp_atom.pdbx_stereo_config 
_chem_comp_atom.pdbx_ordinal 
DA  OP3    O  N N 1   
DA  P      P  N N 2   
DA  OP1    O  N N 3   
DA  OP2    O  N N 4   
DA  "O5'"  O  N N 5   
DA  "C5'"  C  N N 6   
DA  "C4'"  C  N R 7   
DA  "O4'"  O  N N 8   
DA  "C3'"  C  N S 9   
DA  "O3'"  O  N N 10  
DA  "C2'"  C  N N 11  
DA  "C1'"  C  N R 12  
DA  N9     N  Y N 13  
DA  C8     C  Y N 14  
DA  N7     N  Y N 15  
DA  C5     C  Y N 16  
DA  C6     C  Y N 17  
DA  N6     N  N N 18  
DA  N1     N  Y N 19  
DA  C2     C  Y N 20  
DA  N3     N  Y N 21  
DA  C4     C  Y N 22  
DA  HOP3   H  N N 23  
DA  HOP2   H  N N 24  
DA  "H5'"  H  N N 25  
DA  "H5''" H  N N 26  
DA  "H4'"  H  N N 27  
DA  "H3'"  H  N N 28  
DA  "HO3'" H  N N 29  
DA  "H2'"  H  N N 30  
DA  "H2''" H  N N 31  
DA  "H1'"  H  N N 32  
DA  H8     H  N N 33  
DA  H61    H  N N 34  
DA  H62    H  N N 35  
DA  H2     H  N N 36  
DG  OP3    O  N N 37  
DG  P      P  N N 38  
DG  OP1    O  N N 39  
DG  OP2    O  N N 40  
DG  "O5'"  O  N N 41  
DG  "C5'"  C  N N 42  
DG  "C4'"  C  N R 43  
DG  "O4'"  O  N N 44  
DG  "C3'"  C  N S 45  
DG  "O3'"  O  N N 46  
DG  "C2'"  C  N N 47  
DG  "C1'"  C  N R 48  
DG  N9     N  Y N 49  
DG  C8     C  Y N 50  
DG  N7     N  Y N 51  
DG  C5     C  Y N 52  
DG  C6     C  N N 53  
DG  O6     O  N N 54  
DG  N1     N  N N 55  
DG  C2     C  N N 56  
DG  N2     N  N N 57  
DG  N3     N  N N 58  
DG  C4     C  Y N 59  
DG  HOP3   H  N N 60  
DG  HOP2   H  N N 61  
DG  "H5'"  H  N N 62  
DG  "H5''" H  N N 63  
DG  "H4'"  H  N N 64  
DG  "H3'"  H  N N 65  
DG  "HO3'" H  N N 66  
DG  "H2'"  H  N N 67  
DG  "H2''" H  N N 68  
DG  "H1'"  H  N N 69  
DG  H8     H  N N 70  
DG  H1     H  N N 71  
DG  H21    H  N N 72  
DG  H22    H  N N 73  
DT  OP3    O  N N 74  
DT  P      P  N N 75  
DT  OP1    O  N N 76  
DT  OP2    O  N N 77  
DT  "O5'"  O  N N 78  
DT  "C5'"  C  N N 79  
DT  "C4'"  C  N R 80  
DT  "O4'"  O  N N 81  
DT  "C3'"  C  N S 82  
DT  "O3'"  O  N N 83  
DT  "C2'"  C  N N 84  
DT  "C1'"  C  N R 85  
DT  N1     N  N N 86  
DT  C2     C  N N 87  
DT  O2     O  N N 88  
DT  N3     N  N N 89  
DT  C4     C  N N 90  
DT  O4     O  N N 91  
DT  C5     C  N N 92  
DT  C7     C  N N 93  
DT  C6     C  N N 94  
DT  HOP3   H  N N 95  
DT  HOP2   H  N N 96  
DT  "H5'"  H  N N 97  
DT  "H5''" H  N N 98  
DT  "H4'"  H  N N 99  
DT  "H3'"  H  N N 100 
DT  "HO3'" H  N N 101 
DT  "H2'"  H  N N 102 
DT  "H2''" H  N N 103 
DT  "H1'"  H  N N 104 
DT  H3     H  N N 105 
DT  H71    H  N N 106 
DT  H72    H  N N 107 
DT  H73    H  N N 108 
DT  H6     H  N N 109 
EDO C1     C  N N 110 
EDO O1     O  N N 111 
EDO C2     C  N N 112 
EDO O2     O  N N 113 
EDO H11    H  N N 114 
EDO H12    H  N N 115 
EDO HO1    H  N N 116 
EDO H21    H  N N 117 
EDO H22    H  N N 118 
EDO HO2    H  N N 119 
HOH O      O  N N 120 
HOH H1     H  N N 121 
HOH H2     H  N N 122 
K   K      K  N N 123 
V4A C1     C  Y N 124 
V4A C2     C  Y N 125 
V4A C3     C  Y N 126 
V4A C4     C  Y N 127 
V4A C5     C  Y N 128 
V4A C6     C  Y N 129 
V4A C7     C  Y N 130 
V4A C8     C  Y N 131 
V4A C9     C  Y N 132 
V4A C10    C  Y N 133 
V4A C11    C  Y N 134 
V4A N1     N  Y N 135 
V4A N2     N  Y N 136 
V4A N3     N  Y N 137 
V4A N4     N  Y N 138 
V4A CAA    C  Y N 139 
V4A CAB    C  Y N 140 
V4A CAC    C  Y N 141 
V4A CAD    C  Y N 142 
V4A CAE    C  Y N 143 
V4A CAF    C  Y N 144 
V4A CAH    C  Y N 145 
V4A CAK    C  Y N 146 
V4A CAL    C  Y N 147 
V4A CAM    C  Y N 148 
V4A CAN    C  Y N 149 
V4A NAG    N  Y N 150 
V4A NAI    N  Y N 151 
V4A NAJ    N  Y N 152 
V4A NBD    N  Y N 153 
V4A H1     H  N N 154 
V4A H2     H  N N 155 
V4A H3     H  N N 156 
V4A H4     H  N N 157 
V4A H5     H  N N 158 
V4A H6     H  N N 159 
V4A H7     H  N N 160 
V4A H8     H  N N 161 
V4A H9     H  N N 162 
V4A H10    H  N N 163 
V4A H11    H  N N 164 
V4A H12    H  N N 165 
V4A H13    H  N N 166 
V4A H14    H  N N 167 
V4A H15    H  N N 168 
V4A H16    H  N N 169 
V4A PT     PT N N 170 
# 
loop_
_chem_comp_bond.comp_id 
_chem_comp_bond.atom_id_1 
_chem_comp_bond.atom_id_2 
_chem_comp_bond.value_order 
_chem_comp_bond.pdbx_aromatic_flag 
_chem_comp_bond.pdbx_stereo_config 
_chem_comp_bond.pdbx_ordinal 
DA  OP3   P      sing N N 1   
DA  OP3   HOP3   sing N N 2   
DA  P     OP1    doub N N 3   
DA  P     OP2    sing N N 4   
DA  P     "O5'"  sing N N 5   
DA  OP2   HOP2   sing N N 6   
DA  "O5'" "C5'"  sing N N 7   
DA  "C5'" "C4'"  sing N N 8   
DA  "C5'" "H5'"  sing N N 9   
DA  "C5'" "H5''" sing N N 10  
DA  "C4'" "O4'"  sing N N 11  
DA  "C4'" "C3'"  sing N N 12  
DA  "C4'" "H4'"  sing N N 13  
DA  "O4'" "C1'"  sing N N 14  
DA  "C3'" "O3'"  sing N N 15  
DA  "C3'" "C2'"  sing N N 16  
DA  "C3'" "H3'"  sing N N 17  
DA  "O3'" "HO3'" sing N N 18  
DA  "C2'" "C1'"  sing N N 19  
DA  "C2'" "H2'"  sing N N 20  
DA  "C2'" "H2''" sing N N 21  
DA  "C1'" N9     sing N N 22  
DA  "C1'" "H1'"  sing N N 23  
DA  N9    C8     sing Y N 24  
DA  N9    C4     sing Y N 25  
DA  C8    N7     doub Y N 26  
DA  C8    H8     sing N N 27  
DA  N7    C5     sing Y N 28  
DA  C5    C6     sing Y N 29  
DA  C5    C4     doub Y N 30  
DA  C6    N6     sing N N 31  
DA  C6    N1     doub Y N 32  
DA  N6    H61    sing N N 33  
DA  N6    H62    sing N N 34  
DA  N1    C2     sing Y N 35  
DA  C2    N3     doub Y N 36  
DA  C2    H2     sing N N 37  
DA  N3    C4     sing Y N 38  
DG  OP3   P      sing N N 39  
DG  OP3   HOP3   sing N N 40  
DG  P     OP1    doub N N 41  
DG  P     OP2    sing N N 42  
DG  P     "O5'"  sing N N 43  
DG  OP2   HOP2   sing N N 44  
DG  "O5'" "C5'"  sing N N 45  
DG  "C5'" "C4'"  sing N N 46  
DG  "C5'" "H5'"  sing N N 47  
DG  "C5'" "H5''" sing N N 48  
DG  "C4'" "O4'"  sing N N 49  
DG  "C4'" "C3'"  sing N N 50  
DG  "C4'" "H4'"  sing N N 51  
DG  "O4'" "C1'"  sing N N 52  
DG  "C3'" "O3'"  sing N N 53  
DG  "C3'" "C2'"  sing N N 54  
DG  "C3'" "H3'"  sing N N 55  
DG  "O3'" "HO3'" sing N N 56  
DG  "C2'" "C1'"  sing N N 57  
DG  "C2'" "H2'"  sing N N 58  
DG  "C2'" "H2''" sing N N 59  
DG  "C1'" N9     sing N N 60  
DG  "C1'" "H1'"  sing N N 61  
DG  N9    C8     sing Y N 62  
DG  N9    C4     sing Y N 63  
DG  C8    N7     doub Y N 64  
DG  C8    H8     sing N N 65  
DG  N7    C5     sing Y N 66  
DG  C5    C6     sing N N 67  
DG  C5    C4     doub Y N 68  
DG  C6    O6     doub N N 69  
DG  C6    N1     sing N N 70  
DG  N1    C2     sing N N 71  
DG  N1    H1     sing N N 72  
DG  C2    N2     sing N N 73  
DG  C2    N3     doub N N 74  
DG  N2    H21    sing N N 75  
DG  N2    H22    sing N N 76  
DG  N3    C4     sing N N 77  
DT  OP3   P      sing N N 78  
DT  OP3   HOP3   sing N N 79  
DT  P     OP1    doub N N 80  
DT  P     OP2    sing N N 81  
DT  P     "O5'"  sing N N 82  
DT  OP2   HOP2   sing N N 83  
DT  "O5'" "C5'"  sing N N 84  
DT  "C5'" "C4'"  sing N N 85  
DT  "C5'" "H5'"  sing N N 86  
DT  "C5'" "H5''" sing N N 87  
DT  "C4'" "O4'"  sing N N 88  
DT  "C4'" "C3'"  sing N N 89  
DT  "C4'" "H4'"  sing N N 90  
DT  "O4'" "C1'"  sing N N 91  
DT  "C3'" "O3'"  sing N N 92  
DT  "C3'" "C2'"  sing N N 93  
DT  "C3'" "H3'"  sing N N 94  
DT  "O3'" "HO3'" sing N N 95  
DT  "C2'" "C1'"  sing N N 96  
DT  "C2'" "H2'"  sing N N 97  
DT  "C2'" "H2''" sing N N 98  
DT  "C1'" N1     sing N N 99  
DT  "C1'" "H1'"  sing N N 100 
DT  N1    C2     sing N N 101 
DT  N1    C6     sing N N 102 
DT  C2    O2     doub N N 103 
DT  C2    N3     sing N N 104 
DT  N3    C4     sing N N 105 
DT  N3    H3     sing N N 106 
DT  C4    O4     doub N N 107 
DT  C4    C5     sing N N 108 
DT  C5    C7     sing N N 109 
DT  C5    C6     doub N N 110 
DT  C7    H71    sing N N 111 
DT  C7    H72    sing N N 112 
DT  C7    H73    sing N N 113 
DT  C6    H6     sing N N 114 
EDO C1    O1     sing N N 115 
EDO C1    C2     sing N N 116 
EDO C1    H11    sing N N 117 
EDO C1    H12    sing N N 118 
EDO O1    HO1    sing N N 119 
EDO C2    O2     sing N N 120 
EDO C2    H21    sing N N 121 
EDO C2    H22    sing N N 122 
EDO O2    HO2    sing N N 123 
HOH O     H1     sing N N 124 
HOH O     H2     sing N N 125 
V4A C1    C2     doub Y N 126 
V4A C1    N4     sing Y N 127 
V4A C2    C3     sing Y N 128 
V4A C3    C4     doub Y N 129 
V4A C4    C5     sing Y N 130 
V4A C5    C6     sing N N 131 
V4A C5    N4     doub Y N 132 
V4A C6    N1     sing Y N 133 
V4A C6    N3     doub Y N 134 
V4A C7    C11    sing Y N 135 
V4A C7    N1     sing Y N 136 
V4A C7    N2     doub Y N 137 
V4A C8    C9     doub Y N 138 
V4A C8    N1     sing Y N 139 
V4A C9    C10    sing Y N 140 
V4A C10   C11    doub Y N 141 
V4A N2    N3     sing Y N 142 
V4A N3    PT     sing N N 143 
V4A CAA   CAB    doub Y N 144 
V4A CAA   NBD    sing Y N 145 
V4A PT    NAJ    sing N N 146 
V4A PT    NBD    sing N N 147 
V4A CAB   CAC    sing Y N 148 
V4A CAC   CAD    doub Y N 149 
V4A CAD   CAE    sing Y N 150 
V4A CAE   CAF    sing N N 151 
V4A CAE   NBD    doub Y N 152 
V4A CAF   NAG    sing Y N 153 
V4A CAF   NAJ    doub Y N 154 
V4A CAH   CAN    sing Y N 155 
V4A CAH   NAG    sing Y N 156 
V4A CAH   NAI    doub Y N 157 
V4A CAK   CAL    doub Y N 158 
V4A CAK   NAG    sing Y N 159 
V4A CAL   CAM    sing Y N 160 
V4A CAM   CAN    doub Y N 161 
V4A NAI   NAJ    sing Y N 162 
V4A C1    H1     sing N N 163 
V4A C2    H2     sing N N 164 
V4A C3    H3     sing N N 165 
V4A C4    H4     sing N N 166 
V4A C8    H5     sing N N 167 
V4A C9    H6     sing N N 168 
V4A C10   H7     sing N N 169 
V4A C11   H8     sing N N 170 
V4A CAA   H9     sing N N 171 
V4A CAB   H10    sing N N 172 
V4A CAC   H11    sing N N 173 
V4A CAD   H12    sing N N 174 
V4A CAK   H13    sing N N 175 
V4A CAL   H14    sing N N 176 
V4A CAM   H15    sing N N 177 
V4A CAN   H16    sing N N 178 
V4A N4    PT     sing N N 179 
# 
loop_
_ndb_struct_conf_na.entry_id 
_ndb_struct_conf_na.feature 
6XCL 'double helix'    
6XCL 'quadruple helix' 
# 
loop_
_ndb_struct_na_base_pair.model_number 
_ndb_struct_na_base_pair.i_label_asym_id 
_ndb_struct_na_base_pair.i_label_comp_id 
_ndb_struct_na_base_pair.i_label_seq_id 
_ndb_struct_na_base_pair.i_symmetry 
_ndb_struct_na_base_pair.j_label_asym_id 
_ndb_struct_na_base_pair.j_label_comp_id 
_ndb_struct_na_base_pair.j_label_seq_id 
_ndb_struct_na_base_pair.j_symmetry 
_ndb_struct_na_base_pair.shear 
_ndb_struct_na_base_pair.stretch 
_ndb_struct_na_base_pair.stagger 
_ndb_struct_na_base_pair.buckle 
_ndb_struct_na_base_pair.propeller 
_ndb_struct_na_base_pair.opening 
_ndb_struct_na_base_pair.pair_number 
_ndb_struct_na_base_pair.pair_name 
_ndb_struct_na_base_pair.i_auth_asym_id 
_ndb_struct_na_base_pair.i_auth_seq_id 
_ndb_struct_na_base_pair.i_PDB_ins_code 
_ndb_struct_na_base_pair.j_auth_asym_id 
_ndb_struct_na_base_pair.j_auth_seq_id 
_ndb_struct_na_base_pair.j_PDB_ins_code 
_ndb_struct_na_base_pair.hbond_type_28 
_ndb_struct_na_base_pair.hbond_type_12 
1 A DA 1  1_555 B DT 12 1_555 -3.169 -0.688 -0.048 -18.757 -29.581 3.941   1 A_DA1:DT12_B  A 1  ? B 12 ? ? 1 
1 A DT 12 1_555 B DA 1  1_555 1.244  1.166  -0.335 -0.639  -32.885 -96.360 2 A_DT12:DA1_B  A 12 ? B 1  ? ? 1 
1 A DG 16 1_555 A DG 22 1_555 1.756  3.212  0.065  3.517   -6.881  -91.729 3 A_DG16:DG22_A A 16 ? A 22 ? 6 3 
1 A DG 3  1_555 A DG 21 1_555 -1.138 -3.477 0.162  -1.516  0.416   92.431  4 A_DG3:DG21_A  A 3  ? A 21 ? 6 3 
1 A DG 8  1_555 A DG 2  1_555 -1.566 -3.052 -0.104 0.354   4.276   93.330  5 A_DG8:DG2_A   A 8  ? A 2  ? 6 3 
1 B DG 8  1_555 B DG 14 1_555 2.131  3.042  -0.150 1.929   -4.318  -87.706 6 B_DG8:DG14_B  B 8  ? B 14 ? 6 3 
# 
loop_
_ndb_struct_na_base_pair_step.model_number 
_ndb_struct_na_base_pair_step.i_label_asym_id_1 
_ndb_struct_na_base_pair_step.i_label_comp_id_1 
_ndb_struct_na_base_pair_step.i_label_seq_id_1 
_ndb_struct_na_base_pair_step.i_symmetry_1 
_ndb_struct_na_base_pair_step.j_label_asym_id_1 
_ndb_struct_na_base_pair_step.j_label_comp_id_1 
_ndb_struct_na_base_pair_step.j_label_seq_id_1 
_ndb_struct_na_base_pair_step.j_symmetry_1 
_ndb_struct_na_base_pair_step.i_label_asym_id_2 
_ndb_struct_na_base_pair_step.i_label_comp_id_2 
_ndb_struct_na_base_pair_step.i_label_seq_id_2 
_ndb_struct_na_base_pair_step.i_symmetry_2 
_ndb_struct_na_base_pair_step.j_label_asym_id_2 
_ndb_struct_na_base_pair_step.j_label_comp_id_2 
_ndb_struct_na_base_pair_step.j_label_seq_id_2 
_ndb_struct_na_base_pair_step.j_symmetry_2 
_ndb_struct_na_base_pair_step.shift 
_ndb_struct_na_base_pair_step.slide 
_ndb_struct_na_base_pair_step.rise 
_ndb_struct_na_base_pair_step.tilt 
_ndb_struct_na_base_pair_step.roll 
_ndb_struct_na_base_pair_step.twist 
_ndb_struct_na_base_pair_step.x_displacement 
_ndb_struct_na_base_pair_step.y_displacement 
_ndb_struct_na_base_pair_step.helical_rise 
_ndb_struct_na_base_pair_step.inclination 
_ndb_struct_na_base_pair_step.tip 
_ndb_struct_na_base_pair_step.helical_twist 
_ndb_struct_na_base_pair_step.step_number 
_ndb_struct_na_base_pair_step.step_name 
_ndb_struct_na_base_pair_step.i_auth_asym_id_1 
_ndb_struct_na_base_pair_step.i_auth_seq_id_1 
_ndb_struct_na_base_pair_step.i_PDB_ins_code_1 
_ndb_struct_na_base_pair_step.j_auth_asym_id_1 
_ndb_struct_na_base_pair_step.j_auth_seq_id_1 
_ndb_struct_na_base_pair_step.j_PDB_ins_code_1 
_ndb_struct_na_base_pair_step.i_auth_asym_id_2 
_ndb_struct_na_base_pair_step.i_auth_seq_id_2 
_ndb_struct_na_base_pair_step.i_PDB_ins_code_2 
_ndb_struct_na_base_pair_step.j_auth_asym_id_2 
_ndb_struct_na_base_pair_step.j_auth_seq_id_2 
_ndb_struct_na_base_pair_step.j_PDB_ins_code_2 
1 A DG 16 1_555 A DG 22 1_555 A DG 3 1_555 A DG 21 1_555 -1.158 -2.126 -3.061 -3.935  -2.997   58.016  -2.329 1.379 -2.881 -3.084  
4.049 58.208  1 AA_DG16DG3:DG21DG22_AA A 16 ? A 22 ? A 3 ? A 21 ? 
1 A DG 3  1_555 A DG 21 1_555 A DG 8 1_555 A DG 2  1_555 -0.727 -1.529 -3.369 -0.284  3.755    64.684  -1.263 0.691 -3.441 3.507   
0.265 64.782  2 AA_DG3DG8:DG2DG21_AA   A 3  ? A 21 ? A 8 ? A 2  ? 
1 A DG 8  1_555 A DG 2  1_555 B DG 8 1_555 B DG 14 1_555 -6.402 -2.380 -0.166 -15.117 -175.041 155.721 -1.175 3.200 0.451  -87.568 
7.563 179.094 3 AB_DG8DG8:DG14DG2_BA   A 8  ? A 2  ? B 8 ? B 14 ? 
# 
_pdbx_audit_support.funding_organization   'Natural Sciences and Engineering Research Council (NSERC, Canada)' 
_pdbx_audit_support.country                Canada 
_pdbx_audit_support.grant_number           315311-2013 
_pdbx_audit_support.ordinal                1 
# 
_pdbx_entity_instance_feature.ordinal        1 
_pdbx_entity_instance_feature.comp_id        V4A 
_pdbx_entity_instance_feature.asym_id        ? 
_pdbx_entity_instance_feature.seq_num        ? 
_pdbx_entity_instance_feature.auth_comp_id   V4A 
_pdbx_entity_instance_feature.auth_asym_id   ? 
_pdbx_entity_instance_feature.auth_seq_num   ? 
_pdbx_entity_instance_feature.feature_type   'SUBJECT OF INVESTIGATION' 
_pdbx_entity_instance_feature.details        ? 
# 
loop_
_pdbx_entity_nonpoly.entity_id 
_pdbx_entity_nonpoly.name 
_pdbx_entity_nonpoly.comp_id 
2 'Platinum(II) bis[3-(pyridin-2-yl)-[1,2,4]triazolo[4,3-a]pyridine]' V4A 
3 1,2-ETHANEDIOL                                                      EDO 
4 'POTASSIUM ION'                                                     K   
5 water                                                               HOH 
# 
_pdbx_initial_refinement_model.id               1 
_pdbx_initial_refinement_model.entity_id_list   ? 
_pdbx_initial_refinement_model.type             'experimental model' 
_pdbx_initial_refinement_model.source_name      PDB 
_pdbx_initial_refinement_model.accession_code   3T5E 
_pdbx_initial_refinement_model.details          ? 
# 
_pdbx_struct_assembly_auth_evidence.id                     1 
_pdbx_struct_assembly_auth_evidence.assembly_id            1 
_pdbx_struct_assembly_auth_evidence.experimental_support   none 
_pdbx_struct_assembly_auth_evidence.details                ? 
# 
_space_group.name_H-M_alt     'P 3' 
_space_group.name_Hall        'P 3' 
_space_group.IT_number        143 
_space_group.crystal_system   trigonal 
_space_group.id               1 
# 
